data_4KGS
# 
_entry.id   4KGS 
# 
_audit_conform.dict_name       mmcif_pdbx.dic 
_audit_conform.dict_version    5.395 
_audit_conform.dict_location   http://mmcif.pdb.org/dictionaries/ascii/mmcif_pdbx.dic 
# 
loop_
_database_2.database_id 
_database_2.database_code 
_database_2.pdbx_database_accession 
_database_2.pdbx_DOI 
PDB   4KGS         pdb_00004kgs 10.2210/pdb4kgs/pdb 
RCSB  RCSB079319   ?            ?                   
WWPDB D_1000079319 ?            ?                   
# 
loop_
_pdbx_audit_revision_history.ordinal 
_pdbx_audit_revision_history.data_content_type 
_pdbx_audit_revision_history.major_revision 
_pdbx_audit_revision_history.minor_revision 
_pdbx_audit_revision_history.revision_date 
1 'Structure model' 1 0 2013-09-04 
2 'Structure model' 1 1 2013-09-11 
3 'Structure model' 1 2 2023-09-20 
4 'Structure model' 2 0 2023-11-15 
5 'Structure model' 2 1 2024-07-10 
# 
_pdbx_audit_revision_details.ordinal             1 
_pdbx_audit_revision_details.revision_ordinal    1 
_pdbx_audit_revision_details.data_content_type   'Structure model' 
_pdbx_audit_revision_details.provider            repository 
_pdbx_audit_revision_details.type                'Initial release' 
_pdbx_audit_revision_details.description         ? 
_pdbx_audit_revision_details.details             ? 
# 
loop_
_pdbx_audit_revision_group.ordinal 
_pdbx_audit_revision_group.revision_ordinal 
_pdbx_audit_revision_group.data_content_type 
_pdbx_audit_revision_group.group 
1 2 'Structure model' 'Database references'    
2 3 'Structure model' 'Data collection'        
3 3 'Structure model' 'Database references'    
4 3 'Structure model' 'Derived calculations'   
5 3 'Structure model' 'Refinement description' 
6 4 'Structure model' 'Atomic model'           
7 4 'Structure model' 'Data collection'        
8 4 'Structure model' 'Derived calculations'   
9 5 'Structure model' 'Data collection'        
# 
loop_
_pdbx_audit_revision_category.ordinal 
_pdbx_audit_revision_category.revision_ordinal 
_pdbx_audit_revision_category.data_content_type 
_pdbx_audit_revision_category.category 
1  3 'Structure model' chem_comp_atom                 
2  3 'Structure model' chem_comp_bond                 
3  3 'Structure model' database_2                     
4  3 'Structure model' pdbx_initial_refinement_model  
5  3 'Structure model' struct_conn                    
6  3 'Structure model' struct_site                    
7  4 'Structure model' atom_site                      
8  4 'Structure model' chem_comp_atom                 
9  4 'Structure model' chem_comp_bond                 
10 4 'Structure model' pdbx_validate_main_chain_plane 
11 4 'Structure model' pdbx_validate_peptide_omega    
12 4 'Structure model' pdbx_validate_rmsd_angle       
13 4 'Structure model' struct_conn                    
14 5 'Structure model' chem_comp                      
# 
loop_
_pdbx_audit_revision_item.ordinal 
_pdbx_audit_revision_item.revision_ordinal 
_pdbx_audit_revision_item.data_content_type 
_pdbx_audit_revision_item.item 
1  3 'Structure model' '_database_2.pdbx_DOI'                               
2  3 'Structure model' '_database_2.pdbx_database_accession'                
3  3 'Structure model' '_struct_conn.pdbx_dist_value'                       
4  3 'Structure model' '_struct_conn.pdbx_leaving_atom_flag'                
5  3 'Structure model' '_struct_conn.ptnr1_auth_asym_id'                    
6  3 'Structure model' '_struct_conn.ptnr1_auth_comp_id'                    
7  3 'Structure model' '_struct_conn.ptnr1_auth_seq_id'                     
8  3 'Structure model' '_struct_conn.ptnr1_label_asym_id'                   
9  3 'Structure model' '_struct_conn.ptnr1_label_atom_id'                   
10 3 'Structure model' '_struct_conn.ptnr1_label_comp_id'                   
11 3 'Structure model' '_struct_conn.ptnr1_label_seq_id'                    
12 3 'Structure model' '_struct_conn.ptnr2_auth_asym_id'                    
13 3 'Structure model' '_struct_conn.ptnr2_auth_comp_id'                    
14 3 'Structure model' '_struct_conn.ptnr2_auth_seq_id'                     
15 3 'Structure model' '_struct_conn.ptnr2_label_asym_id'                   
16 3 'Structure model' '_struct_conn.ptnr2_label_atom_id'                   
17 3 'Structure model' '_struct_conn.ptnr2_label_comp_id'                   
18 3 'Structure model' '_struct_conn.ptnr2_label_seq_id'                    
19 3 'Structure model' '_struct_site.pdbx_auth_asym_id'                     
20 3 'Structure model' '_struct_site.pdbx_auth_comp_id'                     
21 3 'Structure model' '_struct_site.pdbx_auth_seq_id'                      
22 4 'Structure model' '_atom_site.auth_atom_id'                            
23 4 'Structure model' '_atom_site.label_atom_id'                           
24 4 'Structure model' '_chem_comp_atom.atom_id'                            
25 4 'Structure model' '_chem_comp_bond.atom_id_1'                          
26 4 'Structure model' '_chem_comp_bond.atom_id_2'                          
27 4 'Structure model' '_pdbx_validate_peptide_omega.auth_comp_id_1'        
28 4 'Structure model' '_pdbx_validate_peptide_omega.auth_comp_id_2'        
29 4 'Structure model' '_pdbx_validate_peptide_omega.auth_seq_id_1'         
30 4 'Structure model' '_pdbx_validate_peptide_omega.auth_seq_id_2'         
31 4 'Structure model' '_pdbx_validate_peptide_omega.omega'                 
32 4 'Structure model' '_pdbx_validate_rmsd_angle.angle_deviation'          
33 4 'Structure model' '_pdbx_validate_rmsd_angle.angle_standard_deviation' 
34 4 'Structure model' '_pdbx_validate_rmsd_angle.angle_target_value'       
35 4 'Structure model' '_pdbx_validate_rmsd_angle.angle_value'              
36 4 'Structure model' '_pdbx_validate_rmsd_angle.auth_atom_id_1'           
37 4 'Structure model' '_pdbx_validate_rmsd_angle.auth_atom_id_2'           
38 4 'Structure model' '_pdbx_validate_rmsd_angle.auth_atom_id_3'           
39 4 'Structure model' '_pdbx_validate_rmsd_angle.auth_comp_id_1'           
40 4 'Structure model' '_pdbx_validate_rmsd_angle.auth_comp_id_3'           
41 4 'Structure model' '_pdbx_validate_rmsd_angle.auth_seq_id_1'            
42 4 'Structure model' '_pdbx_validate_rmsd_angle.auth_seq_id_3'            
43 4 'Structure model' '_struct_conn.pdbx_leaving_atom_flag'                
44 5 'Structure model' '_chem_comp.type'                                    
# 
_pdbx_database_status.status_code                     REL 
_pdbx_database_status.entry_id                        4KGS 
_pdbx_database_status.recvd_initial_deposition_date   2013-04-29 
_pdbx_database_status.deposit_site                    RCSB 
_pdbx_database_status.process_site                    RCSB 
_pdbx_database_status.status_code_sf                  REL 
_pdbx_database_status.status_code_mr                  ? 
_pdbx_database_status.SG_entry                        ? 
_pdbx_database_status.status_code_cs                  ? 
_pdbx_database_status.methods_development_category    ? 
_pdbx_database_status.pdb_format_compatible           Y 
_pdbx_database_status.status_code_nmr_data            ? 
# 
loop_
_pdbx_database_related.db_name 
_pdbx_database_related.db_id 
_pdbx_database_related.details 
_pdbx_database_related.content_type 
PDB 4KGR . unspecified 
PDB 4KGT . unspecified 
# 
loop_
_audit_author.name 
_audit_author.pdbx_ordinal 
'Reinert, Z.E.' 1 
'Lengyel, G.A.' 2 
'Horne, W.S.'   3 
# 
_citation.id                        primary 
_citation.title                     'Protein-like Tertiary Folding Behavior from Heterogeneous Backbones.' 
_citation.journal_abbrev            J.Am.Chem.Soc. 
_citation.journal_volume            135 
_citation.page_first                12528 
_citation.page_last                 12531 
_citation.year                      2013 
_citation.journal_id_ASTM           JACSAT 
_citation.country                   US 
_citation.journal_id_ISSN           0002-7863 
_citation.journal_id_CSD            0004 
_citation.book_publisher            ? 
_citation.pdbx_database_id_PubMed   23937097 
_citation.pdbx_database_id_DOI      10.1021/ja405422v 
# 
loop_
_citation_author.citation_id 
_citation_author.name 
_citation_author.ordinal 
_citation_author.identifier_ORCID 
primary 'Reinert, Z.E.' 1 ? 
primary 'Lengyel, G.A.' 2 ? 
primary 'Horne, W.S.'   3 ? 
# 
loop_
_entity.id 
_entity.type 
_entity.src_method 
_entity.pdbx_description 
_entity.formula_weight 
_entity.pdbx_number_of_molecules 
_entity.pdbx_ec 
_entity.pdbx_mutation 
_entity.pdbx_fragment 
_entity.details 
1 polymer     syn 'Streptococcal Protein GB1 Backbone Modified Variant: beta-3-Val21, beta-3-Asp40' 6211.737 2   ? ? ? ? 
2 non-polymer syn GLYCEROL                                                                          92.094   2   ? ? ? ? 
3 water       nat water                                                                             18.015   115 ? ? ? ? 
# 
_entity_poly.entity_id                      1 
_entity_poly.type                           'polypeptide(L)' 
_entity_poly.nstd_linkage                   no 
_entity_poly.nstd_monomer                   yes 
_entity_poly.pdbx_seq_one_letter_code       'DTYKLILNGKTLKGETTTEA(1VR)DAATAEKVFKQYANDNGV(B3D)GEWTYDDATKTFTVTE(NH2)' 
_entity_poly.pdbx_seq_one_letter_code_can   DTYKLILNGKTLKGETTTEAXDAATAEKVFKQYANDNGVDGEWTYDDATKTFTVTEX 
_entity_poly.pdbx_strand_id                 A,B 
_entity_poly.pdbx_target_identifier         ? 
# 
loop_
_pdbx_entity_nonpoly.entity_id 
_pdbx_entity_nonpoly.name 
_pdbx_entity_nonpoly.comp_id 
2 GLYCEROL GOL 
3 water    HOH 
# 
loop_
_entity_poly_seq.entity_id 
_entity_poly_seq.num 
_entity_poly_seq.mon_id 
_entity_poly_seq.hetero 
1 1  ASP n 
1 2  THR n 
1 3  TYR n 
1 4  LYS n 
1 5  LEU n 
1 6  ILE n 
1 7  LEU n 
1 8  ASN n 
1 9  GLY n 
1 10 LYS n 
1 11 THR n 
1 12 LEU n 
1 13 LYS n 
1 14 GLY n 
1 15 GLU n 
1 16 THR n 
1 17 THR n 
1 18 THR n 
1 19 GLU n 
1 20 ALA n 
1 21 1VR n 
1 22 ASP n 
1 23 ALA n 
1 24 ALA n 
1 25 THR n 
1 26 ALA n 
1 27 GLU n 
1 28 LYS n 
1 29 VAL n 
1 30 PHE n 
1 31 LYS n 
1 32 GLN n 
1 33 TYR n 
1 34 ALA n 
1 35 ASN n 
1 36 ASP n 
1 37 ASN n 
1 38 GLY n 
1 39 VAL n 
1 40 B3D n 
1 41 GLY n 
1 42 GLU n 
1 43 TRP n 
1 44 THR n 
1 45 TYR n 
1 46 ASP n 
1 47 ASP n 
1 48 ALA n 
1 49 THR n 
1 50 LYS n 
1 51 THR n 
1 52 PHE n 
1 53 THR n 
1 54 VAL n 
1 55 THR n 
1 56 GLU n 
1 57 NH2 n 
# 
_pdbx_entity_src_syn.entity_id              1 
_pdbx_entity_src_syn.pdbx_src_id            1 
_pdbx_entity_src_syn.pdbx_alt_source_flag   sample 
_pdbx_entity_src_syn.pdbx_beg_seq_num       ? 
_pdbx_entity_src_syn.pdbx_end_seq_num       ? 
_pdbx_entity_src_syn.organism_scientific    ? 
_pdbx_entity_src_syn.organism_common_name   ? 
_pdbx_entity_src_syn.ncbi_taxonomy_id       ? 
_pdbx_entity_src_syn.details                'chemically synthesized protein' 
# 
loop_
_chem_comp.id 
_chem_comp.type 
_chem_comp.mon_nstd_flag 
_chem_comp.name 
_chem_comp.pdbx_synonyms 
_chem_comp.formula 
_chem_comp.formula_weight 
1VR 'L-peptide linking' . '(3R)-3-amino-4-methylpentanoic acid' beta-3-homovaline               'C6 H13 N O2'    131.173 
ALA 'L-peptide linking' y ALANINE                               ?                               'C3 H7 N O2'     89.093  
ASN 'L-peptide linking' y ASPARAGINE                            ?                               'C4 H8 N2 O3'    132.118 
ASP 'L-peptide linking' y 'ASPARTIC ACID'                       ?                               'C4 H7 N O4'     133.103 
B3D 'L-peptide linking' n '3-AMINOPENTANEDIOIC ACID'            BETA-HOMOASPARTATE              'C5 H9 N O4'     147.129 
GLN 'L-peptide linking' y GLUTAMINE                             ?                               'C5 H10 N2 O3'   146.144 
GLU 'L-peptide linking' y 'GLUTAMIC ACID'                       ?                               'C5 H9 N O4'     147.129 
GLY 'peptide linking'   y GLYCINE                               ?                               'C2 H5 N O2'     75.067  
GOL non-polymer         . GLYCEROL                              'GLYCERIN; PROPANE-1,2,3-TRIOL' 'C3 H8 O3'       92.094  
HOH non-polymer         . WATER                                 ?                               'H2 O'           18.015  
ILE 'L-peptide linking' y ISOLEUCINE                            ?                               'C6 H13 N O2'    131.173 
LEU 'L-peptide linking' y LEUCINE                               ?                               'C6 H13 N O2'    131.173 
LYS 'L-peptide linking' y LYSINE                                ?                               'C6 H15 N2 O2 1' 147.195 
NH2 non-polymer         . 'AMINO GROUP'                         ?                               'H2 N'           16.023  
PHE 'L-peptide linking' y PHENYLALANINE                         ?                               'C9 H11 N O2'    165.189 
THR 'L-peptide linking' y THREONINE                             ?                               'C4 H9 N O3'     119.119 
TRP 'L-peptide linking' y TRYPTOPHAN                            ?                               'C11 H12 N2 O2'  204.225 
TYR 'L-peptide linking' y TYROSINE                              ?                               'C9 H11 N O3'    181.189 
VAL 'L-peptide linking' y VALINE                                ?                               'C5 H11 N O2'    117.146 
# 
loop_
_pdbx_poly_seq_scheme.asym_id 
_pdbx_poly_seq_scheme.entity_id 
_pdbx_poly_seq_scheme.seq_id 
_pdbx_poly_seq_scheme.mon_id 
_pdbx_poly_seq_scheme.ndb_seq_num 
_pdbx_poly_seq_scheme.pdb_seq_num 
_pdbx_poly_seq_scheme.auth_seq_num 
_pdbx_poly_seq_scheme.pdb_mon_id 
_pdbx_poly_seq_scheme.auth_mon_id 
_pdbx_poly_seq_scheme.pdb_strand_id 
_pdbx_poly_seq_scheme.pdb_ins_code 
_pdbx_poly_seq_scheme.hetero 
A 1 1  ASP 1  1  1  ASP ASP A . n 
A 1 2  THR 2  2  2  THR THR A . n 
A 1 3  TYR 3  3  3  TYR TYR A . n 
A 1 4  LYS 4  4  4  LYS LYS A . n 
A 1 5  LEU 5  5  5  LEU LEU A . n 
A 1 6  ILE 6  6  6  ILE ILE A . n 
A 1 7  LEU 7  7  7  LEU LEU A . n 
A 1 8  ASN 8  8  8  ASN ASN A . n 
A 1 9  GLY 9  9  9  GLY GLY A . n 
A 1 10 LYS 10 10 10 LYS LYS A . n 
A 1 11 THR 11 11 11 THR THR A . n 
A 1 12 LEU 12 12 12 LEU LEU A . n 
A 1 13 LYS 13 13 13 LYS LYS A . n 
A 1 14 GLY 14 14 14 GLY GLY A . n 
A 1 15 GLU 15 15 15 GLU GLU A . n 
A 1 16 THR 16 16 16 THR THR A . n 
A 1 17 THR 17 17 17 THR THR A . n 
A 1 18 THR 18 18 18 THR THR A . n 
A 1 19 GLU 19 19 19 GLU GLU A . n 
A 1 20 ALA 20 20 20 ALA ALA A . n 
A 1 21 1VR 21 21 21 1VR 1VR A . n 
A 1 22 ASP 22 22 22 ASP ASP A . n 
A 1 23 ALA 23 23 23 ALA ALA A . n 
A 1 24 ALA 24 24 24 ALA ALA A . n 
A 1 25 THR 25 25 25 THR THR A . n 
A 1 26 ALA 26 26 26 ALA ALA A . n 
A 1 27 GLU 27 27 27 GLU GLU A . n 
A 1 28 LYS 28 28 28 LYS LYS A . n 
A 1 29 VAL 29 29 29 VAL VAL A . n 
A 1 30 PHE 30 30 30 PHE PHE A . n 
A 1 31 LYS 31 31 31 LYS LYS A . n 
A 1 32 GLN 32 32 32 GLN GLN A . n 
A 1 33 TYR 33 33 33 TYR TYR A . n 
A 1 34 ALA 34 34 34 ALA ALA A . n 
A 1 35 ASN 35 35 35 ASN ASN A . n 
A 1 36 ASP 36 36 36 ASP ASP A . n 
A 1 37 ASN 37 37 37 ASN ASN A . n 
A 1 38 GLY 38 38 38 GLY GLY A . n 
A 1 39 VAL 39 39 39 VAL VAL A . n 
A 1 40 B3D 40 40 40 B3D B3D A . n 
A 1 41 GLY 41 41 41 GLY GLY A . n 
A 1 42 GLU 42 42 42 GLU GLU A . n 
A 1 43 TRP 43 43 43 TRP TRP A . n 
A 1 44 THR 44 44 44 THR THR A . n 
A 1 45 TYR 45 45 45 TYR TYR A . n 
A 1 46 ASP 46 46 46 ASP ASP A . n 
A 1 47 ASP 47 47 47 ASP ASP A . n 
A 1 48 ALA 48 48 48 ALA ALA A . n 
A 1 49 THR 49 49 49 THR THR A . n 
A 1 50 LYS 50 50 50 LYS LYS A . n 
A 1 51 THR 51 51 51 THR THR A . n 
A 1 52 PHE 52 52 52 PHE PHE A . n 
A 1 53 THR 53 53 53 THR THR A . n 
A 1 54 VAL 54 54 54 VAL VAL A . n 
A 1 55 THR 55 55 55 THR THR A . n 
A 1 56 GLU 56 56 56 GLU GLU A . n 
A 1 57 NH2 57 57 57 NH2 NH2 A . n 
B 1 1  ASP 1  1  1  ASP ASP B . n 
B 1 2  THR 2  2  2  THR THR B . n 
B 1 3  TYR 3  3  3  TYR TYR B . n 
B 1 4  LYS 4  4  4  LYS LYS B . n 
B 1 5  LEU 5  5  5  LEU LEU B . n 
B 1 6  ILE 6  6  6  ILE ILE B . n 
B 1 7  LEU 7  7  7  LEU LEU B . n 
B 1 8  ASN 8  8  8  ASN ASN B . n 
B 1 9  GLY 9  9  9  GLY GLY B . n 
B 1 10 LYS 10 10 10 LYS LYS B . n 
B 1 11 THR 11 11 11 THR THR B . n 
B 1 12 LEU 12 12 12 LEU LEU B . n 
B 1 13 LYS 13 13 13 LYS LYS B . n 
B 1 14 GLY 14 14 14 GLY GLY B . n 
B 1 15 GLU 15 15 15 GLU GLU B . n 
B 1 16 THR 16 16 16 THR THR B . n 
B 1 17 THR 17 17 17 THR THR B . n 
B 1 18 THR 18 18 18 THR THR B . n 
B 1 19 GLU 19 19 19 GLU GLU B . n 
B 1 20 ALA 20 20 20 ALA ALA B . n 
B 1 21 1VR 21 21 21 1VR 1VR B . n 
B 1 22 ASP 22 22 22 ASP ASP B . n 
B 1 23 ALA 23 23 23 ALA ALA B . n 
B 1 24 ALA 24 24 24 ALA ALA B . n 
B 1 25 THR 25 25 25 THR THR B . n 
B 1 26 ALA 26 26 26 ALA ALA B . n 
B 1 27 GLU 27 27 27 GLU GLU B . n 
B 1 28 LYS 28 28 28 LYS LYS B . n 
B 1 29 VAL 29 29 29 VAL VAL B . n 
B 1 30 PHE 30 30 30 PHE PHE B . n 
B 1 31 LYS 31 31 31 LYS LYS B . n 
B 1 32 GLN 32 32 32 GLN GLN B . n 
B 1 33 TYR 33 33 33 TYR TYR B . n 
B 1 34 ALA 34 34 34 ALA ALA B . n 
B 1 35 ASN 35 35 35 ASN ASN B . n 
B 1 36 ASP 36 36 36 ASP ASP B . n 
B 1 37 ASN 37 37 37 ASN ASN B . n 
B 1 38 GLY 38 38 38 GLY GLY B . n 
B 1 39 VAL 39 39 39 VAL VAL B . n 
B 1 40 B3D 40 40 40 B3D B3D B . n 
B 1 41 GLY 41 41 41 GLY GLY B . n 
B 1 42 GLU 42 42 42 GLU GLU B . n 
B 1 43 TRP 43 43 43 TRP TRP B . n 
B 1 44 THR 44 44 44 THR THR B . n 
B 1 45 TYR 45 45 45 TYR TYR B . n 
B 1 46 ASP 46 46 46 ASP ASP B . n 
B 1 47 ASP 47 47 47 ASP ASP B . n 
B 1 48 ALA 48 48 48 ALA ALA B . n 
B 1 49 THR 49 49 49 THR THR B . n 
B 1 50 LYS 50 50 50 LYS LYS B . n 
B 1 51 THR 51 51 51 THR THR B . n 
B 1 52 PHE 52 52 52 PHE PHE B . n 
B 1 53 THR 53 53 53 THR THR B . n 
B 1 54 VAL 54 54 54 VAL VAL B . n 
B 1 55 THR 55 55 55 THR THR B . n 
B 1 56 GLU 56 56 56 GLU GLU B . n 
B 1 57 NH2 57 57 57 NH2 NH2 B . n 
# 
loop_
_pdbx_nonpoly_scheme.asym_id 
_pdbx_nonpoly_scheme.entity_id 
_pdbx_nonpoly_scheme.mon_id 
_pdbx_nonpoly_scheme.ndb_seq_num 
_pdbx_nonpoly_scheme.pdb_seq_num 
_pdbx_nonpoly_scheme.auth_seq_num 
_pdbx_nonpoly_scheme.pdb_mon_id 
_pdbx_nonpoly_scheme.auth_mon_id 
_pdbx_nonpoly_scheme.pdb_strand_id 
_pdbx_nonpoly_scheme.pdb_ins_code 
C 2 GOL 1  101 1   GOL GOL A . 
D 2 GOL 1  101 1   GOL GOL B . 
E 3 HOH 1  201 1   HOH HOH A . 
E 3 HOH 2  202 3   HOH HOH A . 
E 3 HOH 3  203 5   HOH HOH A . 
E 3 HOH 4  204 13  HOH HOH A . 
E 3 HOH 5  205 14  HOH HOH A . 
E 3 HOH 6  206 15  HOH HOH A . 
E 3 HOH 7  207 16  HOH HOH A . 
E 3 HOH 8  208 17  HOH HOH A . 
E 3 HOH 9  209 18  HOH HOH A . 
E 3 HOH 10 210 27  HOH HOH A . 
E 3 HOH 11 211 28  HOH HOH A . 
E 3 HOH 12 212 29  HOH HOH A . 
E 3 HOH 13 213 33  HOH HOH A . 
E 3 HOH 14 214 35  HOH HOH A . 
E 3 HOH 15 215 38  HOH HOH A . 
E 3 HOH 16 216 40  HOH HOH A . 
E 3 HOH 17 217 44  HOH HOH A . 
E 3 HOH 18 218 46  HOH HOH A . 
E 3 HOH 19 219 47  HOH HOH A . 
E 3 HOH 20 220 50  HOH HOH A . 
E 3 HOH 21 221 51  HOH HOH A . 
E 3 HOH 22 222 52  HOH HOH A . 
E 3 HOH 23 223 54  HOH HOH A . 
E 3 HOH 24 224 56  HOH HOH A . 
E 3 HOH 25 225 57  HOH HOH A . 
E 3 HOH 26 226 58  HOH HOH A . 
E 3 HOH 27 227 59  HOH HOH A . 
E 3 HOH 28 228 61  HOH HOH A . 
E 3 HOH 29 229 62  HOH HOH A . 
E 3 HOH 30 230 63  HOH HOH A . 
E 3 HOH 31 231 64  HOH HOH A . 
E 3 HOH 32 232 66  HOH HOH A . 
E 3 HOH 33 233 67  HOH HOH A . 
E 3 HOH 34 234 68  HOH HOH A . 
E 3 HOH 35 235 75  HOH HOH A . 
E 3 HOH 36 236 77  HOH HOH A . 
E 3 HOH 37 237 78  HOH HOH A . 
E 3 HOH 38 238 80  HOH HOH A . 
E 3 HOH 39 239 81  HOH HOH A . 
E 3 HOH 40 240 82  HOH HOH A . 
E 3 HOH 41 241 84  HOH HOH A . 
E 3 HOH 42 242 85  HOH HOH A . 
E 3 HOH 43 243 86  HOH HOH A . 
E 3 HOH 44 244 87  HOH HOH A . 
E 3 HOH 45 245 89  HOH HOH A . 
E 3 HOH 46 246 91  HOH HOH A . 
E 3 HOH 47 247 93  HOH HOH A . 
E 3 HOH 48 248 94  HOH HOH A . 
E 3 HOH 49 249 95  HOH HOH A . 
E 3 HOH 50 250 97  HOH HOH A . 
E 3 HOH 51 251 98  HOH HOH A . 
E 3 HOH 52 252 99  HOH HOH A . 
E 3 HOH 53 253 101 HOH HOH A . 
E 3 HOH 54 254 102 HOH HOH A . 
E 3 HOH 55 255 103 HOH HOH A . 
E 3 HOH 56 256 109 HOH HOH A . 
E 3 HOH 57 257 110 HOH HOH A . 
E 3 HOH 58 258 112 HOH HOH A . 
E 3 HOH 59 259 117 HOH HOH A . 
F 3 HOH 1  201 2   HOH HOH B . 
F 3 HOH 2  202 6   HOH HOH B . 
F 3 HOH 3  203 7   HOH HOH B . 
F 3 HOH 4  204 8   HOH HOH B . 
F 3 HOH 5  205 9   HOH HOH B . 
F 3 HOH 6  206 10  HOH HOH B . 
F 3 HOH 7  207 11  HOH HOH B . 
F 3 HOH 8  208 12  HOH HOH B . 
F 3 HOH 9  209 19  HOH HOH B . 
F 3 HOH 10 210 20  HOH HOH B . 
F 3 HOH 11 211 21  HOH HOH B . 
F 3 HOH 12 212 22  HOH HOH B . 
F 3 HOH 13 213 23  HOH HOH B . 
F 3 HOH 14 214 24  HOH HOH B . 
F 3 HOH 15 215 25  HOH HOH B . 
F 3 HOH 16 216 26  HOH HOH B . 
F 3 HOH 17 217 30  HOH HOH B . 
F 3 HOH 18 218 31  HOH HOH B . 
F 3 HOH 19 219 32  HOH HOH B . 
F 3 HOH 20 220 34  HOH HOH B . 
F 3 HOH 21 221 36  HOH HOH B . 
F 3 HOH 22 222 37  HOH HOH B . 
F 3 HOH 23 223 39  HOH HOH B . 
F 3 HOH 24 224 41  HOH HOH B . 
F 3 HOH 25 225 43  HOH HOH B . 
F 3 HOH 26 226 45  HOH HOH B . 
F 3 HOH 27 227 49  HOH HOH B . 
F 3 HOH 28 228 53  HOH HOH B . 
F 3 HOH 29 229 55  HOH HOH B . 
F 3 HOH 30 230 60  HOH HOH B . 
F 3 HOH 31 231 65  HOH HOH B . 
F 3 HOH 32 232 69  HOH HOH B . 
F 3 HOH 33 233 70  HOH HOH B . 
F 3 HOH 34 234 71  HOH HOH B . 
F 3 HOH 35 235 72  HOH HOH B . 
F 3 HOH 36 236 73  HOH HOH B . 
F 3 HOH 37 237 74  HOH HOH B . 
F 3 HOH 38 238 76  HOH HOH B . 
F 3 HOH 39 239 79  HOH HOH B . 
F 3 HOH 40 240 83  HOH HOH B . 
F 3 HOH 41 241 88  HOH HOH B . 
F 3 HOH 42 242 90  HOH HOH B . 
F 3 HOH 43 243 92  HOH HOH B . 
F 3 HOH 44 244 96  HOH HOH B . 
F 3 HOH 45 245 100 HOH HOH B . 
F 3 HOH 46 246 104 HOH HOH B . 
F 3 HOH 47 247 105 HOH HOH B . 
F 3 HOH 48 248 106 HOH HOH B . 
F 3 HOH 49 249 107 HOH HOH B . 
F 3 HOH 50 250 108 HOH HOH B . 
F 3 HOH 51 251 111 HOH HOH B . 
F 3 HOH 52 252 113 HOH HOH B . 
F 3 HOH 53 253 114 HOH HOH B . 
F 3 HOH 54 254 115 HOH HOH B . 
F 3 HOH 55 255 116 HOH HOH B . 
F 3 HOH 56 256 118 HOH HOH B . 
# 
loop_
_software.name 
_software.classification 
_software.version 
_software.citation_id 
_software.pdbx_ordinal 
CrystalClear 'data collection' .                            ? 1 
PHASER       phasing           .                            ? 2 
PHENIX       refinement        '(phenix.refine: 1.7.3_928)' ? 3 
CrystalClear 'data reduction'  .                            ? 4 
CrystalClear 'data scaling'    .                            ? 5 
# 
_cell.entry_id           4KGS 
_cell.length_a           80.657 
_cell.length_b           35.660 
_cell.length_c           46.531 
_cell.angle_alpha        90.00 
_cell.angle_beta         120.44 
_cell.angle_gamma        90.00 
_cell.Z_PDB              8 
_cell.pdbx_unique_axis   ? 
_cell.length_a_esd       ? 
_cell.length_b_esd       ? 
_cell.length_c_esd       ? 
_cell.angle_alpha_esd    ? 
_cell.angle_beta_esd     ? 
_cell.angle_gamma_esd    ? 
# 
_symmetry.entry_id                         4KGS 
_symmetry.space_group_name_H-M             'C 1 2 1' 
_symmetry.pdbx_full_space_group_name_H-M   ? 
_symmetry.cell_setting                     ? 
_symmetry.Int_Tables_number                5 
_symmetry.space_group_name_Hall            ? 
# 
_exptl.entry_id          4KGS 
_exptl.method            'X-RAY DIFFRACTION' 
_exptl.crystals_number   1 
# 
_exptl_crystal.id                    1 
_exptl_crystal.density_meas          ? 
_exptl_crystal.density_Matthews      2.32 
_exptl_crystal.density_percent_sol   47.03 
_exptl_crystal.description           ? 
_exptl_crystal.F_000                 ? 
_exptl_crystal.preparation           ? 
# 
_exptl_crystal_grow.crystal_id      1 
_exptl_crystal_grow.method          'VAPOR DIFFUSION, HANGING DROP' 
_exptl_crystal_grow.temp            298 
_exptl_crystal_grow.temp_details    ? 
_exptl_crystal_grow.pH              4.6 
_exptl_crystal_grow.pdbx_details    
'0.1 M sodium acetate pH 4.6, 16% w/v PEG 3350, VAPOR DIFFUSION, HANGING DROP, temperature 298K' 
_exptl_crystal_grow.pdbx_pH_range   ? 
# 
_diffrn.id                     1 
_diffrn.ambient_temp           100 
_diffrn.ambient_temp_details   ? 
_diffrn.crystal_id             1 
# 
_diffrn_detector.diffrn_id              1 
_diffrn_detector.detector               CCD 
_diffrn_detector.type                   'RIGAKU SATURN 944' 
_diffrn_detector.pdbx_collection_date   2012-04-06 
_diffrn_detector.details                'Rigaku VariMax Optics' 
# 
_diffrn_radiation.diffrn_id                        1 
_diffrn_radiation.wavelength_id                    1 
_diffrn_radiation.pdbx_monochromatic_or_laue_m_l   M 
_diffrn_radiation.monochromator                    'Rigaku VariMax Optics' 
_diffrn_radiation.pdbx_diffrn_protocol             'SINGLE WAVELENGTH' 
_diffrn_radiation.pdbx_scattering_type             x-ray 
# 
_diffrn_radiation_wavelength.id           1 
_diffrn_radiation_wavelength.wavelength   1.5418 
_diffrn_radiation_wavelength.wt           1.0 
# 
_diffrn_source.diffrn_id                   1 
_diffrn_source.source                      'ROTATING ANODE' 
_diffrn_source.type                        'RIGAKU FR-E SUPERBRIGHT' 
_diffrn_source.pdbx_synchrotron_site       ? 
_diffrn_source.pdbx_synchrotron_beamline   ? 
_diffrn_source.pdbx_wavelength             ? 
_diffrn_source.pdbx_wavelength_list        1.5418 
# 
_reflns.entry_id                     4KGS 
_reflns.observed_criterion_sigma_I   ? 
_reflns.observed_criterion_sigma_F   ? 
_reflns.d_resolution_low             28.27 
_reflns.d_resolution_high            1.95 
_reflns.number_obs                   8453 
_reflns.number_all                   ? 
_reflns.percent_possible_obs         99.6 
_reflns.pdbx_Rmerge_I_obs            0.078 
_reflns.pdbx_Rsym_value              ? 
_reflns.pdbx_netI_over_sigmaI        7.8 
_reflns.B_iso_Wilson_estimate        ? 
_reflns.pdbx_redundancy              6.08 
_reflns.R_free_details               ? 
_reflns.limit_h_max                  ? 
_reflns.limit_h_min                  ? 
_reflns.limit_k_max                  ? 
_reflns.limit_k_min                  ? 
_reflns.limit_l_max                  ? 
_reflns.limit_l_min                  ? 
_reflns.observed_criterion_F_max     ? 
_reflns.observed_criterion_F_min     ? 
_reflns.pdbx_chi_squared             ? 
_reflns.pdbx_scaling_rejects         ? 
_reflns.pdbx_ordinal                 1 
_reflns.pdbx_diffrn_id               1 
# 
_refine.entry_id                                 4KGS 
_refine.ls_number_reflns_obs                     8450 
_refine.ls_number_reflns_all                     ? 
_refine.pdbx_ls_sigma_I                          ? 
_refine.pdbx_ls_sigma_F                          1.38 
_refine.pdbx_data_cutoff_high_absF               ? 
_refine.pdbx_data_cutoff_low_absF                ? 
_refine.pdbx_data_cutoff_high_rms_absF           ? 
_refine.ls_d_res_low                             28.269 
_refine.ls_d_res_high                            1.950 
_refine.ls_percent_reflns_obs                    99.59 
_refine.ls_R_factor_obs                          0.1759 
_refine.ls_R_factor_all                          ? 
_refine.ls_R_factor_R_work                       0.1739 
_refine.ls_R_factor_R_free                       0.2170 
_refine.ls_R_factor_R_free_error                 ? 
_refine.ls_R_factor_R_free_error_details         ? 
_refine.ls_percent_reflns_R_free                 4.64 
_refine.ls_number_reflns_R_free                  392 
_refine.ls_number_parameters                     ? 
_refine.ls_number_restraints                     ? 
_refine.occupancy_min                            ? 
_refine.occupancy_max                            ? 
_refine.correlation_coeff_Fo_to_Fc               ? 
_refine.correlation_coeff_Fo_to_Fc_free          ? 
_refine.B_iso_mean                               ? 
_refine.aniso_B[1][1]                            -1.0601 
_refine.aniso_B[2][2]                            1.0060 
_refine.aniso_B[3][3]                            0.0541 
_refine.aniso_B[1][2]                            0.0000 
_refine.aniso_B[1][3]                            -2.1764 
_refine.aniso_B[2][3]                            0.0000 
_refine.solvent_model_details                    'FLAT BULK SOLVENT MODEL' 
_refine.solvent_model_param_ksol                 0.440 
_refine.solvent_model_param_bsol                 59.693 
_refine.pdbx_solvent_vdw_probe_radii             1.20 
_refine.pdbx_solvent_ion_probe_radii             ? 
_refine.pdbx_solvent_shrinkage_radii             0.98 
_refine.pdbx_ls_cross_valid_method               ? 
_refine.details                                  ? 
_refine.pdbx_starting_model                      'PDB 2QMT' 
_refine.pdbx_method_to_determine_struct          'MOLECULAR REPLACEMENT' 
_refine.pdbx_isotropic_thermal_model             ? 
_refine.pdbx_stereochemistry_target_values       ML 
_refine.pdbx_stereochem_target_val_spec_case     ? 
_refine.pdbx_R_Free_selection_details            ? 
_refine.pdbx_overall_ESU_R                       ? 
_refine.pdbx_overall_ESU_R_Free                  ? 
_refine.overall_SU_ML                            0.22 
_refine.pdbx_overall_phase_error                 21.50 
_refine.overall_SU_B                             ? 
_refine.overall_SU_R_Cruickshank_DPI             ? 
_refine.ls_redundancy_reflns_obs                 ? 
_refine.B_iso_min                                ? 
_refine.B_iso_max                                ? 
_refine.overall_SU_R_free                        ? 
_refine.ls_wR_factor_R_free                      ? 
_refine.ls_wR_factor_R_work                      ? 
_refine.overall_FOM_free_R_set                   ? 
_refine.overall_FOM_work_R_set                   ? 
_refine.pdbx_diffrn_id                           1 
_refine.pdbx_refine_id                           'X-RAY DIFFRACTION' 
_refine.pdbx_TLS_residual_ADP_flag               ? 
_refine.pdbx_overall_SU_R_free_Cruickshank_DPI   ? 
_refine.pdbx_overall_SU_R_Blow_DPI               ? 
_refine.pdbx_overall_SU_R_free_Blow_DPI          ? 
# 
_refine_hist.pdbx_refine_id                   'X-RAY DIFFRACTION' 
_refine_hist.cycle_id                         LAST 
_refine_hist.pdbx_number_atoms_protein        876 
_refine_hist.pdbx_number_atoms_nucleic_acid   0 
_refine_hist.pdbx_number_atoms_ligand         12 
_refine_hist.number_atoms_solvent             115 
_refine_hist.number_atoms_total               1003 
_refine_hist.d_res_high                       1.950 
_refine_hist.d_res_low                        28.269 
# 
loop_
_refine_ls_restr.type 
_refine_ls_restr.dev_ideal 
_refine_ls_restr.dev_ideal_target 
_refine_ls_restr.weight 
_refine_ls_restr.number 
_refine_ls_restr.pdbx_restraint_function 
_refine_ls_restr.pdbx_refine_id 
f_bond_d           0.008  ? ? 898  ? 'X-RAY DIFFRACTION' 
f_angle_d          1.116  ? ? 1216 ? 'X-RAY DIFFRACTION' 
f_dihedral_angle_d 15.129 ? ? 296  ? 'X-RAY DIFFRACTION' 
f_chiral_restr     0.063  ? ? 140  ? 'X-RAY DIFFRACTION' 
f_plane_restr      0.003  ? ? 154  ? 'X-RAY DIFFRACTION' 
# 
loop_
_refine_ls_shell.pdbx_total_number_of_bins_used 
_refine_ls_shell.d_res_high 
_refine_ls_shell.d_res_low 
_refine_ls_shell.number_reflns_R_work 
_refine_ls_shell.R_factor_R_work 
_refine_ls_shell.percent_reflns_obs 
_refine_ls_shell.R_factor_R_free 
_refine_ls_shell.R_factor_R_free_error 
_refine_ls_shell.percent_reflns_R_free 
_refine_ls_shell.number_reflns_R_free 
_refine_ls_shell.number_reflns_all 
_refine_ls_shell.R_factor_all 
_refine_ls_shell.number_reflns_obs 
_refine_ls_shell.redundancy_reflns_obs 
_refine_ls_shell.pdbx_refine_id 
. 1.9502 2.2323  2645 0.1837 99.00  0.2503 . . 128 . . . . 'X-RAY DIFFRACTION' 
. 2.2323 2.8120  2661 0.1680 100.00 0.2447 . . 137 . . . . 'X-RAY DIFFRACTION' 
. 2.8120 28.2723 2752 0.1737 100.00 0.1960 . . 127 . . . . 'X-RAY DIFFRACTION' 
# 
_struct.entry_id                  4KGS 
_struct.title                     'Backbone Modifications in the Protein GB1 Loops: beta-3-Val21, beta-3-Asp40' 
_struct.pdbx_model_details        ? 
_struct.pdbx_CASP_flag            ? 
_struct.pdbx_model_type_details   ? 
# 
_struct_keywords.entry_id        4KGS 
_struct_keywords.pdbx_keywords   'DE NOVO PROTEIN' 
_struct_keywords.text            'unnatural backbone, DE NOVO PROTEIN' 
# 
loop_
_struct_asym.id 
_struct_asym.pdbx_blank_PDB_chainid_flag 
_struct_asym.pdbx_modified 
_struct_asym.entity_id 
_struct_asym.details 
A N N 1 ? 
B N N 1 ? 
C N N 2 ? 
D N N 2 ? 
E N N 3 ? 
F N N 3 ? 
# 
_struct_ref.id                         1 
_struct_ref.db_name                    PDB 
_struct_ref.db_code                    4KGS 
_struct_ref.pdbx_db_accession          4KGS 
_struct_ref.entity_id                  1 
_struct_ref.pdbx_align_begin           ? 
_struct_ref.pdbx_seq_one_letter_code   ? 
_struct_ref.pdbx_db_isoform            ? 
# 
loop_
_struct_ref_seq.align_id 
_struct_ref_seq.ref_id 
_struct_ref_seq.pdbx_PDB_id_code 
_struct_ref_seq.pdbx_strand_id 
_struct_ref_seq.seq_align_beg 
_struct_ref_seq.pdbx_seq_align_beg_ins_code 
_struct_ref_seq.seq_align_end 
_struct_ref_seq.pdbx_seq_align_end_ins_code 
_struct_ref_seq.pdbx_db_accession 
_struct_ref_seq.db_align_beg 
_struct_ref_seq.pdbx_db_align_beg_ins_code 
_struct_ref_seq.db_align_end 
_struct_ref_seq.pdbx_db_align_end_ins_code 
_struct_ref_seq.pdbx_auth_seq_align_beg 
_struct_ref_seq.pdbx_auth_seq_align_end 
1 1 4KGS A 1 ? 57 ? 4KGS 1 ? 57 ? 1 57 
2 1 4KGS B 1 ? 57 ? 4KGS 1 ? 57 ? 1 57 
# 
loop_
_pdbx_struct_assembly.id 
_pdbx_struct_assembly.details 
_pdbx_struct_assembly.method_details 
_pdbx_struct_assembly.oligomeric_details 
_pdbx_struct_assembly.oligomeric_count 
1 author_and_software_defined_assembly PISA monomeric 1 
2 author_and_software_defined_assembly PISA monomeric 1 
# 
loop_
_pdbx_struct_assembly_gen.assembly_id 
_pdbx_struct_assembly_gen.oper_expression 
_pdbx_struct_assembly_gen.asym_id_list 
1 1 A,C,E 
2 1 B,D,F 
# 
_pdbx_struct_oper_list.id                   1 
_pdbx_struct_oper_list.type                 'identity operation' 
_pdbx_struct_oper_list.name                 1_555 
_pdbx_struct_oper_list.symmetry_operation   x,y,z 
_pdbx_struct_oper_list.matrix[1][1]         1.0000000000 
_pdbx_struct_oper_list.matrix[1][2]         0.0000000000 
_pdbx_struct_oper_list.matrix[1][3]         0.0000000000 
_pdbx_struct_oper_list.vector[1]            0.0000000000 
_pdbx_struct_oper_list.matrix[2][1]         0.0000000000 
_pdbx_struct_oper_list.matrix[2][2]         1.0000000000 
_pdbx_struct_oper_list.matrix[2][3]         0.0000000000 
_pdbx_struct_oper_list.vector[2]            0.0000000000 
_pdbx_struct_oper_list.matrix[3][1]         0.0000000000 
_pdbx_struct_oper_list.matrix[3][2]         0.0000000000 
_pdbx_struct_oper_list.matrix[3][3]         1.0000000000 
_pdbx_struct_oper_list.vector[3]            0.0000000000 
# 
_struct_biol.id   1 
# 
loop_
_struct_conf.conf_type_id 
_struct_conf.id 
_struct_conf.pdbx_PDB_helix_id 
_struct_conf.beg_label_comp_id 
_struct_conf.beg_label_asym_id 
_struct_conf.beg_label_seq_id 
_struct_conf.pdbx_beg_PDB_ins_code 
_struct_conf.end_label_comp_id 
_struct_conf.end_label_asym_id 
_struct_conf.end_label_seq_id 
_struct_conf.pdbx_end_PDB_ins_code 
_struct_conf.beg_auth_comp_id 
_struct_conf.beg_auth_asym_id 
_struct_conf.beg_auth_seq_id 
_struct_conf.end_auth_comp_id 
_struct_conf.end_auth_asym_id 
_struct_conf.end_auth_seq_id 
_struct_conf.pdbx_PDB_helix_class 
_struct_conf.details 
_struct_conf.pdbx_PDB_helix_length 
HELX_P HELX_P1 1 ASP A 22 ? ASN A 37 ? ASP A 22 ASN A 37 1 ? 16 
HELX_P HELX_P2 2 ASP A 47 ? THR A 49 ? ASP A 47 THR A 49 5 ? 3  
HELX_P HELX_P3 3 ASP B 22 ? ASN B 37 ? ASP B 22 ASN B 37 1 ? 16 
# 
_struct_conf_type.id          HELX_P 
_struct_conf_type.criteria    ? 
_struct_conf_type.reference   ? 
# 
loop_
_struct_conn.id 
_struct_conn.conn_type_id 
_struct_conn.pdbx_leaving_atom_flag 
_struct_conn.pdbx_PDB_id 
_struct_conn.ptnr1_label_asym_id 
_struct_conn.ptnr1_label_comp_id 
_struct_conn.ptnr1_label_seq_id 
_struct_conn.ptnr1_label_atom_id 
_struct_conn.pdbx_ptnr1_label_alt_id 
_struct_conn.pdbx_ptnr1_PDB_ins_code 
_struct_conn.pdbx_ptnr1_standard_comp_id 
_struct_conn.ptnr1_symmetry 
_struct_conn.ptnr2_label_asym_id 
_struct_conn.ptnr2_label_comp_id 
_struct_conn.ptnr2_label_seq_id 
_struct_conn.ptnr2_label_atom_id 
_struct_conn.pdbx_ptnr2_label_alt_id 
_struct_conn.pdbx_ptnr2_PDB_ins_code 
_struct_conn.ptnr1_auth_asym_id 
_struct_conn.ptnr1_auth_comp_id 
_struct_conn.ptnr1_auth_seq_id 
_struct_conn.ptnr2_auth_asym_id 
_struct_conn.ptnr2_auth_comp_id 
_struct_conn.ptnr2_auth_seq_id 
_struct_conn.ptnr2_symmetry 
_struct_conn.pdbx_ptnr3_label_atom_id 
_struct_conn.pdbx_ptnr3_label_seq_id 
_struct_conn.pdbx_ptnr3_label_comp_id 
_struct_conn.pdbx_ptnr3_label_asym_id 
_struct_conn.pdbx_ptnr3_label_alt_id 
_struct_conn.pdbx_ptnr3_PDB_ins_code 
_struct_conn.details 
_struct_conn.pdbx_dist_value 
_struct_conn.pdbx_value_order 
_struct_conn.pdbx_role 
covale1  covale both ? A ALA 20 C ? ? ? 1_555 A 1VR 21 N ? ? A ALA 20 A 1VR 21 1_555 ? ? ? ? ? ? ? 1.324 ? ? 
covale2  covale both ? A 1VR 21 C ? ? ? 1_555 A ASP 22 N ? ? A 1VR 21 A ASP 22 1_555 ? ? ? ? ? ? ? 1.333 ? ? 
covale3  covale both ? A VAL 39 C ? ? ? 1_555 A B3D 40 N ? ? A VAL 39 A B3D 40 1_555 ? ? ? ? ? ? ? 1.343 ? ? 
covale4  covale both ? A B3D 40 C ? ? ? 1_555 A GLY 41 N ? ? A B3D 40 A GLY 41 1_555 ? ? ? ? ? ? ? 1.326 ? ? 
covale5  covale both ? A GLU 56 C ? ? ? 1_555 A NH2 57 N ? ? A GLU 56 A NH2 57 1_555 ? ? ? ? ? ? ? 1.329 ? ? 
covale6  covale both ? B ALA 20 C ? ? ? 1_555 B 1VR 21 N ? ? B ALA 20 B 1VR 21 1_555 ? ? ? ? ? ? ? 1.329 ? ? 
covale7  covale both ? B 1VR 21 C ? ? ? 1_555 B ASP 22 N ? ? B 1VR 21 B ASP 22 1_555 ? ? ? ? ? ? ? 1.344 ? ? 
covale8  covale both ? B VAL 39 C ? ? ? 1_555 B B3D 40 N ? ? B VAL 39 B B3D 40 1_555 ? ? ? ? ? ? ? 1.323 ? ? 
covale9  covale both ? B B3D 40 C ? ? ? 1_555 B GLY 41 N ? ? B B3D 40 B GLY 41 1_555 ? ? ? ? ? ? ? 1.335 ? ? 
covale10 covale both ? B GLU 56 C ? ? ? 1_555 B NH2 57 N ? ? B GLU 56 B NH2 57 1_555 ? ? ? ? ? ? ? 1.330 ? ? 
# 
_struct_conn_type.id          covale 
_struct_conn_type.criteria    ? 
_struct_conn_type.reference   ? 
# 
loop_
_struct_sheet.id 
_struct_sheet.type 
_struct_sheet.number_strands 
_struct_sheet.details 
A ? 4 ? 
B ? 4 ? 
# 
loop_
_struct_sheet_order.sheet_id 
_struct_sheet_order.range_id_1 
_struct_sheet_order.range_id_2 
_struct_sheet_order.offset 
_struct_sheet_order.sense 
A 1 2 ? anti-parallel 
A 2 3 ? parallel      
A 3 4 ? anti-parallel 
B 1 2 ? anti-parallel 
B 2 3 ? parallel      
B 3 4 ? anti-parallel 
# 
loop_
_struct_sheet_range.sheet_id 
_struct_sheet_range.id 
_struct_sheet_range.beg_label_comp_id 
_struct_sheet_range.beg_label_asym_id 
_struct_sheet_range.beg_label_seq_id 
_struct_sheet_range.pdbx_beg_PDB_ins_code 
_struct_sheet_range.end_label_comp_id 
_struct_sheet_range.end_label_asym_id 
_struct_sheet_range.end_label_seq_id 
_struct_sheet_range.pdbx_end_PDB_ins_code 
_struct_sheet_range.beg_auth_comp_id 
_struct_sheet_range.beg_auth_asym_id 
_struct_sheet_range.beg_auth_seq_id 
_struct_sheet_range.end_auth_comp_id 
_struct_sheet_range.end_auth_asym_id 
_struct_sheet_range.end_auth_seq_id 
A 1 LYS A 13 ? GLU A 19 ? LYS A 13 GLU A 19 
A 2 THR A 2  ? ASN A 8  ? THR A 2  ASN A 8  
A 3 THR A 51 ? THR A 55 ? THR A 51 THR A 55 
A 4 GLU A 42 ? ASP A 46 ? GLU A 42 ASP A 46 
B 1 LEU B 12 ? GLU B 19 ? LEU B 12 GLU B 19 
B 2 THR B 2  ? ASN B 8  ? THR B 2  ASN B 8  
B 3 THR B 51 ? THR B 55 ? THR B 51 THR B 55 
B 4 GLU B 42 ? ASP B 46 ? GLU B 42 ASP B 46 
# 
loop_
_pdbx_struct_sheet_hbond.sheet_id 
_pdbx_struct_sheet_hbond.range_id_1 
_pdbx_struct_sheet_hbond.range_id_2 
_pdbx_struct_sheet_hbond.range_1_label_atom_id 
_pdbx_struct_sheet_hbond.range_1_label_comp_id 
_pdbx_struct_sheet_hbond.range_1_label_asym_id 
_pdbx_struct_sheet_hbond.range_1_label_seq_id 
_pdbx_struct_sheet_hbond.range_1_PDB_ins_code 
_pdbx_struct_sheet_hbond.range_1_auth_atom_id 
_pdbx_struct_sheet_hbond.range_1_auth_comp_id 
_pdbx_struct_sheet_hbond.range_1_auth_asym_id 
_pdbx_struct_sheet_hbond.range_1_auth_seq_id 
_pdbx_struct_sheet_hbond.range_2_label_atom_id 
_pdbx_struct_sheet_hbond.range_2_label_comp_id 
_pdbx_struct_sheet_hbond.range_2_label_asym_id 
_pdbx_struct_sheet_hbond.range_2_label_seq_id 
_pdbx_struct_sheet_hbond.range_2_PDB_ins_code 
_pdbx_struct_sheet_hbond.range_2_auth_atom_id 
_pdbx_struct_sheet_hbond.range_2_auth_comp_id 
_pdbx_struct_sheet_hbond.range_2_auth_asym_id 
_pdbx_struct_sheet_hbond.range_2_auth_seq_id 
A 1 2 O THR A 16 ? O THR A 16 N LEU A 5  ? N LEU A 5  
A 2 3 N LYS A 4  ? N LYS A 4  O PHE A 52 ? O PHE A 52 
A 3 4 O THR A 55 ? O THR A 55 N GLU A 42 ? N GLU A 42 
B 1 2 O THR B 18 ? O THR B 18 N TYR B 3  ? N TYR B 3  
B 2 3 N ASN B 8  ? N ASN B 8  O VAL B 54 ? O VAL B 54 
B 3 4 O THR B 55 ? O THR B 55 N GLU B 42 ? N GLU B 42 
# 
loop_
_struct_site.id 
_struct_site.pdbx_evidence_code 
_struct_site.pdbx_auth_asym_id 
_struct_site.pdbx_auth_comp_id 
_struct_site.pdbx_auth_seq_id 
_struct_site.pdbx_auth_ins_code 
_struct_site.pdbx_num_residues 
_struct_site.details 
AC1 Software A GOL 101 ? 9 'BINDING SITE FOR RESIDUE GOL A 101' 
AC2 Software B GOL 101 ? 8 'BINDING SITE FOR RESIDUE GOL B 101' 
# 
loop_
_struct_site_gen.id 
_struct_site_gen.site_id 
_struct_site_gen.pdbx_num_res 
_struct_site_gen.label_comp_id 
_struct_site_gen.label_asym_id 
_struct_site_gen.label_seq_id 
_struct_site_gen.pdbx_auth_ins_code 
_struct_site_gen.auth_comp_id 
_struct_site_gen.auth_asym_id 
_struct_site_gen.auth_seq_id 
_struct_site_gen.label_atom_id 
_struct_site_gen.label_alt_id 
_struct_site_gen.symmetry 
_struct_site_gen.details 
1  AC1 9 ASP A 47 ? ASP A 47  . ? 1_555 ? 
2  AC1 9 TYR B 3  ? TYR B 3   . ? 2_554 ? 
3  AC1 9 THR B 11 ? THR B 11  . ? 3_546 ? 
4  AC1 9 LEU B 12 ? LEU B 12  . ? 3_546 ? 
5  AC1 9 LYS B 13 ? LYS B 13  . ? 3_546 ? 
6  AC1 9 ASP B 22 ? ASP B 22  . ? 2_554 ? 
7  AC1 9 ALA B 23 ? ALA B 23  . ? 2_554 ? 
8  AC1 9 ASP B 47 ? ASP B 47  . ? 2_554 ? 
9  AC1 9 HOH F .  ? HOH B 209 . ? 2_554 ? 
10 AC2 8 LYS A 10 ? LYS A 10  . ? 4_444 ? 
11 AC2 8 THR A 11 ? THR A 11  . ? 4_444 ? 
12 AC2 8 LYS A 13 ? LYS A 13  . ? 4_444 ? 
13 AC2 8 THR A 18 ? THR A 18  . ? 1_555 ? 
14 AC2 8 HOH E .  ? HOH A 203 . ? 1_555 ? 
15 AC2 8 LYS B 28 ? LYS B 28  . ? 1_555 ? 
16 AC2 8 LYS B 31 ? LYS B 31  . ? 1_555 ? 
17 AC2 8 GLN B 32 ? GLN B 32  . ? 1_555 ? 
# 
loop_
_pdbx_validate_close_contact.id 
_pdbx_validate_close_contact.PDB_model_num 
_pdbx_validate_close_contact.auth_atom_id_1 
_pdbx_validate_close_contact.auth_asym_id_1 
_pdbx_validate_close_contact.auth_comp_id_1 
_pdbx_validate_close_contact.auth_seq_id_1 
_pdbx_validate_close_contact.PDB_ins_code_1 
_pdbx_validate_close_contact.label_alt_id_1 
_pdbx_validate_close_contact.auth_atom_id_2 
_pdbx_validate_close_contact.auth_asym_id_2 
_pdbx_validate_close_contact.auth_comp_id_2 
_pdbx_validate_close_contact.auth_seq_id_2 
_pdbx_validate_close_contact.PDB_ins_code_2 
_pdbx_validate_close_contact.label_alt_id_2 
_pdbx_validate_close_contact.dist 
1 1 O B HOH 238 ? ? O B HOH 250 ? ? 2.04 
2 1 O A HOH 250 ? ? O B HOH 204 ? ? 2.14 
# 
loop_
_pdbx_validate_rmsd_angle.id 
_pdbx_validate_rmsd_angle.PDB_model_num 
_pdbx_validate_rmsd_angle.auth_atom_id_1 
_pdbx_validate_rmsd_angle.auth_asym_id_1 
_pdbx_validate_rmsd_angle.auth_comp_id_1 
_pdbx_validate_rmsd_angle.auth_seq_id_1 
_pdbx_validate_rmsd_angle.PDB_ins_code_1 
_pdbx_validate_rmsd_angle.label_alt_id_1 
_pdbx_validate_rmsd_angle.auth_atom_id_2 
_pdbx_validate_rmsd_angle.auth_asym_id_2 
_pdbx_validate_rmsd_angle.auth_comp_id_2 
_pdbx_validate_rmsd_angle.auth_seq_id_2 
_pdbx_validate_rmsd_angle.PDB_ins_code_2 
_pdbx_validate_rmsd_angle.label_alt_id_2 
_pdbx_validate_rmsd_angle.auth_atom_id_3 
_pdbx_validate_rmsd_angle.auth_asym_id_3 
_pdbx_validate_rmsd_angle.auth_comp_id_3 
_pdbx_validate_rmsd_angle.auth_seq_id_3 
_pdbx_validate_rmsd_angle.PDB_ins_code_3 
_pdbx_validate_rmsd_angle.label_alt_id_3 
_pdbx_validate_rmsd_angle.angle_value 
_pdbx_validate_rmsd_angle.angle_target_value 
_pdbx_validate_rmsd_angle.angle_deviation 
_pdbx_validate_rmsd_angle.angle_standard_deviation 
_pdbx_validate_rmsd_angle.linker_flag 
1 1 CA A B3D 40 ? ? C A B3D 40 ? ? N  A GLY 41 ? ? 132.89 116.20 16.69 2.00 Y 
2 1 C  B ALA 20 ? ? N B 1VR 21 ? ? CA B 1VR 21 ? ? 138.84 121.70 17.14 2.50 Y 
3 1 CA B B3D 40 ? ? C B B3D 40 ? ? N  B GLY 41 ? ? 132.33 116.20 16.13 2.00 Y 
# 
loop_
_pdbx_validate_torsion.id 
_pdbx_validate_torsion.PDB_model_num 
_pdbx_validate_torsion.auth_comp_id 
_pdbx_validate_torsion.auth_asym_id 
_pdbx_validate_torsion.auth_seq_id 
_pdbx_validate_torsion.PDB_ins_code 
_pdbx_validate_torsion.label_alt_id 
_pdbx_validate_torsion.phi 
_pdbx_validate_torsion.psi 
1 1 1VR A 21 ? ? -17.33 -90.56 
2 1 1VR B 21 ? ? -37.32 -94.99 
# 
loop_
_pdbx_validate_peptide_omega.id 
_pdbx_validate_peptide_omega.PDB_model_num 
_pdbx_validate_peptide_omega.auth_comp_id_1 
_pdbx_validate_peptide_omega.auth_asym_id_1 
_pdbx_validate_peptide_omega.auth_seq_id_1 
_pdbx_validate_peptide_omega.PDB_ins_code_1 
_pdbx_validate_peptide_omega.label_alt_id_1 
_pdbx_validate_peptide_omega.auth_comp_id_2 
_pdbx_validate_peptide_omega.auth_asym_id_2 
_pdbx_validate_peptide_omega.auth_seq_id_2 
_pdbx_validate_peptide_omega.PDB_ins_code_2 
_pdbx_validate_peptide_omega.label_alt_id_2 
_pdbx_validate_peptide_omega.omega 
1 1 ALA A 20 ? ? 1VR A 21 ? ? 130.35 
2 1 B3D A 40 ? ? GLY A 41 ? ? 143.43 
3 1 ALA B 20 ? ? 1VR B 21 ? ? 135.36 
4 1 B3D B 40 ? ? GLY B 41 ? ? 142.55 
# 
loop_
_pdbx_validate_main_chain_plane.id 
_pdbx_validate_main_chain_plane.PDB_model_num 
_pdbx_validate_main_chain_plane.auth_comp_id 
_pdbx_validate_main_chain_plane.auth_asym_id 
_pdbx_validate_main_chain_plane.auth_seq_id 
_pdbx_validate_main_chain_plane.PDB_ins_code 
_pdbx_validate_main_chain_plane.label_alt_id 
_pdbx_validate_main_chain_plane.improper_torsion_angle 
1 1 B3D A 40 ? ? -19.31 
2 1 B3D B 40 ? ? -19.67 
# 
loop_
_pdbx_struct_mod_residue.id 
_pdbx_struct_mod_residue.label_asym_id 
_pdbx_struct_mod_residue.label_comp_id 
_pdbx_struct_mod_residue.label_seq_id 
_pdbx_struct_mod_residue.auth_asym_id 
_pdbx_struct_mod_residue.auth_comp_id 
_pdbx_struct_mod_residue.auth_seq_id 
_pdbx_struct_mod_residue.PDB_ins_code 
_pdbx_struct_mod_residue.parent_comp_id 
_pdbx_struct_mod_residue.details 
1 A B3D 40 A B3D 40 ? ASP '3-AMINOPENTANEDIOIC ACID' 
2 B B3D 40 B B3D 40 ? ASP '3-AMINOPENTANEDIOIC ACID' 
# 
loop_
_chem_comp_atom.comp_id 
_chem_comp_atom.atom_id 
_chem_comp_atom.type_symbol 
_chem_comp_atom.pdbx_aromatic_flag 
_chem_comp_atom.pdbx_stereo_config 
_chem_comp_atom.pdbx_ordinal 
1VR O    O N N 1   
1VR C    C N N 2   
1VR CA   C N N 3   
1VR CB   C N R 4   
1VR N    N N N 5   
1VR CG   C N N 6   
1VR CD2  C N N 7   
1VR CD1  C N N 8   
1VR OXT  O N N 9   
1VR HA1  H N N 10  
1VR HA2  H N N 11  
1VR HB   H N N 12  
1VR H    H N N 13  
1VR H2   H N N 14  
1VR HG   H N N 15  
1VR H3   H N N 16  
1VR H4   H N N 17  
1VR H5   H N N 18  
1VR H6   H N N 19  
1VR H7   H N N 20  
1VR H8   H N N 21  
1VR HXT  H N N 22  
ALA N    N N N 23  
ALA CA   C N S 24  
ALA C    C N N 25  
ALA O    O N N 26  
ALA CB   C N N 27  
ALA OXT  O N N 28  
ALA H    H N N 29  
ALA H2   H N N 30  
ALA HA   H N N 31  
ALA HB1  H N N 32  
ALA HB2  H N N 33  
ALA HB3  H N N 34  
ALA HXT  H N N 35  
ASN N    N N N 36  
ASN CA   C N S 37  
ASN C    C N N 38  
ASN O    O N N 39  
ASN CB   C N N 40  
ASN CG   C N N 41  
ASN OD1  O N N 42  
ASN ND2  N N N 43  
ASN OXT  O N N 44  
ASN H    H N N 45  
ASN H2   H N N 46  
ASN HA   H N N 47  
ASN HB2  H N N 48  
ASN HB3  H N N 49  
ASN HD21 H N N 50  
ASN HD22 H N N 51  
ASN HXT  H N N 52  
ASP N    N N N 53  
ASP CA   C N S 54  
ASP C    C N N 55  
ASP O    O N N 56  
ASP CB   C N N 57  
ASP CG   C N N 58  
ASP OD1  O N N 59  
ASP OD2  O N N 60  
ASP OXT  O N N 61  
ASP H    H N N 62  
ASP H2   H N N 63  
ASP HA   H N N 64  
ASP HB2  H N N 65  
ASP HB3  H N N 66  
ASP HD2  H N N 67  
ASP HXT  H N N 68  
B3D OE1  O N N 69  
B3D CD   C N N 70  
B3D OE2  O N N 71  
B3D CG   C N N 72  
B3D CA   C N N 73  
B3D N    N N N 74  
B3D CB   C N N 75  
B3D C    C N N 76  
B3D O    O N N 77  
B3D OXT  O N N 78  
B3D HE1  H N N 79  
B3D HG3  H N N 80  
B3D HG2  H N N 81  
B3D HA   H N N 82  
B3D H    H N N 83  
B3D H2   H N N 84  
B3D HB1  H N N 85  
B3D HB2  H N N 86  
B3D HXT  H N N 87  
GLN N    N N N 88  
GLN CA   C N S 89  
GLN C    C N N 90  
GLN O    O N N 91  
GLN CB   C N N 92  
GLN CG   C N N 93  
GLN CD   C N N 94  
GLN OE1  O N N 95  
GLN NE2  N N N 96  
GLN OXT  O N N 97  
GLN H    H N N 98  
GLN H2   H N N 99  
GLN HA   H N N 100 
GLN HB2  H N N 101 
GLN HB3  H N N 102 
GLN HG2  H N N 103 
GLN HG3  H N N 104 
GLN HE21 H N N 105 
GLN HE22 H N N 106 
GLN HXT  H N N 107 
GLU N    N N N 108 
GLU CA   C N S 109 
GLU C    C N N 110 
GLU O    O N N 111 
GLU CB   C N N 112 
GLU CG   C N N 113 
GLU CD   C N N 114 
GLU OE1  O N N 115 
GLU OE2  O N N 116 
GLU OXT  O N N 117 
GLU H    H N N 118 
GLU H2   H N N 119 
GLU HA   H N N 120 
GLU HB2  H N N 121 
GLU HB3  H N N 122 
GLU HG2  H N N 123 
GLU HG3  H N N 124 
GLU HE2  H N N 125 
GLU HXT  H N N 126 
GLY N    N N N 127 
GLY CA   C N N 128 
GLY C    C N N 129 
GLY O    O N N 130 
GLY OXT  O N N 131 
GLY H    H N N 132 
GLY H2   H N N 133 
GLY HA2  H N N 134 
GLY HA3  H N N 135 
GLY HXT  H N N 136 
GOL C1   C N N 137 
GOL O1   O N N 138 
GOL C2   C N N 139 
GOL O2   O N N 140 
GOL C3   C N N 141 
GOL O3   O N N 142 
GOL H11  H N N 143 
GOL H12  H N N 144 
GOL HO1  H N N 145 
GOL H2   H N N 146 
GOL HO2  H N N 147 
GOL H31  H N N 148 
GOL H32  H N N 149 
GOL HO3  H N N 150 
HOH O    O N N 151 
HOH H1   H N N 152 
HOH H2   H N N 153 
ILE N    N N N 154 
ILE CA   C N S 155 
ILE C    C N N 156 
ILE O    O N N 157 
ILE CB   C N S 158 
ILE CG1  C N N 159 
ILE CG2  C N N 160 
ILE CD1  C N N 161 
ILE OXT  O N N 162 
ILE H    H N N 163 
ILE H2   H N N 164 
ILE HA   H N N 165 
ILE HB   H N N 166 
ILE HG12 H N N 167 
ILE HG13 H N N 168 
ILE HG21 H N N 169 
ILE HG22 H N N 170 
ILE HG23 H N N 171 
ILE HD11 H N N 172 
ILE HD12 H N N 173 
ILE HD13 H N N 174 
ILE HXT  H N N 175 
LEU N    N N N 176 
LEU CA   C N S 177 
LEU C    C N N 178 
LEU O    O N N 179 
LEU CB   C N N 180 
LEU CG   C N N 181 
LEU CD1  C N N 182 
LEU CD2  C N N 183 
LEU OXT  O N N 184 
LEU H    H N N 185 
LEU H2   H N N 186 
LEU HA   H N N 187 
LEU HB2  H N N 188 
LEU HB3  H N N 189 
LEU HG   H N N 190 
LEU HD11 H N N 191 
LEU HD12 H N N 192 
LEU HD13 H N N 193 
LEU HD21 H N N 194 
LEU HD22 H N N 195 
LEU HD23 H N N 196 
LEU HXT  H N N 197 
LYS N    N N N 198 
LYS CA   C N S 199 
LYS C    C N N 200 
LYS O    O N N 201 
LYS CB   C N N 202 
LYS CG   C N N 203 
LYS CD   C N N 204 
LYS CE   C N N 205 
LYS NZ   N N N 206 
LYS OXT  O N N 207 
LYS H    H N N 208 
LYS H2   H N N 209 
LYS HA   H N N 210 
LYS HB2  H N N 211 
LYS HB3  H N N 212 
LYS HG2  H N N 213 
LYS HG3  H N N 214 
LYS HD2  H N N 215 
LYS HD3  H N N 216 
LYS HE2  H N N 217 
LYS HE3  H N N 218 
LYS HZ1  H N N 219 
LYS HZ2  H N N 220 
LYS HZ3  H N N 221 
LYS HXT  H N N 222 
NH2 N    N N N 223 
NH2 HN1  H N N 224 
NH2 HN2  H N N 225 
PHE N    N N N 226 
PHE CA   C N S 227 
PHE C    C N N 228 
PHE O    O N N 229 
PHE CB   C N N 230 
PHE CG   C Y N 231 
PHE CD1  C Y N 232 
PHE CD2  C Y N 233 
PHE CE1  C Y N 234 
PHE CE2  C Y N 235 
PHE CZ   C Y N 236 
PHE OXT  O N N 237 
PHE H    H N N 238 
PHE H2   H N N 239 
PHE HA   H N N 240 
PHE HB2  H N N 241 
PHE HB3  H N N 242 
PHE HD1  H N N 243 
PHE HD2  H N N 244 
PHE HE1  H N N 245 
PHE HE2  H N N 246 
PHE HZ   H N N 247 
PHE HXT  H N N 248 
THR N    N N N 249 
THR CA   C N S 250 
THR C    C N N 251 
THR O    O N N 252 
THR CB   C N R 253 
THR OG1  O N N 254 
THR CG2  C N N 255 
THR OXT  O N N 256 
THR H    H N N 257 
THR H2   H N N 258 
THR HA   H N N 259 
THR HB   H N N 260 
THR HG1  H N N 261 
THR HG21 H N N 262 
THR HG22 H N N 263 
THR HG23 H N N 264 
THR HXT  H N N 265 
TRP N    N N N 266 
TRP CA   C N S 267 
TRP C    C N N 268 
TRP O    O N N 269 
TRP CB   C N N 270 
TRP CG   C Y N 271 
TRP CD1  C Y N 272 
TRP CD2  C Y N 273 
TRP NE1  N Y N 274 
TRP CE2  C Y N 275 
TRP CE3  C Y N 276 
TRP CZ2  C Y N 277 
TRP CZ3  C Y N 278 
TRP CH2  C Y N 279 
TRP OXT  O N N 280 
TRP H    H N N 281 
TRP H2   H N N 282 
TRP HA   H N N 283 
TRP HB2  H N N 284 
TRP HB3  H N N 285 
TRP HD1  H N N 286 
TRP HE1  H N N 287 
TRP HE3  H N N 288 
TRP HZ2  H N N 289 
TRP HZ3  H N N 290 
TRP HH2  H N N 291 
TRP HXT  H N N 292 
TYR N    N N N 293 
TYR CA   C N S 294 
TYR C    C N N 295 
TYR O    O N N 296 
TYR CB   C N N 297 
TYR CG   C Y N 298 
TYR CD1  C Y N 299 
TYR CD2  C Y N 300 
TYR CE1  C Y N 301 
TYR CE2  C Y N 302 
TYR CZ   C Y N 303 
TYR OH   O N N 304 
TYR OXT  O N N 305 
TYR H    H N N 306 
TYR H2   H N N 307 
TYR HA   H N N 308 
TYR HB2  H N N 309 
TYR HB3  H N N 310 
TYR HD1  H N N 311 
TYR HD2  H N N 312 
TYR HE1  H N N 313 
TYR HE2  H N N 314 
TYR HH   H N N 315 
TYR HXT  H N N 316 
VAL N    N N N 317 
VAL CA   C N S 318 
VAL C    C N N 319 
VAL O    O N N 320 
VAL CB   C N N 321 
VAL CG1  C N N 322 
VAL CG2  C N N 323 
VAL OXT  O N N 324 
VAL H    H N N 325 
VAL H2   H N N 326 
VAL HA   H N N 327 
VAL HB   H N N 328 
VAL HG11 H N N 329 
VAL HG12 H N N 330 
VAL HG13 H N N 331 
VAL HG21 H N N 332 
VAL HG22 H N N 333 
VAL HG23 H N N 334 
VAL HXT  H N N 335 
# 
loop_
_chem_comp_bond.comp_id 
_chem_comp_bond.atom_id_1 
_chem_comp_bond.atom_id_2 
_chem_comp_bond.value_order 
_chem_comp_bond.pdbx_aromatic_flag 
_chem_comp_bond.pdbx_stereo_config 
_chem_comp_bond.pdbx_ordinal 
1VR CD1 CG   sing N N 1   
1VR CG  CD2  sing N N 2   
1VR CG  CB   sing N N 3   
1VR N   CB   sing N N 4   
1VR CA  CB   sing N N 5   
1VR CA  C    sing N N 6   
1VR C   O    doub N N 7   
1VR C   OXT  sing N N 8   
1VR CA  HA1  sing N N 9   
1VR CA  HA2  sing N N 10  
1VR CB  HB   sing N N 11  
1VR N   H    sing N N 12  
1VR N   H2   sing N N 13  
1VR CG  HG   sing N N 14  
1VR CD2 H3   sing N N 15  
1VR CD2 H4   sing N N 16  
1VR CD2 H5   sing N N 17  
1VR CD1 H6   sing N N 18  
1VR CD1 H7   sing N N 19  
1VR CD1 H8   sing N N 20  
1VR OXT HXT  sing N N 21  
ALA N   CA   sing N N 22  
ALA N   H    sing N N 23  
ALA N   H2   sing N N 24  
ALA CA  C    sing N N 25  
ALA CA  CB   sing N N 26  
ALA CA  HA   sing N N 27  
ALA C   O    doub N N 28  
ALA C   OXT  sing N N 29  
ALA CB  HB1  sing N N 30  
ALA CB  HB2  sing N N 31  
ALA CB  HB3  sing N N 32  
ALA OXT HXT  sing N N 33  
ASN N   CA   sing N N 34  
ASN N   H    sing N N 35  
ASN N   H2   sing N N 36  
ASN CA  C    sing N N 37  
ASN CA  CB   sing N N 38  
ASN CA  HA   sing N N 39  
ASN C   O    doub N N 40  
ASN C   OXT  sing N N 41  
ASN CB  CG   sing N N 42  
ASN CB  HB2  sing N N 43  
ASN CB  HB3  sing N N 44  
ASN CG  OD1  doub N N 45  
ASN CG  ND2  sing N N 46  
ASN ND2 HD21 sing N N 47  
ASN ND2 HD22 sing N N 48  
ASN OXT HXT  sing N N 49  
ASP N   CA   sing N N 50  
ASP N   H    sing N N 51  
ASP N   H2   sing N N 52  
ASP CA  C    sing N N 53  
ASP CA  CB   sing N N 54  
ASP CA  HA   sing N N 55  
ASP C   O    doub N N 56  
ASP C   OXT  sing N N 57  
ASP CB  CG   sing N N 58  
ASP CB  HB2  sing N N 59  
ASP CB  HB3  sing N N 60  
ASP CG  OD1  doub N N 61  
ASP CG  OD2  sing N N 62  
ASP OD2 HD2  sing N N 63  
ASP OXT HXT  sing N N 64  
B3D OE1 CD   sing N N 65  
B3D OE1 HE1  sing N N 66  
B3D CD  OE2  doub N N 67  
B3D CD  CG   sing N N 68  
B3D CG  CA   sing N N 69  
B3D CG  HG3  sing N N 70  
B3D CG  HG2  sing N N 71  
B3D CA  N    sing N N 72  
B3D CA  CB   sing N N 73  
B3D CA  HA   sing N N 74  
B3D N   H    sing N N 75  
B3D N   H2   sing N N 76  
B3D CB  C    sing N N 77  
B3D CB  HB1  sing N N 78  
B3D CB  HB2  sing N N 79  
B3D C   OXT  sing N N 80  
B3D C   O    doub N N 81  
B3D OXT HXT  sing N N 82  
GLN N   CA   sing N N 83  
GLN N   H    sing N N 84  
GLN N   H2   sing N N 85  
GLN CA  C    sing N N 86  
GLN CA  CB   sing N N 87  
GLN CA  HA   sing N N 88  
GLN C   O    doub N N 89  
GLN C   OXT  sing N N 90  
GLN CB  CG   sing N N 91  
GLN CB  HB2  sing N N 92  
GLN CB  HB3  sing N N 93  
GLN CG  CD   sing N N 94  
GLN CG  HG2  sing N N 95  
GLN CG  HG3  sing N N 96  
GLN CD  OE1  doub N N 97  
GLN CD  NE2  sing N N 98  
GLN NE2 HE21 sing N N 99  
GLN NE2 HE22 sing N N 100 
GLN OXT HXT  sing N N 101 
GLU N   CA   sing N N 102 
GLU N   H    sing N N 103 
GLU N   H2   sing N N 104 
GLU CA  C    sing N N 105 
GLU CA  CB   sing N N 106 
GLU CA  HA   sing N N 107 
GLU C   O    doub N N 108 
GLU C   OXT  sing N N 109 
GLU CB  CG   sing N N 110 
GLU CB  HB2  sing N N 111 
GLU CB  HB3  sing N N 112 
GLU CG  CD   sing N N 113 
GLU CG  HG2  sing N N 114 
GLU CG  HG3  sing N N 115 
GLU CD  OE1  doub N N 116 
GLU CD  OE2  sing N N 117 
GLU OE2 HE2  sing N N 118 
GLU OXT HXT  sing N N 119 
GLY N   CA   sing N N 120 
GLY N   H    sing N N 121 
GLY N   H2   sing N N 122 
GLY CA  C    sing N N 123 
GLY CA  HA2  sing N N 124 
GLY CA  HA3  sing N N 125 
GLY C   O    doub N N 126 
GLY C   OXT  sing N N 127 
GLY OXT HXT  sing N N 128 
GOL C1  O1   sing N N 129 
GOL C1  C2   sing N N 130 
GOL C1  H11  sing N N 131 
GOL C1  H12  sing N N 132 
GOL O1  HO1  sing N N 133 
GOL C2  O2   sing N N 134 
GOL C2  C3   sing N N 135 
GOL C2  H2   sing N N 136 
GOL O2  HO2  sing N N 137 
GOL C3  O3   sing N N 138 
GOL C3  H31  sing N N 139 
GOL C3  H32  sing N N 140 
GOL O3  HO3  sing N N 141 
HOH O   H1   sing N N 142 
HOH O   H2   sing N N 143 
ILE N   CA   sing N N 144 
ILE N   H    sing N N 145 
ILE N   H2   sing N N 146 
ILE CA  C    sing N N 147 
ILE CA  CB   sing N N 148 
ILE CA  HA   sing N N 149 
ILE C   O    doub N N 150 
ILE C   OXT  sing N N 151 
ILE CB  CG1  sing N N 152 
ILE CB  CG2  sing N N 153 
ILE CB  HB   sing N N 154 
ILE CG1 CD1  sing N N 155 
ILE CG1 HG12 sing N N 156 
ILE CG1 HG13 sing N N 157 
ILE CG2 HG21 sing N N 158 
ILE CG2 HG22 sing N N 159 
ILE CG2 HG23 sing N N 160 
ILE CD1 HD11 sing N N 161 
ILE CD1 HD12 sing N N 162 
ILE CD1 HD13 sing N N 163 
ILE OXT HXT  sing N N 164 
LEU N   CA   sing N N 165 
LEU N   H    sing N N 166 
LEU N   H2   sing N N 167 
LEU CA  C    sing N N 168 
LEU CA  CB   sing N N 169 
LEU CA  HA   sing N N 170 
LEU C   O    doub N N 171 
LEU C   OXT  sing N N 172 
LEU CB  CG   sing N N 173 
LEU CB  HB2  sing N N 174 
LEU CB  HB3  sing N N 175 
LEU CG  CD1  sing N N 176 
LEU CG  CD2  sing N N 177 
LEU CG  HG   sing N N 178 
LEU CD1 HD11 sing N N 179 
LEU CD1 HD12 sing N N 180 
LEU CD1 HD13 sing N N 181 
LEU CD2 HD21 sing N N 182 
LEU CD2 HD22 sing N N 183 
LEU CD2 HD23 sing N N 184 
LEU OXT HXT  sing N N 185 
LYS N   CA   sing N N 186 
LYS N   H    sing N N 187 
LYS N   H2   sing N N 188 
LYS CA  C    sing N N 189 
LYS CA  CB   sing N N 190 
LYS CA  HA   sing N N 191 
LYS C   O    doub N N 192 
LYS C   OXT  sing N N 193 
LYS CB  CG   sing N N 194 
LYS CB  HB2  sing N N 195 
LYS CB  HB3  sing N N 196 
LYS CG  CD   sing N N 197 
LYS CG  HG2  sing N N 198 
LYS CG  HG3  sing N N 199 
LYS CD  CE   sing N N 200 
LYS CD  HD2  sing N N 201 
LYS CD  HD3  sing N N 202 
LYS CE  NZ   sing N N 203 
LYS CE  HE2  sing N N 204 
LYS CE  HE3  sing N N 205 
LYS NZ  HZ1  sing N N 206 
LYS NZ  HZ2  sing N N 207 
LYS NZ  HZ3  sing N N 208 
LYS OXT HXT  sing N N 209 
NH2 N   HN1  sing N N 210 
NH2 N   HN2  sing N N 211 
PHE N   CA   sing N N 212 
PHE N   H    sing N N 213 
PHE N   H2   sing N N 214 
PHE CA  C    sing N N 215 
PHE CA  CB   sing N N 216 
PHE CA  HA   sing N N 217 
PHE C   O    doub N N 218 
PHE C   OXT  sing N N 219 
PHE CB  CG   sing N N 220 
PHE CB  HB2  sing N N 221 
PHE CB  HB3  sing N N 222 
PHE CG  CD1  doub Y N 223 
PHE CG  CD2  sing Y N 224 
PHE CD1 CE1  sing Y N 225 
PHE CD1 HD1  sing N N 226 
PHE CD2 CE2  doub Y N 227 
PHE CD2 HD2  sing N N 228 
PHE CE1 CZ   doub Y N 229 
PHE CE1 HE1  sing N N 230 
PHE CE2 CZ   sing Y N 231 
PHE CE2 HE2  sing N N 232 
PHE CZ  HZ   sing N N 233 
PHE OXT HXT  sing N N 234 
THR N   CA   sing N N 235 
THR N   H    sing N N 236 
THR N   H2   sing N N 237 
THR CA  C    sing N N 238 
THR CA  CB   sing N N 239 
THR CA  HA   sing N N 240 
THR C   O    doub N N 241 
THR C   OXT  sing N N 242 
THR CB  OG1  sing N N 243 
THR CB  CG2  sing N N 244 
THR CB  HB   sing N N 245 
THR OG1 HG1  sing N N 246 
THR CG2 HG21 sing N N 247 
THR CG2 HG22 sing N N 248 
THR CG2 HG23 sing N N 249 
THR OXT HXT  sing N N 250 
TRP N   CA   sing N N 251 
TRP N   H    sing N N 252 
TRP N   H2   sing N N 253 
TRP CA  C    sing N N 254 
TRP CA  CB   sing N N 255 
TRP CA  HA   sing N N 256 
TRP C   O    doub N N 257 
TRP C   OXT  sing N N 258 
TRP CB  CG   sing N N 259 
TRP CB  HB2  sing N N 260 
TRP CB  HB3  sing N N 261 
TRP CG  CD1  doub Y N 262 
TRP CG  CD2  sing Y N 263 
TRP CD1 NE1  sing Y N 264 
TRP CD1 HD1  sing N N 265 
TRP CD2 CE2  doub Y N 266 
TRP CD2 CE3  sing Y N 267 
TRP NE1 CE2  sing Y N 268 
TRP NE1 HE1  sing N N 269 
TRP CE2 CZ2  sing Y N 270 
TRP CE3 CZ3  doub Y N 271 
TRP CE3 HE3  sing N N 272 
TRP CZ2 CH2  doub Y N 273 
TRP CZ2 HZ2  sing N N 274 
TRP CZ3 CH2  sing Y N 275 
TRP CZ3 HZ3  sing N N 276 
TRP CH2 HH2  sing N N 277 
TRP OXT HXT  sing N N 278 
TYR N   CA   sing N N 279 
TYR N   H    sing N N 280 
TYR N   H2   sing N N 281 
TYR CA  C    sing N N 282 
TYR CA  CB   sing N N 283 
TYR CA  HA   sing N N 284 
TYR C   O    doub N N 285 
TYR C   OXT  sing N N 286 
TYR CB  CG   sing N N 287 
TYR CB  HB2  sing N N 288 
TYR CB  HB3  sing N N 289 
TYR CG  CD1  doub Y N 290 
TYR CG  CD2  sing Y N 291 
TYR CD1 CE1  sing Y N 292 
TYR CD1 HD1  sing N N 293 
TYR CD2 CE2  doub Y N 294 
TYR CD2 HD2  sing N N 295 
TYR CE1 CZ   doub Y N 296 
TYR CE1 HE1  sing N N 297 
TYR CE2 CZ   sing Y N 298 
TYR CE2 HE2  sing N N 299 
TYR CZ  OH   sing N N 300 
TYR OH  HH   sing N N 301 
TYR OXT HXT  sing N N 302 
VAL N   CA   sing N N 303 
VAL N   H    sing N N 304 
VAL N   H2   sing N N 305 
VAL CA  C    sing N N 306 
VAL CA  CB   sing N N 307 
VAL CA  HA   sing N N 308 
VAL C   O    doub N N 309 
VAL C   OXT  sing N N 310 
VAL CB  CG1  sing N N 311 
VAL CB  CG2  sing N N 312 
VAL CB  HB   sing N N 313 
VAL CG1 HG11 sing N N 314 
VAL CG1 HG12 sing N N 315 
VAL CG1 HG13 sing N N 316 
VAL CG2 HG21 sing N N 317 
VAL CG2 HG22 sing N N 318 
VAL CG2 HG23 sing N N 319 
VAL OXT HXT  sing N N 320 
# 
_pdbx_initial_refinement_model.id               1 
_pdbx_initial_refinement_model.entity_id_list   ? 
_pdbx_initial_refinement_model.type             'experimental model' 
_pdbx_initial_refinement_model.source_name      PDB 
_pdbx_initial_refinement_model.accession_code   2QMT 
_pdbx_initial_refinement_model.details          'PDB 2QMT' 
# 
_atom_sites.entry_id                    4KGS 
_atom_sites.fract_transf_matrix[1][1]   0.00871622 
_atom_sites.fract_transf_matrix[1][2]   -0.00380623 
_atom_sites.fract_transf_matrix[1][3]   0.01078593 
_atom_sites.fract_transf_matrix[2][1]   -0.02228919 
_atom_sites.fract_transf_matrix[2][2]   -0.00663856 
_atom_sites.fract_transf_matrix[2][3]   0.01566944 
_atom_sites.fract_transf_matrix[3][1]   0.00829244 
_atom_sites.fract_transf_matrix[3][2]   -0.02343291 
_atom_sites.fract_transf_matrix[3][3]   0.00186803 
_atom_sites.fract_transf_vector[1]      -0.191796 
_atom_sites.fract_transf_vector[2]      0.347621 
_atom_sites.fract_transf_vector[3]      -0.676600 
# 
loop_
_atom_type.symbol 
C 
H 
N 
O 
# 
loop_
_atom_site.group_PDB 
_atom_site.id 
_atom_site.type_symbol 
_atom_site.label_atom_id 
_atom_site.label_alt_id 
_atom_site.label_comp_id 
_atom_site.label_asym_id 
_atom_site.label_entity_id 
_atom_site.label_seq_id 
_atom_site.pdbx_PDB_ins_code 
_atom_site.Cartn_x 
_atom_site.Cartn_y 
_atom_site.Cartn_z 
_atom_site.occupancy 
_atom_site.B_iso_or_equiv 
_atom_site.pdbx_formal_charge 
_atom_site.auth_seq_id 
_atom_site.auth_comp_id 
_atom_site.auth_asym_id 
_atom_site.auth_atom_id 
_atom_site.pdbx_PDB_model_num 
ATOM   1    N N    . ASP A 1 1  ? 14.060  -5.750  -6.513  1.00 40.91 ? 1   ASP A N    1 
ATOM   2    C CA   . ASP A 1 1  ? 13.627  -7.096  -6.877  1.00 36.36 ? 1   ASP A CA   1 
ATOM   3    C C    . ASP A 1 1  ? 12.112  -7.154  -6.965  1.00 21.68 ? 1   ASP A C    1 
ATOM   4    O O    . ASP A 1 1  ? 11.415  -6.279  -6.452  1.00 29.50 ? 1   ASP A O    1 
ATOM   5    C CB   . ASP A 1 1  ? 14.102  -8.116  -5.839  1.00 49.19 ? 1   ASP A CB   1 
ATOM   6    C CG   . ASP A 1 1  ? 15.602  -8.078  -5.618  1.00 53.78 ? 1   ASP A CG   1 
ATOM   7    O OD1  . ASP A 1 1  ? 16.132  -6.997  -5.288  1.00 52.17 ? 1   ASP A OD1  1 
ATOM   8    O OD2  . ASP A 1 1  ? 16.249  -9.135  -5.778  1.00 60.76 ? 1   ASP A OD2  1 
ATOM   9    H HA   . ASP A 1 1  ? 14.002  -7.338  -7.750  1.00 43.45 ? 1   ASP A HA   1 
ATOM   10   H HB2  . ASP A 1 1  ? 13.670  -7.928  -4.991  1.00 58.84 ? 1   ASP A HB2  1 
ATOM   11   H HB3  . ASP A 1 1  ? 13.866  -9.006  -6.142  1.00 58.84 ? 1   ASP A HB3  1 
ATOM   12   N N    . THR A 1 2  ? 11.605  -8.191  -7.614  1.00 22.18 ? 2   THR A N    1 
ATOM   13   C CA   . THR A 1 2  ? 10.169  -8.423  -7.658  1.00 31.22 ? 2   THR A CA   1 
ATOM   14   C C    . THR A 1 2  ? 9.763   -9.366  -6.527  1.00 25.87 ? 2   THR A C    1 
ATOM   15   O O    . THR A 1 2  ? 10.267  -10.479 -6.418  1.00 28.81 ? 2   THR A O    1 
ATOM   16   C CB   . THR A 1 2  ? 9.733   -9.023  -9.006  1.00 30.82 ? 2   THR A CB   1 
ATOM   17   O OG1  . THR A 1 2  ? 10.049  -8.102  -10.054 1.00 28.40 ? 2   THR A OG1  1 
ATOM   18   C CG2  . THR A 1 2  ? 8.233   -9.323  -9.010  1.00 25.78 ? 2   THR A CG2  1 
ATOM   19   H H    . THR A 1 2  ? 12.070  -8.777  -8.037  1.00 26.43 ? 2   THR A H    1 
ATOM   20   H HA   . THR A 1 2  ? 9.700   -7.572  -7.534  1.00 37.28 ? 2   THR A HA   1 
ATOM   21   H HB   . THR A 1 2  ? 10.209  -9.855  -9.156  1.00 36.80 ? 2   THR A HB   1 
ATOM   22   N N    . TYR A 1 3  ? 8.860   -8.895  -5.680  1.00 19.84 ? 3   TYR A N    1 
ATOM   23   C CA   . TYR A 1 3  ? 8.304   -9.704  -4.611  1.00 17.46 ? 3   TYR A CA   1 
ATOM   24   C C    . TYR A 1 3  ? 6.927   -10.169 -5.010  1.00 19.54 ? 3   TYR A C    1 
ATOM   25   O O    . TYR A 1 3  ? 6.219   -9.480  -5.749  1.00 21.82 ? 3   TYR A O    1 
ATOM   26   C CB   . TYR A 1 3  ? 8.226   -8.882  -3.323  1.00 18.16 ? 3   TYR A CB   1 
ATOM   27   C CG   . TYR A 1 3  ? 9.578   -8.536  -2.783  1.00 19.03 ? 3   TYR A CG   1 
ATOM   28   C CD1  . TYR A 1 3  ? 10.295  -7.469  -3.303  1.00 22.54 ? 3   TYR A CD1  1 
ATOM   29   C CD2  . TYR A 1 3  ? 10.153  -9.281  -1.763  1.00 24.45 ? 3   TYR A CD2  1 
ATOM   30   C CE1  . TYR A 1 3  ? 11.550  -7.155  -2.827  1.00 24.84 ? 3   TYR A CE1  1 
ATOM   31   C CE2  . TYR A 1 3  ? 11.419  -8.973  -1.280  1.00 19.46 ? 3   TYR A CE2  1 
ATOM   32   C CZ   . TYR A 1 3  ? 12.111  -7.910  -1.817  1.00 24.29 ? 3   TYR A CZ   1 
ATOM   33   O OH   . TYR A 1 3  ? 13.367  -7.580  -1.359  1.00 25.41 ? 3   TYR A OH   1 
ATOM   34   H H    . TYR A 1 3  ? 8.548   -8.093  -5.705  1.00 23.62 ? 3   TYR A H    1 
ATOM   35   H HA   . TYR A 1 3  ? 8.873   -10.487 -4.455  1.00 20.76 ? 3   TYR A HA   1 
ATOM   36   H HB2  . TYR A 1 3  ? 7.752   -8.055  -3.503  1.00 21.60 ? 3   TYR A HB2  1 
ATOM   37   H HB3  . TYR A 1 3  ? 7.754   -9.395  -2.648  1.00 21.60 ? 3   TYR A HB3  1 
ATOM   38   H HD1  . TYR A 1 3  ? 9.926   -6.961  -3.990  1.00 26.87 ? 3   TYR A HD1  1 
ATOM   39   H HD2  . TYR A 1 3  ? 9.691   -10.004 -1.406  1.00 29.15 ? 3   TYR A HD2  1 
ATOM   40   H HE1  . TYR A 1 3  ? 12.019  -6.438  -3.189  1.00 29.62 ? 3   TYR A HE1  1 
ATOM   41   H HE2  . TYR A 1 3  ? 11.796  -9.480  -0.597  1.00 23.17 ? 3   TYR A HE2  1 
ATOM   42   N N    . LYS A 1 4  ? 6.532   -11.326 -4.505  1.00 18.51 ? 4   LYS A N    1 
ATOM   43   C CA   . LYS A 1 4  ? 5.212   -11.869 -4.787  1.00 20.80 ? 4   LYS A CA   1 
ATOM   44   C C    . LYS A 1 4  ? 4.356   -11.921 -3.525  1.00 21.74 ? 4   LYS A C    1 
ATOM   45   O O    . LYS A 1 4  ? 4.867   -12.137 -2.417  1.00 14.55 ? 4   LYS A O    1 
ATOM   46   C CB   . LYS A 1 4  ? 5.327   -13.270 -5.410  1.00 21.27 ? 4   LYS A CB   1 
ATOM   47   C CG   . LYS A 1 4  ? 3.992   -14.005 -5.544  1.00 24.38 ? 4   LYS A CG   1 
ATOM   48   C CD   . LYS A 1 4  ? 4.034   -15.109 -6.609  1.00 39.12 ? 4   LYS A CD   1 
ATOM   49   C CE   . LYS A 1 4  ? 5.273   -15.984 -6.491  1.00 53.27 ? 4   LYS A CE   1 
ATOM   50   N NZ   . LYS A 1 4  ? 5.176   -17.225 -7.325  1.00 60.81 ? 4   LYS A NZ   1 
ATOM   51   H H    . LYS A 1 4  ? 7.013   -11.820 -3.991  1.00 22.03 ? 4   LYS A H    1 
ATOM   52   H HA   . LYS A 1 4  ? 4.761   -11.288 -5.434  1.00 24.77 ? 4   LYS A HA   1 
ATOM   53   H HB2  . LYS A 1 4  ? 5.709   -13.185 -6.298  1.00 25.33 ? 4   LYS A HB2  1 
ATOM   54   H HB3  . LYS A 1 4  ? 5.909   -13.811 -4.853  1.00 25.33 ? 4   LYS A HB3  1 
ATOM   55   H HG2  . LYS A 1 4  ? 3.770   -14.415 -4.694  1.00 29.07 ? 4   LYS A HG2  1 
ATOM   56   H HG3  . LYS A 1 4  ? 3.305   -13.370 -5.797  1.00 29.07 ? 4   LYS A HG3  1 
ATOM   57   H HD2  . LYS A 1 4  ? 3.254   -15.677 -6.507  1.00 46.75 ? 4   LYS A HD2  1 
ATOM   58   H HD3  . LYS A 1 4  ? 4.036   -14.701 -7.489  1.00 46.75 ? 4   LYS A HD3  1 
ATOM   59   H HE2  . LYS A 1 4  ? 6.046   -15.479 -6.790  1.00 63.74 ? 4   LYS A HE2  1 
ATOM   60   H HE3  . LYS A 1 4  ? 5.386   -16.250 -5.565  1.00 63.74 ? 4   LYS A HE3  1 
ATOM   61   N N    . LEU A 1 5  ? 3.057   -11.699 -3.717  1.00 15.69 ? 5   LEU A N    1 
ATOM   62   C CA   . LEU A 1 5  ? 2.051   -11.909 -2.696  1.00 15.74 ? 5   LEU A CA   1 
ATOM   63   C C    . LEU A 1 5  ? 1.133   -13.046 -3.113  1.00 22.22 ? 5   LEU A C    1 
ATOM   64   O O    . LEU A 1 5  ? 0.580   -13.040 -4.210  1.00 19.75 ? 5   LEU A O    1 
ATOM   65   C CB   . LEU A 1 5  ? 1.187   -10.661 -2.482  1.00 17.24 ? 5   LEU A CB   1 
ATOM   66   C CG   . LEU A 1 5  ? 0.013   -10.897 -1.514  1.00 20.01 ? 5   LEU A CG   1 
ATOM   67   C CD1  . LEU A 1 5  ? 0.523   -11.202 -0.100  1.00 14.67 ? 5   LEU A CD1  1 
ATOM   68   C CD2  . LEU A 1 5  ? -0.962  -9.711  -1.504  1.00 22.85 ? 5   LEU A CD2  1 
ATOM   69   H H    . LEU A 1 5  ? 2.730   -11.417 -4.460  1.00 18.65 ? 5   LEU A H    1 
ATOM   70   H HA   . LEU A 1 5  ? 2.481   -12.145 -1.847  1.00 18.70 ? 5   LEU A HA   1 
ATOM   71   H HB2  . LEU A 1 5  ? 1.741   -9.954  -2.115  1.00 20.50 ? 5   LEU A HB2  1 
ATOM   72   H HB3  . LEU A 1 5  ? 0.819   -10.383 -3.335  1.00 20.50 ? 5   LEU A HB3  1 
ATOM   73   H HG   . LEU A 1 5  ? -0.480  -11.675 -1.817  1.00 23.83 ? 5   LEU A HG   1 
ATOM   74   N N    . ILE A 1 6  ? 0.964   -14.007 -2.222  1.00 16.74 ? 6   ILE A N    1 
ATOM   75   C CA   . ILE A 1 6  ? -0.056  -15.026 -2.365  1.00 19.23 ? 6   ILE A CA   1 
ATOM   76   C C    . ILE A 1 6  ? -1.206  -14.710 -1.417  1.00 23.43 ? 6   ILE A C    1 
ATOM   77   O O    . ILE A 1 6  ? -1.024  -14.642 -0.194  1.00 17.39 ? 6   ILE A O    1 
ATOM   78   C CB   . ILE A 1 6  ? 0.500   -16.429 -2.068  1.00 23.21 ? 6   ILE A CB   1 
ATOM   79   C CG1  . ILE A 1 6  ? 1.590   -16.794 -3.083  1.00 23.15 ? 6   ILE A CG1  1 
ATOM   80   C CG2  . ILE A 1 6  ? -0.621  -17.456 -2.096  1.00 22.20 ? 6   ILE A CG2  1 
ATOM   81   C CD1  . ILE A 1 6  ? 2.348   -18.080 -2.731  1.00 33.52 ? 6   ILE A CD1  1 
ATOM   82   H H    . ILE A 1 6  ? 1.440   -14.092 -1.510  1.00 19.91 ? 6   ILE A H    1 
ATOM   83   H HA   . ILE A 1 6  ? -0.399  -15.016 -3.283  1.00 22.89 ? 6   ILE A HA   1 
ATOM   84   H HB   . ILE A 1 6  ? 0.893   -16.424 -1.181  1.00 27.67 ? 6   ILE A HB   1 
ATOM   85   H HG12 . ILE A 1 6  ? 1.178   -16.920 -3.953  1.00 27.59 ? 6   ILE A HG12 1 
ATOM   86   H HG13 . ILE A 1 6  ? 2.235   -16.070 -3.125  1.00 27.59 ? 6   ILE A HG13 1 
ATOM   87   N N    . LEU A 1 7  ? -2.380  -14.494 -1.992  1.00 12.79 ? 7   LEU A N    1 
ATOM   88   C CA   . LEU A 1 7  ? -3.587  -14.247 -1.220  1.00 17.09 ? 7   LEU A CA   1 
ATOM   89   C C    . LEU A 1 7  ? -4.253  -15.581 -0.930  1.00 22.48 ? 7   LEU A C    1 
ATOM   90   O O    . LEU A 1 7  ? -4.581  -16.341 -1.841  1.00 22.94 ? 7   LEU A O    1 
ATOM   91   C CB   . LEU A 1 7  ? -4.556  -13.359 -2.004  1.00 23.91 ? 7   LEU A CB   1 
ATOM   92   C CG   . LEU A 1 7  ? -4.020  -12.017 -2.500  1.00 26.62 ? 7   LEU A CG   1 
ATOM   93   C CD1  . LEU A 1 7  ? -4.641  -11.676 -3.841  1.00 35.04 ? 7   LEU A CD1  1 
ATOM   94   C CD2  . LEU A 1 7  ? -4.320  -10.939 -1.476  1.00 22.93 ? 7   LEU A CD2  1 
ATOM   95   H H    . LEU A 1 7  ? -2.505  -14.485 -2.842  1.00 15.16 ? 7   LEU A H    1 
ATOM   96   H HA   . LEU A 1 7  ? -3.363  -13.809 -0.374  1.00 20.32 ? 7   LEU A HA   1 
ATOM   97   H HB2  . LEU A 1 7  ? -4.855  -13.853 -2.784  1.00 28.51 ? 7   LEU A HB2  1 
ATOM   98   H HB3  . LEU A 1 7  ? -5.318  -13.169 -1.435  1.00 28.51 ? 7   LEU A HB3  1 
ATOM   99   H HG   . LEU A 1 7  ? -3.058  -12.075 -2.613  1.00 31.76 ? 7   LEU A HG   1 
ATOM   100  N N    . ASN A 1 8  ? -4.457  -15.853 0.345   1.00 19.61 ? 8   ASN A N    1 
ATOM   101  C CA   . ASN A 1 8  ? -5.123  -17.059 0.750   1.00 25.27 ? 8   ASN A CA   1 
ATOM   102  C C    . ASN A 1 8  ? -6.122  -16.736 1.838   1.00 22.61 ? 8   ASN A C    1 
ATOM   103  O O    . ASN A 1 8  ? -6.097  -17.321 2.924   1.00 23.95 ? 8   ASN A O    1 
ATOM   104  C CB   . ASN A 1 8  ? -4.102  -18.096 1.220   1.00 30.20 ? 8   ASN A CB   1 
ATOM   105  C CG   . ASN A 1 8  ? -4.711  -19.465 1.372   1.00 35.08 ? 8   ASN A CG   1 
ATOM   106  O OD1  . ASN A 1 8  ? -5.203  -20.041 0.403   1.00 37.14 ? 8   ASN A OD1  1 
ATOM   107  N ND2  . ASN A 1 8  ? -4.682  -19.997 2.587   1.00 42.53 ? 8   ASN A ND2  1 
ATOM   108  H H    . ASN A 1 8  ? -4.214  -15.347 0.997   1.00 23.35 ? 8   ASN A H    1 
ATOM   109  H HA   . ASN A 1 8  ? -5.610  -17.431 -0.015  1.00 30.13 ? 8   ASN A HA   1 
ATOM   110  H HB2  . ASN A 1 8  ? -3.386  -18.155 0.569   1.00 36.06 ? 8   ASN A HB2  1 
ATOM   111  H HB3  . ASN A 1 8  ? -3.749  -17.826 2.083   1.00 36.06 ? 8   ASN A HB3  1 
ATOM   112  N N    . GLY A 1 9  ? -6.993  -15.773 1.550   1.00 21.86 ? 9   GLY A N    1 
ATOM   113  C CA   . GLY A 1 9  ? -8.090  -15.455 2.440   1.00 17.36 ? 9   GLY A CA   1 
ATOM   114  C C    . GLY A 1 9  ? -9.177  -16.514 2.367   1.00 18.01 ? 9   GLY A C    1 
ATOM   115  O O    . GLY A 1 9  ? -9.058  -17.481 1.620   1.00 21.05 ? 9   GLY A O    1 
ATOM   116  H H    . GLY A 1 9  ? -6.966  -15.289 0.840   1.00 26.05 ? 9   GLY A H    1 
ATOM   117  H HA2  . GLY A 1 9  ? -7.766  -15.404 3.354   1.00 20.64 ? 9   GLY A HA2  1 
ATOM   118  H HA3  . GLY A 1 9  ? -8.472  -14.598 2.197   1.00 20.64 ? 9   GLY A HA3  1 
ATOM   119  N N    . LYS A 1 10 ? -10.243 -16.330 3.135   1.00 21.35 ? 10  LYS A N    1 
ATOM   120  C CA   . LYS A 1 10 ? -11.305 -17.326 3.193   1.00 27.31 ? 10  LYS A CA   1 
ATOM   121  C C    . LYS A 1 10 ? -12.015 -17.448 1.844   1.00 21.21 ? 10  LYS A C    1 
ATOM   122  O O    . LYS A 1 10 ? -12.392 -18.552 1.442   1.00 21.44 ? 10  LYS A O    1 
ATOM   123  C CB   . LYS A 1 10 ? -12.282 -17.024 4.343   1.00 26.77 ? 10  LYS A CB   1 
ATOM   124  C CG   . LYS A 1 10 ? -13.084 -15.735 4.223   1.00 36.67 ? 10  LYS A CG   1 
ATOM   125  C CD   . LYS A 1 10 ? -13.689 -15.335 5.576   1.00 41.32 ? 10  LYS A CD   1 
ATOM   126  C CE   . LYS A 1 10 ? -14.512 -14.045 5.486   1.00 42.52 ? 10  LYS A CE   1 
ATOM   127  N NZ   . LYS A 1 10 ? -13.710 -12.890 4.959   1.00 38.20 ? 10  LYS A NZ   1 
ATOM   128  H H    . LYS A 1 10 ? -10.376 -15.639 3.631   1.00 25.43 ? 10  LYS A H    1 
ATOM   129  H HA   . LYS A 1 10 ? -10.896 -18.196 3.383   1.00 32.59 ? 10  LYS A HA   1 
ATOM   130  H HB2  . LYS A 1 10 ? -12.918 -17.754 4.402   1.00 31.94 ? 10  LYS A HB2  1 
ATOM   131  H HB3  . LYS A 1 10 ? -11.775 -16.972 5.168   1.00 31.94 ? 10  LYS A HB3  1 
ATOM   132  H HG2  . LYS A 1 10 ? -12.500 -15.020 3.927   1.00 43.82 ? 10  LYS A HG2  1 
ATOM   133  H HG3  . LYS A 1 10 ? -13.809 -15.864 3.591   1.00 43.82 ? 10  LYS A HG3  1 
ATOM   134  H HD2  . LYS A 1 10 ? -14.274 -16.044 5.884   1.00 49.40 ? 10  LYS A HD2  1 
ATOM   135  H HD3  . LYS A 1 10 ? -12.973 -15.192 6.214   1.00 49.40 ? 10  LYS A HD3  1 
ATOM   136  H HE2  . LYS A 1 10 ? -15.262 -14.188 4.887   1.00 50.84 ? 10  LYS A HE2  1 
ATOM   137  H HE3  . LYS A 1 10 ? -14.831 -13.809 6.371   1.00 50.84 ? 10  LYS A HE3  1 
ATOM   138  N N    . THR A 1 11 ? -12.180 -16.318 1.152   1.00 24.35 ? 11  THR A N    1 
ATOM   139  C CA   . THR A 1 11 ? -12.699 -16.304 -0.224  1.00 20.31 ? 11  THR A CA   1 
ATOM   140  C C    . THR A 1 11 ? -11.732 -15.677 -1.246  1.00 19.50 ? 11  THR A C    1 
ATOM   141  O O    . THR A 1 11 ? -11.850 -15.934 -2.442  1.00 17.76 ? 11  THR A O    1 
ATOM   142  C CB   . THR A 1 11 ? -14.057 -15.546 -0.333  1.00 22.96 ? 11  THR A CB   1 
ATOM   143  O OG1  . THR A 1 11 ? -13.935 -14.229 0.229   1.00 19.37 ? 11  THR A OG1  1 
ATOM   144  C CG2  . THR A 1 11 ? -15.171 -16.302 0.373   1.00 17.12 ? 11  THR A CG2  1 
ATOM   145  H H    . THR A 1 11 ? -11.997 -15.536 1.460   1.00 29.03 ? 11  THR A H    1 
ATOM   146  H HA   . THR A 1 11 ? -12.858 -17.230 -0.502  1.00 24.19 ? 11  THR A HA   1 
ATOM   147  H HB   . THR A 1 11 ? -14.298 -15.467 -1.270  1.00 27.36 ? 11  THR A HB   1 
ATOM   148  N N    . LEU A 1 12 ? -10.789 -14.859 -0.785  1.00 17.27 ? 12  LEU A N    1 
ATOM   149  C CA   . LEU A 1 12 ? -9.919  -14.124 -1.693  1.00 16.18 ? 12  LEU A CA   1 
ATOM   150  C C    . LEU A 1 12 ? -8.613  -14.872 -1.946  1.00 22.62 ? 12  LEU A C    1 
ATOM   151  O O    . LEU A 1 12 ? -7.721  -14.927 -1.090  1.00 21.64 ? 12  LEU A O    1 
ATOM   152  C CB   . LEU A 1 12 ? -9.644  -12.703 -1.180  1.00 15.21 ? 12  LEU A CB   1 
ATOM   153  C CG   . LEU A 1 12 ? -8.781  -11.856 -2.133  1.00 20.01 ? 12  LEU A CG   1 
ATOM   154  C CD1  . LEU A 1 12 ? -9.550  -11.523 -3.405  1.00 19.29 ? 12  LEU A CD1  1 
ATOM   155  C CD2  . LEU A 1 12 ? -8.292  -10.572 -1.462  1.00 12.95 ? 12  LEU A CD2  1 
ATOM   156  H H    . LEU A 1 12 ? -10.634 -14.713 0.048   1.00 20.53 ? 12  LEU A H    1 
ATOM   157  H HA   . LEU A 1 12 ? -10.377 -14.039 -2.556  1.00 19.23 ? 12  LEU A HA   1 
ATOM   158  H HB2  . LEU A 1 12 ? -10.491 -12.246 -1.060  1.00 18.06 ? 12  LEU A HB2  1 
ATOM   159  H HB3  . LEU A 1 12 ? -9.178  -12.762 -0.331  1.00 18.06 ? 12  LEU A HB3  1 
ATOM   160  H HG   . LEU A 1 12 ? -8.000  -12.372 -2.387  1.00 23.83 ? 12  LEU A HG   1 
ATOM   161  N N    . LYS A 1 13 ? -8.516  -15.428 -3.143  1.00 17.29 ? 13  LYS A N    1 
ATOM   162  C CA   . LYS A 1 13 ? -7.391  -16.251 -3.553  1.00 22.79 ? 13  LYS A CA   1 
ATOM   163  C C    . LYS A 1 13 ? -6.800  -15.654 -4.812  1.00 25.88 ? 13  LYS A C    1 
ATOM   164  O O    . LYS A 1 13 ? -7.532  -15.165 -5.668  1.00 30.75 ? 13  LYS A O    1 
ATOM   165  C CB   . LYS A 1 13 ? -7.870  -17.678 -3.849  1.00 27.51 ? 13  LYS A CB   1 
ATOM   166  C CG   . LYS A 1 13 ? -7.567  -18.709 -2.780  1.00 31.53 ? 13  LYS A CG   1 
ATOM   167  C CD   . LYS A 1 13 ? -8.284  -18.411 -1.486  1.00 28.94 ? 13  LYS A CD   1 
ATOM   168  C CE   . LYS A 1 13 ? -8.478  -19.662 -0.629  1.00 20.99 ? 13  LYS A CE   1 
ATOM   169  N NZ   . LYS A 1 13 ? -9.891  -19.690 -0.106  1.00 20.81 ? 13  LYS A NZ   1 
ATOM   170  H H    . LYS A 1 13 ? -9.112  -15.341 -3.756  1.00 20.57 ? 13  LYS A H    1 
ATOM   171  H HA   . LYS A 1 13 ? -6.708  -16.275 -2.850  1.00 27.16 ? 13  LYS A HA   1 
ATOM   172  H HB2  . LYS A 1 13 ? -8.832  -17.660 -3.970  1.00 32.82 ? 13  LYS A HB2  1 
ATOM   173  H HB3  . LYS A 1 13 ? -7.447  -17.978 -4.669  1.00 32.82 ? 13  LYS A HB3  1 
ATOM   174  H HG2  . LYS A 1 13 ? -7.853  -19.583 -3.090  1.00 37.65 ? 13  LYS A HG2  1 
ATOM   175  H HG3  . LYS A 1 13 ? -6.614  -18.713 -2.603  1.00 37.65 ? 13  LYS A HG3  1 
ATOM   176  H HD2  . LYS A 1 13 ? -7.764  -17.772 -0.973  1.00 34.55 ? 13  LYS A HD2  1 
ATOM   177  H HD3  . LYS A 1 13 ? -9.160  -18.044 -1.685  1.00 34.55 ? 13  LYS A HD3  1 
ATOM   178  H HE2  . LYS A 1 13 ? -8.330  -20.455 -1.169  1.00 25.00 ? 13  LYS A HE2  1 
ATOM   179  H HE3  . LYS A 1 13 ? -7.867  -19.641 0.124   1.00 25.00 ? 13  LYS A HE3  1 
ATOM   180  N N    . GLY A 1 14 ? -5.486  -15.721 -4.941  1.00 26.75 ? 14  GLY A N    1 
ATOM   181  C CA   . GLY A 1 14 ? -4.819  -15.159 -6.097  1.00 27.97 ? 14  GLY A CA   1 
ATOM   182  C C    . GLY A 1 14 ? -3.374  -14.842 -5.808  1.00 28.64 ? 14  GLY A C    1 
ATOM   183  O O    . GLY A 1 14 ? -2.878  -15.136 -4.729  1.00 26.74 ? 14  GLY A O    1 
ATOM   184  H H    . GLY A 1 14 ? -4.957  -16.087 -4.370  1.00 31.91 ? 14  GLY A H    1 
ATOM   185  H HA2  . GLY A 1 14 ? -4.856  -15.790 -6.832  1.00 33.37 ? 14  GLY A HA2  1 
ATOM   186  H HA3  . GLY A 1 14 ? -5.268  -14.343 -6.367  1.00 33.37 ? 14  GLY A HA3  1 
ATOM   187  N N    . GLU A 1 15 ? -2.697  -14.261 -6.794  1.00 21.30 ? 15  GLU A N    1 
ATOM   188  C CA   . GLU A 1 15 ? -1.304  -13.860 -6.664  1.00 26.09 ? 15  GLU A CA   1 
ATOM   189  C C    . GLU A 1 15 ? -1.134  -12.507 -7.309  1.00 28.42 ? 15  GLU A C    1 
ATOM   190  O O    . GLU A 1 15 ? -1.814  -12.187 -8.279  1.00 24.72 ? 15  GLU A O    1 
ATOM   191  C CB   . GLU A 1 15 ? -0.371  -14.827 -7.398  1.00 22.95 ? 15  GLU A CB   1 
ATOM   192  C CG   . GLU A 1 15 ? -0.318  -16.243 -6.879  1.00 43.85 ? 15  GLU A CG   1 
ATOM   193  C CD   . GLU A 1 15 ? 0.753   -17.061 -7.588  1.00 53.08 ? 15  GLU A CD   1 
ATOM   194  O OE1  . GLU A 1 15 ? 1.180   -16.650 -8.688  1.00 62.81 ? 15  GLU A OE1  1 
ATOM   195  O OE2  . GLU A 1 15 ? 1.174   -18.106 -7.048  1.00 65.64 ? 15  GLU A OE2  1 
ATOM   196  H H    . GLU A 1 15 ? -3.032  -14.086 -7.566  1.00 25.38 ? 15  GLU A H    1 
ATOM   197  H HA   . GLU A 1 15 ? -1.047  -13.809 -5.720  1.00 31.12 ? 15  GLU A HA   1 
ATOM   198  H HB2  . GLU A 1 15 ? -0.651  -14.872 -8.325  1.00 27.36 ? 15  GLU A HB2  1 
ATOM   199  H HB3  . GLU A 1 15 ? 0.530   -14.471 -7.353  1.00 27.36 ? 15  GLU A HB3  1 
ATOM   200  H HG2  . GLU A 1 15 ? -0.111  -16.228 -5.931  1.00 52.43 ? 15  GLU A HG2  1 
ATOM   201  H HG3  . GLU A 1 15 ? -1.175  -16.670 -7.029  1.00 52.43 ? 15  GLU A HG3  1 
ATOM   202  N N    . THR A 1 16 ? -0.207  -11.719 -6.788  1.00 21.14 ? 16  THR A N    1 
ATOM   203  C CA   . THR A 1 16 ? 0.149   -10.453 -7.413  1.00 23.69 ? 16  THR A CA   1 
ATOM   204  C C    . THR A 1 16 ? 1.592   -10.120 -7.019  1.00 22.57 ? 16  THR A C    1 
ATOM   205  O O    . THR A 1 16 ? 2.123   -10.677 -6.057  1.00 20.27 ? 16  THR A O    1 
ATOM   206  C CB   . THR A 1 16 ? -0.843  -9.332  -7.005  1.00 26.98 ? 16  THR A CB   1 
ATOM   207  O OG1  . THR A 1 16 ? -0.744  -8.234  -7.918  1.00 23.08 ? 16  THR A OG1  1 
ATOM   208  C CG2  . THR A 1 16 ? -0.581  -8.852  -5.563  1.00 19.53 ? 16  THR A CG2  1 
ATOM   209  H H    . THR A 1 16 ? 0.234   -11.894 -6.070  1.00 25.18 ? 16  THR A H    1 
ATOM   210  H HA   . THR A 1 16 ? 0.113   -10.553 -8.387  1.00 28.24 ? 16  THR A HA   1 
ATOM   211  H HB   . THR A 1 16 ? -1.746  -9.686  -7.039  1.00 32.20 ? 16  THR A HB   1 
ATOM   212  N N    . THR A 1 17 ? 2.229   -9.228  -7.767  1.00 14.00 ? 17  THR A N    1 
ATOM   213  C CA   . THR A 1 17 ? 3.634   -8.904  -7.540  1.00 17.72 ? 17  THR A CA   1 
ATOM   214  C C    . THR A 1 17 ? 3.866   -7.408  -7.441  1.00 18.79 ? 17  THR A C    1 
ATOM   215  O O    . THR A 1 17 ? 3.016   -6.601  -7.848  1.00 20.77 ? 17  THR A O    1 
ATOM   216  C CB   . THR A 1 17 ? 4.505   -9.452  -8.686  1.00 25.10 ? 17  THR A CB   1 
ATOM   217  O OG1  . THR A 1 17 ? 4.064   -8.871  -9.918  1.00 20.49 ? 17  THR A OG1  1 
ATOM   218  C CG2  . THR A 1 17 ? 4.384   -10.980 -8.791  1.00 23.54 ? 17  THR A CG2  1 
ATOM   219  H H    . THR A 1 17 ? 1.870   -8.793  -8.416  1.00 16.62 ? 17  THR A H    1 
ATOM   220  H HA   . THR A 1 17 ? 3.930   -9.317  -6.702  1.00 21.07 ? 17  THR A HA   1 
ATOM   221  H HB   . THR A 1 17 ? 5.435   -9.222  -8.530  1.00 29.93 ? 17  THR A HB   1 
ATOM   222  N N    . THR A 1 18 ? 5.028   -7.039  -6.907  1.00 16.36 ? 18  THR A N    1 
ATOM   223  C CA   . THR A 1 18 ? 5.403   -5.646  -6.757  1.00 18.97 ? 18  THR A CA   1 
ATOM   224  C C    . THR A 1 18 ? 6.916   -5.544  -6.734  1.00 22.35 ? 18  THR A C    1 
ATOM   225  O O    . THR A 1 18 ? 7.610   -6.516  -6.400  1.00 25.41 ? 18  THR A O    1 
ATOM   226  C CB   . THR A 1 18 ? 4.802   -4.994  -5.466  1.00 19.59 ? 18  THR A CB   1 
ATOM   227  O OG1  . THR A 1 18 ? 4.632   -3.598  -5.682  1.00 20.67 ? 18  THR A OG1  1 
ATOM   228  C CG2  . THR A 1 18 ? 5.710   -5.191  -4.248  1.00 17.10 ? 18  THR A CG2  1 
ATOM   229  H H    . THR A 1 18 ? 5.622   -7.591  -6.620  1.00 19.44 ? 18  THR A H    1 
ATOM   230  H HA   . THR A 1 18 ? 5.076   -5.142  -7.532  1.00 22.58 ? 18  THR A HA   1 
ATOM   231  H HB   . THR A 1 18 ? 3.941   -5.396  -5.273  1.00 23.32 ? 18  THR A HB   1 
ATOM   232  N N    . GLU A 1 19 ? 7.429   -4.381  -7.114  1.00 16.87 ? 19  GLU A N    1 
ATOM   233  C CA   . GLU A 1 19 ? 8.868   -4.144  -7.078  1.00 23.67 ? 19  GLU A CA   1 
ATOM   234  C C    . GLU A 1 19 ? 9.257   -3.378  -5.815  1.00 24.08 ? 19  GLU A C    1 
ATOM   235  O O    . GLU A 1 19 ? 8.591   -2.413  -5.422  1.00 28.46 ? 19  GLU A O    1 
ATOM   236  C CB   . GLU A 1 19 ? 9.338   -3.397  -8.333  1.00 25.80 ? 19  GLU A CB   1 
ATOM   237  C CG   . GLU A 1 19 ? 9.315   -4.256  -9.605  1.00 31.04 ? 19  GLU A CG   1 
ATOM   238  C CD   . GLU A 1 19 ? 9.827   -3.516  -10.837 1.00 40.40 ? 19  GLU A CD   1 
ATOM   239  O OE1  . GLU A 1 19 ? 10.653  -2.588  -10.680 1.00 45.15 ? 19  GLU A OE1  1 
ATOM   240  O OE2  . GLU A 1 19 ? 9.397   -3.855  -11.963 1.00 39.10 ? 19  GLU A OE2  1 
ATOM   241  H H    . GLU A 1 19 ? 6.968   -3.713  -7.397  1.00 20.06 ? 19  GLU A H    1 
ATOM   242  H HA   . GLU A 1 19 ? 9.328   -5.009  -7.056  1.00 28.22 ? 19  GLU A HA   1 
ATOM   243  H HB2  . GLU A 1 19 ? 8.757   -2.635  -8.480  1.00 30.77 ? 19  GLU A HB2  1 
ATOM   244  H HB3  . GLU A 1 19 ? 10.249  -3.095  -8.195  1.00 30.77 ? 19  GLU A HB3  1 
ATOM   245  H HG2  . GLU A 1 19 ? 9.877   -5.035  -9.469  1.00 37.06 ? 19  GLU A HG2  1 
ATOM   246  H HG3  . GLU A 1 19 ? 8.402   -4.534  -9.781  1.00 37.06 ? 19  GLU A HG3  1 
ATOM   247  N N    . ALA A 1 20 ? 10.330  -3.827  -5.180  1.00 24.78 ? 20  ALA A N    1 
ATOM   248  C CA   . ALA A 1 20 ? 10.902  -3.098  -4.060  1.00 31.12 ? 20  ALA A CA   1 
ATOM   249  C C    . ALA A 1 20 ? 12.418  -3.222  -4.022  1.00 30.97 ? 20  ALA A C    1 
ATOM   250  O O    . ALA A 1 20 ? 12.987  -4.270  -4.326  1.00 30.17 ? 20  ALA A O    1 
ATOM   251  C CB   . ALA A 1 20 ? 10.304  -3.570  -2.747  1.00 22.01 ? 20  ALA A CB   1 
ATOM   252  H H    . ALA A 1 20 ? 10.747  -4.553  -5.378  1.00 29.55 ? 20  ALA A H    1 
ATOM   253  H HA   . ALA A 1 20 ? 10.684  -2.149  -4.161  1.00 37.16 ? 20  ALA A HA   1 
HETATM 254  O O    . 1VR A 1 21 ? 15.276  -3.808  -1.570  1.00 44.22 ? 21  1VR A O    1 
HETATM 255  C C    . 1VR A 1 21 ? 14.590  -2.849  -1.264  1.00 33.63 ? 21  1VR A C    1 
HETATM 256  C CA   . 1VR A 1 21 ? 14.695  -1.586  -2.083  1.00 40.81 ? 21  1VR A CA   1 
HETATM 257  C CB   . 1VR A 1 21 ? 14.482  -2.009  -3.531  1.00 45.25 ? 21  1VR A CB   1 
HETATM 258  N N    . 1VR A 1 21 ? 13.040  -2.117  -3.640  1.00 35.21 ? 21  1VR A N    1 
HETATM 259  C CG   . 1VR A 1 21 ? 15.060  -1.005  -4.531  1.00 38.37 ? 21  1VR A CG   1 
HETATM 260  C CD2  . 1VR A 1 21 ? 15.230  -1.646  -5.904  1.00 43.20 ? 21  1VR A CD2  1 
HETATM 261  C CD1  . 1VR A 1 21 ? 14.183  0.240   -4.618  1.00 41.07 ? 21  1VR A CD1  1 
HETATM 262  H HA1  . 1VR A 1 21 ? 13.930  -0.868  -1.778  1.00 48.78 ? 21  1VR A HA1  1 
HETATM 263  H HA2  . 1VR A 1 21 ? 15.679  -1.131  -1.959  1.00 48.78 ? 21  1VR A HA2  1 
HETATM 264  H HB   . 1VR A 1 21 ? 14.950  -2.990  -3.692  1.00 54.11 ? 21  1VR A HB   1 
HETATM 265  H H    . 1VR A 1 21 ? 12.513  -1.289  -3.403  1.00 42.06 ? 21  1VR A H    1 
HETATM 266  H HG   . 1VR A 1 21 ? 16.053  -0.700  -4.172  1.00 45.86 ? 21  1VR A HG   1 
ATOM   267  N N    . ASP A 1 22 ? 13.751  -2.878  -0.228  1.00 27.97 ? 22  ASP A N    1 
ATOM   268  C CA   . ASP A 1 22 ? 13.673  -4.108  0.544   1.00 27.54 ? 22  ASP A CA   1 
ATOM   269  C C    . ASP A 1 22 ? 12.287  -4.715  0.782   1.00 27.27 ? 22  ASP A C    1 
ATOM   270  O O    . ASP A 1 22 ? 11.237  -4.135  0.476   1.00 19.34 ? 22  ASP A O    1 
ATOM   271  C CB   . ASP A 1 22 ? 14.448  -3.976  1.859   1.00 44.49 ? 22  ASP A CB   1 
ATOM   272  C CG   . ASP A 1 22 ? 13.872  -2.926  2.781   1.00 43.94 ? 22  ASP A CG   1 
ATOM   273  O OD1  . ASP A 1 22 ? 12.983  -2.168  2.339   1.00 44.48 ? 22  ASP A OD1  1 
ATOM   274  O OD2  . ASP A 1 22 ? 14.314  -2.861  3.952   1.00 53.17 ? 22  ASP A OD2  1 
ATOM   275  H H    . ASP A 1 22 ? 13.245  -2.235  0.035   1.00 33.38 ? 22  ASP A H    1 
ATOM   276  H HA   . ASP A 1 22 ? 14.158  -4.783  0.025   1.00 32.86 ? 22  ASP A HA   1 
ATOM   277  H HB2  . ASP A 1 22 ? 14.426  -4.827  2.324   1.00 53.20 ? 22  ASP A HB2  1 
ATOM   278  H HB3  . ASP A 1 22 ? 15.365  -3.730  1.662   1.00 53.20 ? 22  ASP A HB3  1 
ATOM   279  N N    . ALA A 1 23 ? 12.331  -5.927  1.318   1.00 19.11 ? 23  ALA A N    1 
ATOM   280  C CA   . ALA A 1 23 ? 11.158  -6.730  1.531   1.00 20.08 ? 23  ALA A CA   1 
ATOM   281  C C    . ALA A 1 23 ? 10.126  -6.011  2.387   1.00 21.66 ? 23  ALA A C    1 
ATOM   282  O O    . ALA A 1 23 ? 8.935   -6.157  2.136   1.00 17.60 ? 23  ALA A O    1 
ATOM   283  C CB   . ALA A 1 23 ? 11.553  -8.050  2.174   1.00 24.16 ? 23  ALA A CB   1 
ATOM   284  H H    . ALA A 1 23 ? 13.058  -6.310  1.573   1.00 22.75 ? 23  ALA A H    1 
ATOM   285  H HA   . ALA A 1 23 ? 10.746  -6.928  0.664   1.00 23.91 ? 23  ALA A HA   1 
ATOM   286  N N    . ALA A 1 24 ? 10.570  -5.249  3.391   1.00 19.05 ? 24  ALA A N    1 
ATOM   287  C CA   . ALA A 1 24 ? 9.633   -4.594  4.311   1.00 25.50 ? 24  ALA A CA   1 
ATOM   288  C C    . ALA A 1 24 ? 8.739   -3.576  3.592   1.00 19.78 ? 24  ALA A C    1 
ATOM   289  O O    . ALA A 1 24 ? 7.560   -3.441  3.935   1.00 17.50 ? 24  ALA A O    1 
ATOM   290  C CB   . ALA A 1 24 ? 10.369  -3.940  5.471   1.00 21.96 ? 24  ALA A CB   1 
ATOM   291  H H    . ALA A 1 24 ? 11.399  -5.097  3.561   1.00 22.68 ? 24  ALA A H    1 
ATOM   292  H HA   . ALA A 1 24 ? 9.045   -5.280  4.689   1.00 30.41 ? 24  ALA A HA   1 
ATOM   293  N N    . THR A 1 25 ? 9.295   -2.871  2.603   1.00 18.57 ? 25  THR A N    1 
ATOM   294  C CA   . THR A 1 25 ? 8.516   -1.926  1.792   1.00 21.28 ? 25  THR A CA   1 
ATOM   295  C C    . THR A 1 25 ? 7.493   -2.656  0.930   1.00 19.06 ? 25  THR A C    1 
ATOM   296  O O    . THR A 1 25 ? 6.347   -2.217  0.815   1.00 17.04 ? 25  THR A O    1 
ATOM   297  C CB   . THR A 1 25 ? 9.392   -1.054  0.855   1.00 29.24 ? 25  THR A CB   1 
ATOM   298  O OG1  . THR A 1 25 ? 10.403  -0.388  1.609   1.00 33.63 ? 25  THR A OG1  1 
ATOM   299  C CG2  . THR A 1 25 ? 8.526   -0.002  0.132   1.00 22.35 ? 25  THR A CG2  1 
ATOM   300  H H    . THR A 1 25 ? 10.124  -2.921  2.379   1.00 22.10 ? 25  THR A H    1 
ATOM   301  H HA   . THR A 1 25 ? 8.028   -1.325  2.393   1.00 25.35 ? 25  THR A HA   1 
ATOM   302  H HB   . THR A 1 25 ? 9.810   -1.619  0.186   1.00 34.90 ? 25  THR A HB   1 
ATOM   303  N N    . ALA A 1 26 ? 7.911   -3.761  0.317   1.00 16.51 ? 26  ALA A N    1 
ATOM   304  C CA   . ALA A 1 26 ? 6.981   -4.613  -0.411  1.00 17.67 ? 26  ALA A CA   1 
ATOM   305  C C    . ALA A 1 26 ? 5.849   -5.076  0.516   1.00 16.83 ? 26  ALA A C    1 
ATOM   306  O O    . ALA A 1 26 ? 4.675   -5.040  0.134   1.00 13.75 ? 26  ALA A O    1 
ATOM   307  C CB   . ALA A 1 26 ? 7.702   -5.800  -1.011  1.00 17.14 ? 26  ALA A CB   1 
ATOM   308  H H    . ALA A 1 26 ? 8.726   -4.037  0.309   1.00 19.63 ? 26  ALA A H    1 
ATOM   309  H HA   . ALA A 1 26 ? 6.582   -4.099  -1.143  1.00 21.02 ? 26  ALA A HA   1 
ATOM   310  N N    . GLU A 1 27 ? 6.189   -5.490  1.731   1.00 15.63 ? 27  GLU A N    1 
ATOM   311  C CA   . GLU A 1 27 ? 5.157   -5.891  2.694   1.00 16.46 ? 27  GLU A CA   1 
ATOM   312  C C    . GLU A 1 27 ? 4.126   -4.785  2.956   1.00 13.35 ? 27  GLU A C    1 
ATOM   313  O O    . GLU A 1 27 ? 2.931   -5.054  3.000   1.00 13.24 ? 27  GLU A O    1 
ATOM   314  C CB   . GLU A 1 27 ? 5.766   -6.340  4.020   1.00 15.84 ? 27  GLU A CB   1 
ATOM   315  C CG   . GLU A 1 27 ? 4.738   -7.005  4.919   1.00 18.89 ? 27  GLU A CG   1 
ATOM   316  C CD   . GLU A 1 27 ? 5.336   -7.547  6.207   1.00 31.98 ? 27  GLU A CD   1 
ATOM   317  O OE1  . GLU A 1 27 ? 6.559   -7.395  6.414   1.00 34.39 ? 27  GLU A OE1  1 
ATOM   318  O OE2  . GLU A 1 27 ? 4.578   -8.133  7.006   1.00 38.45 ? 27  GLU A OE2  1 
ATOM   319  H H    . GLU A 1 27 ? 6.995   -5.548  2.025   1.00 18.57 ? 27  GLU A H    1 
ATOM   320  H HA   . GLU A 1 27 ? 4.673   -6.657  2.322   1.00 19.57 ? 27  GLU A HA   1 
ATOM   321  H HB2  . GLU A 1 27 ? 6.474   -6.979  3.845   1.00 18.83 ? 27  GLU A HB2  1 
ATOM   322  H HB3  . GLU A 1 27 ? 6.120   -5.567  4.486   1.00 18.83 ? 27  GLU A HB3  1 
ATOM   323  H HG2  . GLU A 1 27 ? 4.057   -6.355  5.155   1.00 22.49 ? 27  GLU A HG2  1 
ATOM   324  H HG3  . GLU A 1 27 ? 4.335   -7.748  4.441   1.00 22.49 ? 27  GLU A HG3  1 
ATOM   325  N N    . LYS A 1 28 ? 4.583   -3.549  3.135   1.00 16.47 ? 28  LYS A N    1 
ATOM   326  C CA   . LYS A 1 28 ? 3.671   -2.428  3.373   1.00 17.52 ? 28  LYS A CA   1 
ATOM   327  C C    . LYS A 1 28 ? 2.719   -2.170  2.187   1.00 14.07 ? 28  LYS A C    1 
ATOM   328  O O    . LYS A 1 28 ? 1.532   -1.934  2.384   1.00 16.14 ? 28  LYS A O    1 
ATOM   329  C CB   . LYS A 1 28 ? 4.465   -1.162  3.701   1.00 19.74 ? 28  LYS A CB   1 
ATOM   330  C CG   . LYS A 1 28 ? 5.220   -1.235  5.047   1.00 24.78 ? 28  LYS A CG   1 
ATOM   331  C CD   . LYS A 1 28 ? 5.308   0.113   5.746   1.00 34.60 ? 28  LYS A CD   1 
ATOM   332  C CE   . LYS A 1 28 ? 4.211   0.281   6.813   1.00 41.70 ? 28  LYS A CE   1 
ATOM   333  N NZ   . LYS A 1 28 ? 2.898   0.762   6.254   1.00 28.15 ? 28  LYS A NZ   1 
ATOM   334  H H    . LYS A 1 28 ? 5.415   -3.331  3.124   1.00 19.58 ? 28  LYS A H    1 
ATOM   335  H HA   . LYS A 1 28 ? 3.118   -2.639  4.154   1.00 20.84 ? 28  LYS A HA   1 
ATOM   336  H HB2  . LYS A 1 28 ? 5.120   -1.014  3.000   1.00 23.50 ? 28  LYS A HB2  1 
ATOM   337  H HB3  . LYS A 1 28 ? 3.853   -0.410  3.744   1.00 23.50 ? 28  LYS A HB3  1 
ATOM   338  H HG2  . LYS A 1 28 ? 4.756   -1.849  5.637   1.00 29.55 ? 28  LYS A HG2  1 
ATOM   339  H HG3  . LYS A 1 28 ? 6.124   -1.549  4.885   1.00 29.55 ? 28  LYS A HG3  1 
ATOM   340  H HD2  . LYS A 1 28 ? 6.170   0.189   6.184   1.00 41.34 ? 28  LYS A HD2  1 
ATOM   341  H HD3  . LYS A 1 28 ? 5.203   0.819   5.090   1.00 41.34 ? 28  LYS A HD3  1 
ATOM   342  H HE2  . LYS A 1 28 ? 4.057   -0.576  7.241   1.00 49.85 ? 28  LYS A HE2  1 
ATOM   343  H HE3  . LYS A 1 28 ? 4.510   0.929   7.470   1.00 49.85 ? 28  LYS A HE3  1 
ATOM   344  N N    . VAL A 1 29 ? 3.255   -2.208  0.968   1.00 11.79 ? 29  VAL A N    1 
ATOM   345  C CA   . VAL A 1 29 ? 2.473   -2.074  -0.265  1.00 11.06 ? 29  VAL A CA   1 
ATOM   346  C C    . VAL A 1 29 ? 1.434   -3.203  -0.401  1.00 12.70 ? 29  VAL A C    1 
ATOM   347  O O    . VAL A 1 29 ? 0.252   -2.966  -0.711  1.00 12.19 ? 29  VAL A O    1 
ATOM   348  C CB   . VAL A 1 29 ? 3.430   -2.044  -1.501  1.00 10.63 ? 29  VAL A CB   1 
ATOM   349  C CG1  . VAL A 1 29 ? 2.664   -2.183  -2.798  1.00 10.94 ? 29  VAL A CG1  1 
ATOM   350  C CG2  . VAL A 1 29 ? 4.246   -0.763  -1.526  1.00 15.28 ? 29  VAL A CG2  1 
ATOM   351  H H    . VAL A 1 29 ? 4.096   -2.315  0.824   1.00 13.96 ? 29  VAL A H    1 
ATOM   352  H HA   . VAL A 1 29 ? 1.989   -1.222  -0.241  1.00 13.09 ? 29  VAL A HA   1 
ATOM   353  H HB   . VAL A 1 29 ? 4.054   -2.797  -1.438  1.00 12.56 ? 29  VAL A HB   1 
ATOM   354  N N    . PHE A 1 30 ? 1.878   -4.437  -0.175  1.00 12.08 ? 30  PHE A N    1 
ATOM   355  C CA   . PHE A 1 30 ? 0.997   -5.598  -0.239  1.00 11.95 ? 30  PHE A CA   1 
ATOM   356  C C    . PHE A 1 30 ? -0.120  -5.538  0.812   1.00 15.22 ? 30  PHE A C    1 
ATOM   357  O O    . PHE A 1 30 ? -1.254  -5.903  0.536   1.00 12.48 ? 30  PHE A O    1 
ATOM   358  C CB   . PHE A 1 30 ? 1.807   -6.885  -0.066  1.00 15.14 ? 30  PHE A CB   1 
ATOM   359  C CG   . PHE A 1 30 ? 2.517   -7.353  -1.319  1.00 16.56 ? 30  PHE A CG   1 
ATOM   360  C CD1  . PHE A 1 30 ? 2.010   -7.078  -2.588  1.00 18.77 ? 30  PHE A CD1  1 
ATOM   361  C CD2  . PHE A 1 30 ? 3.677   -8.114  -1.217  1.00 20.12 ? 30  PHE A CD2  1 
ATOM   362  C CE1  . PHE A 1 30 ? 2.672   -7.533  -3.734  1.00 16.80 ? 30  PHE A CE1  1 
ATOM   363  C CE2  . PHE A 1 30 ? 4.328   -8.566  -2.342  1.00 20.35 ? 30  PHE A CE2  1 
ATOM   364  C CZ   . PHE A 1 30 ? 3.815   -8.278  -3.613  1.00 15.64 ? 30  PHE A CZ   1 
ATOM   365  H H    . PHE A 1 30 ? 2.693   -4.628  0.019   1.00 14.32 ? 30  PHE A H    1 
ATOM   366  H HA   . PHE A 1 30 ? 0.575   -5.625  -1.123  1.00 14.15 ? 30  PHE A HA   1 
ATOM   367  H HB2  . PHE A 1 30 ? 2.480   -6.738  0.617   1.00 17.99 ? 30  PHE A HB2  1 
ATOM   368  H HB3  . PHE A 1 30 ? 1.207   -7.593  0.214   1.00 17.99 ? 30  PHE A HB3  1 
ATOM   369  H HD1  . PHE A 1 30 ? 1.232   -6.576  -2.674  1.00 22.34 ? 30  PHE A HD1  1 
ATOM   370  H HD2  . PHE A 1 30 ? 4.021   -8.313  -0.377  1.00 23.96 ? 30  PHE A HD2  1 
ATOM   371  H HE1  . PHE A 1 30 ? 2.330   -7.339  -4.576  1.00 19.98 ? 30  PHE A HE1  1 
ATOM   372  H HE2  . PHE A 1 30 ? 5.106   -9.068  -2.259  1.00 24.23 ? 30  PHE A HE2  1 
ATOM   373  H HZ   . PHE A 1 30 ? 4.258   -8.579  -4.373  1.00 18.58 ? 30  PHE A HZ   1 
ATOM   374  N N    . LYS A 1 31 ? 0.212   -5.083  2.017   1.00 12.75 ? 31  LYS A N    1 
ATOM   375  C CA   . LYS A 1 31 ? -0.782  -4.951  3.075   1.00 17.32 ? 31  LYS A CA   1 
ATOM   376  C C    . LYS A 1 31 ? -1.865  -3.935  2.715   1.00 18.37 ? 31  LYS A C    1 
ATOM   377  O O    . LYS A 1 31 ? -3.042  -4.146  3.036   1.00 14.58 ? 31  LYS A O    1 
ATOM   378  C CB   . LYS A 1 31 ? -0.119  -4.585  4.408   1.00 15.38 ? 31  LYS A CB   1 
ATOM   379  C CG   . LYS A 1 31 ? 0.442   -5.805  5.115   1.00 16.08 ? 31  LYS A CG   1 
ATOM   380  C CD   . LYS A 1 31 ? 1.100   -5.471  6.444   1.00 17.52 ? 31  LYS A CD   1 
ATOM   381  C CE   . LYS A 1 31 ? 1.465   -6.770  7.192   1.00 23.72 ? 31  LYS A CE   1 
ATOM   382  N NZ   . LYS A 1 31 ? 2.105   -6.510  8.506   1.00 29.79 ? 31  LYS A NZ   1 
ATOM   383  H H    . LYS A 1 31 ? 1.005   -4.845  2.246   1.00 15.12 ? 31  LYS A H    1 
ATOM   384  H HA   . LYS A 1 31 ? -1.222  -5.818  3.195   1.00 20.60 ? 31  LYS A HA   1 
ATOM   385  H HB2  . LYS A 1 31 ? 0.611   -3.969  4.242   1.00 18.27 ? 31  LYS A HB2  1 
ATOM   386  H HB3  . LYS A 1 31 ? -0.778  -4.174  4.989   1.00 18.27 ? 31  LYS A HB3  1 
ATOM   387  H HG2  . LYS A 1 31 ? -0.280  -6.429  5.288   1.00 19.11 ? 31  LYS A HG2  1 
ATOM   388  H HG3  . LYS A 1 31 ? 1.109   -6.219  4.546   1.00 19.11 ? 31  LYS A HG3  1 
ATOM   389  H HD2  . LYS A 1 31 ? 1.914   -4.967  6.286   1.00 20.84 ? 31  LYS A HD2  1 
ATOM   390  H HD3  . LYS A 1 31 ? 0.485   -4.961  6.992   1.00 20.84 ? 31  LYS A HD3  1 
ATOM   391  H HE2  . LYS A 1 31 ? 0.656   -7.283  7.347   1.00 28.28 ? 31  LYS A HE2  1 
ATOM   392  H HE3  . LYS A 1 31 ? 2.086   -7.283  6.651   1.00 28.28 ? 31  LYS A HE3  1 
ATOM   393  N N    . GLN A 1 32 ? -1.475  -2.844  2.054   1.00 12.22 ? 32  GLN A N    1 
ATOM   394  C CA   . GLN A 1 32 ? -2.448  -1.867  1.583   1.00 14.61 ? 32  GLN A CA   1 
ATOM   395  C C    . GLN A 1 32 ? -3.328  -2.471  0.485   1.00 14.33 ? 32  GLN A C    1 
ATOM   396  O O    . GLN A 1 32 ? -4.549  -2.313  0.506   1.00 12.97 ? 32  GLN A O    1 
ATOM   397  C CB   . GLN A 1 32 ? -1.768  -0.610  1.055   1.00 14.43 ? 32  GLN A CB   1 
ATOM   398  C CG   . GLN A 1 32 ? -2.746  0.483   0.660   1.00 19.09 ? 32  GLN A CG   1 
ATOM   399  C CD   . GLN A 1 32 ? -3.495  1.043   1.856   1.00 20.61 ? 32  GLN A CD   1 
ATOM   400  O OE1  . GLN A 1 32 ? -2.887  1.388   2.868   1.00 15.86 ? 32  GLN A OE1  1 
ATOM   401  N NE2  . GLN A 1 32 ? -4.829  1.137   1.740   1.00 19.33 ? 32  GLN A NE2  1 
ATOM   402  H H    . GLN A 1 32 ? -0.658  -2.649  1.868   1.00 14.48 ? 32  GLN A H    1 
ATOM   403  H HA   . GLN A 1 32 ? -3.028  -1.608  2.329   1.00 17.34 ? 32  GLN A HA   1 
ATOM   404  H HB2  . GLN A 1 32 ? -1.186  -0.254  1.745   1.00 17.13 ? 32  GLN A HB2  1 
ATOM   405  H HB3  . GLN A 1 32 ? -1.246  -0.841  0.271   1.00 17.13 ? 32  GLN A HB3  1 
ATOM   406  H HG2  . GLN A 1 32 ? -2.258  1.209   0.243   1.00 22.73 ? 32  GLN A HG2  1 
ATOM   407  H HG3  . GLN A 1 32 ? -3.396  0.118   0.040   1.00 22.73 ? 32  GLN A HG3  1 
ATOM   408  N N    . TYR A 1 33 ? -2.702  -3.154  -0.470  1.00 15.27 ? 33  TYR A N    1 
ATOM   409  C CA   . TYR A 1 33 ? -3.442  -3.845  -1.512  1.00 17.03 ? 33  TYR A CA   1 
ATOM   410  C C    . TYR A 1 33 ? -4.448  -4.827  -0.911  1.00 17.75 ? 33  TYR A C    1 
ATOM   411  O O    . TYR A 1 33 ? -5.620  -4.818  -1.278  1.00 16.68 ? 33  TYR A O    1 
ATOM   412  C CB   . TYR A 1 33 ? -2.510  -4.587  -2.475  1.00 19.46 ? 33  TYR A CB   1 
ATOM   413  C CG   . TYR A 1 33 ? -3.284  -5.409  -3.479  1.00 16.32 ? 33  TYR A CG   1 
ATOM   414  C CD1  . TYR A 1 33 ? -3.894  -4.805  -4.566  1.00 16.40 ? 33  TYR A CD1  1 
ATOM   415  C CD2  . TYR A 1 33 ? -3.427  -6.773  -3.328  1.00 16.62 ? 33  TYR A CD2  1 
ATOM   416  C CE1  . TYR A 1 33 ? -4.615  -5.531  -5.482  1.00 22.61 ? 33  TYR A CE1  1 
ATOM   417  C CE2  . TYR A 1 33 ? -4.155  -7.520  -4.248  1.00 28.77 ? 33  TYR A CE2  1 
ATOM   418  C CZ   . TYR A 1 33 ? -4.750  -6.887  -5.320  1.00 26.13 ? 33  TYR A CZ   1 
ATOM   419  O OH   . TYR A 1 33 ? -5.474  -7.599  -6.248  1.00 28.72 ? 33  TYR A OH   1 
ATOM   420  H H    . TYR A 1 33 ? -1.848  -3.232  -0.533  1.00 18.14 ? 33  TYR A H    1 
ATOM   421  H HA   . TYR A 1 33 ? -3.944  -3.183  -2.032  1.00 20.25 ? 33  TYR A HA   1 
ATOM   422  H HB2  . TYR A 1 33 ? -1.973  -3.941  -2.960  1.00 23.17 ? 33  TYR A HB2  1 
ATOM   423  H HB3  . TYR A 1 33 ? -1.938  -5.185  -1.969  1.00 23.17 ? 33  TYR A HB3  1 
ATOM   424  H HD1  . TYR A 1 33 ? -3.811  -3.886  -4.679  1.00 19.50 ? 33  TYR A HD1  1 
ATOM   425  H HD2  . TYR A 1 33 ? -3.030  -7.198  -2.603  1.00 19.76 ? 33  TYR A HD2  1 
ATOM   426  H HE1  . TYR A 1 33 ? -5.015  -5.105  -6.206  1.00 26.95 ? 33  TYR A HE1  1 
ATOM   427  H HE2  . TYR A 1 33 ? -4.244  -8.439  -4.140  1.00 34.34 ? 33  TYR A HE2  1 
ATOM   428  N N    . ALA A 1 34 ? -3.999  -5.670  0.018   1.00 11.80 ? 34  ALA A N    1 
ATOM   429  C CA   . ALA A 1 34 ? -4.885  -6.631  0.675   1.00 16.10 ? 34  ALA A CA   1 
ATOM   430  C C    . ALA A 1 34 ? -6.029  -5.911  1.402   1.00 21.27 ? 34  ALA A C    1 
ATOM   431  O O    . ALA A 1 34 ? -7.196  -6.304  1.284   1.00 15.29 ? 34  ALA A O    1 
ATOM   432  C CB   . ALA A 1 34 ? -4.090  -7.512  1.653   1.00 16.00 ? 34  ALA A CB   1 
ATOM   433  H H    . ALA A 1 34 ? -3.183  -5.706  0.287   1.00 13.98 ? 34  ALA A H    1 
ATOM   434  H HA   . ALA A 1 34 ? -5.280  -7.216  -0.006  1.00 19.14 ? 34  ALA A HA   1 
ATOM   435  N N    . ASN A 1 35 ? -5.703  -4.857  2.144   1.00 16.23 ? 35  ASN A N    1 
ATOM   436  C CA   . ASN A 1 35 ? -6.723  -4.085  2.849   1.00 18.05 ? 35  ASN A CA   1 
ATOM   437  C C    . ASN A 1 35 ? -7.789  -3.522  1.910   1.00 19.82 ? 35  ASN A C    1 
ATOM   438  O O    . ASN A 1 35 ? -8.983  -3.528  2.240   1.00 17.19 ? 35  ASN A O    1 
ATOM   439  C CB   . ASN A 1 35 ? -6.089  -2.942  3.640   1.00 22.43 ? 35  ASN A CB   1 
ATOM   440  C CG   . ASN A 1 35 ? -7.126  -1.977  4.221   1.00 33.21 ? 35  ASN A CG   1 
ATOM   441  O OD1  . ASN A 1 35 ? -7.567  -1.027  3.560   1.00 40.10 ? 35  ASN A OD1  1 
ATOM   442  N ND2  . ASN A 1 35 ? -7.515  -2.220  5.461   1.00 33.79 ? 35  ASN A ND2  1 
ATOM   443  H H    . ASN A 1 35 ? -4.901  -4.568  2.256   1.00 19.29 ? 35  ASN A H    1 
ATOM   444  H HA   . ASN A 1 35 ? -7.173  -4.674  3.490   1.00 21.47 ? 35  ASN A HA   1 
ATOM   445  H HB2  . ASN A 1 35 ? -5.578  -3.312  4.376   1.00 26.73 ? 35  ASN A HB2  1 
ATOM   446  H HB3  . ASN A 1 35 ? -5.506  -2.436  3.051   1.00 26.73 ? 35  ASN A HB3  1 
ATOM   447  N N    . ASP A 1 36 ? -7.360  -3.032  0.749   1.00 13.83 ? 36  ASP A N    1 
ATOM   448  C CA   . ASP A 1 36 ? -8.274  -2.424  -0.216  1.00 16.90 ? 36  ASP A CA   1 
ATOM   449  C C    . ASP A 1 36 ? -9.160  -3.490  -0.858  1.00 28.59 ? 36  ASP A C    1 
ATOM   450  O O    . ASP A 1 36 ? -10.188 -3.168  -1.456  1.00 21.41 ? 36  ASP A O    1 
ATOM   451  C CB   . ASP A 1 36 ? -7.522  -1.646  -1.303  1.00 20.94 ? 36  ASP A CB   1 
ATOM   452  C CG   . ASP A 1 36 ? -6.795  -0.412  -0.753  1.00 22.65 ? 36  ASP A CG   1 
ATOM   453  O OD1  . ASP A 1 36 ? -7.186  0.081   0.321   1.00 26.05 ? 36  ASP A OD1  1 
ATOM   454  O OD2  . ASP A 1 36 ? -5.844  0.068   -1.401  1.00 18.43 ? 36  ASP A OD2  1 
ATOM   455  H H    . ASP A 1 36 ? -6.539  -3.040  0.494   1.00 16.41 ? 36  ASP A H    1 
ATOM   456  H HA   . ASP A 1 36 ? -8.858  -1.793  0.256   1.00 20.09 ? 36  ASP A HA   1 
ATOM   457  H HB2  . ASP A 1 36 ? -6.860  -2.228  -1.707  1.00 24.94 ? 36  ASP A HB2  1 
ATOM   458  H HB3  . ASP A 1 36 ? -8.155  -1.347  -1.973  1.00 24.94 ? 36  ASP A HB3  1 
ATOM   459  N N    . ASN A 1 37 ? -8.758  -4.751  -0.731  1.00 21.18 ? 37  ASN A N    1 
ATOM   460  C CA   . ASN A 1 37 ? -9.559  -5.862  -1.233  1.00 26.25 ? 37  ASN A CA   1 
ATOM   461  C C    . ASN A 1 37 ? -10.146 -6.754  -0.136  1.00 24.10 ? 37  ASN A C    1 
ATOM   462  O O    . ASN A 1 37 ? -10.443 -7.916  -0.372  1.00 29.35 ? 37  ASN A O    1 
ATOM   463  C CB   . ASN A 1 37 ? -8.747  -6.675  -2.240  1.00 27.23 ? 37  ASN A CB   1 
ATOM   464  C CG   . ASN A 1 37 ? -8.522  -5.922  -3.527  1.00 27.20 ? 37  ASN A CG   1 
ATOM   465  O OD1  . ASN A 1 37 ? -9.395  -5.884  -4.387  1.00 34.07 ? 37  ASN A OD1  1 
ATOM   466  N ND2  . ASN A 1 37 ? -7.356  -5.300  -3.663  1.00 27.12 ? 37  ASN A ND2  1 
ATOM   467  H H    . ASN A 1 37 ? -8.022  -4.991  -0.356  1.00 25.23 ? 37  ASN A H    1 
ATOM   468  H HA   . ASN A 1 37 ? -10.318 -5.482  -1.723  1.00 31.31 ? 37  ASN A HA   1 
ATOM   469  H HB2  . ASN A 1 37 ? -7.881  -6.884  -1.856  1.00 32.49 ? 37  ASN A HB2  1 
ATOM   470  H HB3  . ASN A 1 37 ? -9.226  -7.493  -2.447  1.00 32.49 ? 37  ASN A HB3  1 
ATOM   471  N N    . GLY A 1 38 ? -10.307 -6.195  1.061   1.00 20.00 ? 38  GLY A N    1 
ATOM   472  C CA   . GLY A 1 38 ? -11.090 -6.824  2.107   1.00 29.31 ? 38  GLY A CA   1 
ATOM   473  C C    . GLY A 1 38 ? -10.371 -7.742  3.084   1.00 23.89 ? 38  GLY A C    1 
ATOM   474  O O    . GLY A 1 38 ? -11.037 -8.417  3.860   1.00 31.52 ? 38  GLY A O    1 
ATOM   475  H H    . GLY A 1 38 ? -9.964  -5.440  1.289   1.00 23.81 ? 38  GLY A H    1 
ATOM   476  H HA2  . GLY A 1 38 ? -11.515 -6.125  2.628   1.00 34.98 ? 38  GLY A HA2  1 
ATOM   477  H HA3  . GLY A 1 38 ? -11.793 -7.344  1.687   1.00 34.98 ? 38  GLY A HA3  1 
ATOM   478  N N    . VAL A 1 39 ? -9.035  -7.761  3.069   1.00 20.19 ? 39  VAL A N    1 
ATOM   479  C CA   . VAL A 1 39 ? -8.265  -8.612  3.989   1.00 16.19 ? 39  VAL A CA   1 
ATOM   480  C C    . VAL A 1 39 ? -7.342  -7.776  4.875   1.00 26.62 ? 39  VAL A C    1 
ATOM   481  O O    . VAL A 1 39 ? -6.493  -7.041  4.367   1.00 22.33 ? 39  VAL A O    1 
ATOM   482  C CB   . VAL A 1 39 ? -7.421  -9.657  3.227   1.00 18.45 ? 39  VAL A CB   1 
ATOM   483  C CG1  . VAL A 1 39 ? -6.497  -10.390 4.164   1.00 18.70 ? 39  VAL A CG1  1 
ATOM   484  C CG2  . VAL A 1 39 ? -8.325  -10.654 2.502   1.00 29.20 ? 39  VAL A CG2  1 
ATOM   485  H H    . VAL A 1 39 ? -8.549  -7.291  2.536   1.00 24.04 ? 39  VAL A H    1 
ATOM   486  H HA   . VAL A 1 39 ? -8.888  -9.094  4.572   1.00 19.24 ? 39  VAL A HA   1 
ATOM   487  H HB   . VAL A 1 39 ? -6.873  -9.198  2.555   1.00 21.95 ? 39  VAL A HB   1 
HETATM 488  O OE1  . B3D A 1 40 ? -6.964  -4.181  6.651   1.00 43.56 ? 40  B3D A OE1  1 
HETATM 489  C CD   . B3D A 1 40 ? -7.873  -4.994  6.919   1.00 32.02 ? 40  B3D A CD   1 
HETATM 490  O OE2  . B3D A 1 40 ? -9.023  -4.922  6.433   1.00 54.47 ? 40  B3D A OE2  1 
HETATM 491  C CG   . B3D A 1 40 ? -7.556  -6.114  7.867   1.00 32.25 ? 40  B3D A CG   1 
HETATM 492  C CA   . B3D A 1 40 ? -6.718  -7.174  7.171   1.00 24.08 ? 40  B3D A CA   1 
HETATM 493  N N    . B3D A 1 40 ? -7.520  -7.903  6.200   1.00 21.46 ? 40  B3D A N    1 
HETATM 494  C CB   . B3D A 1 40 ? -6.229  -8.094  8.284   1.00 25.08 ? 40  B3D A CB   1 
HETATM 495  C C    . B3D A 1 40 ? -5.336  -9.185  7.752   1.00 19.96 ? 40  B3D A C    1 
HETATM 496  O O    . B3D A 1 40 ? -4.391  -8.926  7.025   1.00 23.82 ? 40  B3D A O    1 
HETATM 497  H HG3  . B3D A 1 40 ? -8.484  -6.560  8.230   1.00 38.51 ? 40  B3D A HG3  1 
HETATM 498  H HG2  . B3D A 1 40 ? -7.010  -5.722  8.728   1.00 38.51 ? 40  B3D A HG2  1 
HETATM 499  H HA   . B3D A 1 40 ? -5.856  -6.698  6.684   1.00 28.71 ? 40  B3D A HA   1 
HETATM 500  H H    . B3D A 1 40 ? -8.124  -8.428  6.516   1.00 25.57 ? 40  B3D A H    1 
HETATM 501  H HB1  . B3D A 1 40 ? -7.090  -8.543  8.785   1.00 29.91 ? 40  B3D A HB1  1 
HETATM 502  H HB2  . B3D A 1 40 ? -5.682  -7.507  9.023   1.00 29.91 ? 40  B3D A HB2  1 
ATOM   503  N N    . GLY A 1 41 ? -5.650  -10.418 8.125   1.00 25.56 ? 41  GLY A N    1 
ATOM   504  C CA   . GLY A 1 41 ? -4.881  -11.567 7.692   1.00 23.29 ? 41  GLY A CA   1 
ATOM   505  C C    . GLY A 1 41 ? -3.654  -11.852 8.533   1.00 27.56 ? 41  GLY A C    1 
ATOM   506  O O    . GLY A 1 41 ? -3.136  -10.990 9.248   1.00 23.29 ? 41  GLY A O    1 
ATOM   507  H H    . GLY A 1 41 ? -6.312  -10.615 8.637   1.00 30.49 ? 41  GLY A H    1 
ATOM   508  H HA2  . GLY A 1 41 ? -5.449  -12.353 7.713   1.00 27.76 ? 41  GLY A HA2  1 
ATOM   509  H HA3  . GLY A 1 41 ? -4.593  -11.427 6.777   1.00 27.76 ? 41  GLY A HA3  1 
ATOM   510  N N    . GLU A 1 42 ? -3.197  -13.094 8.445   1.00 27.70 ? 42  GLU A N    1 
ATOM   511  C CA   . GLU A 1 42 ? -1.963  -13.519 9.080   1.00 23.28 ? 42  GLU A CA   1 
ATOM   512  C C    . GLU A 1 42 ? -0.875  -13.546 8.010   1.00 20.27 ? 42  GLU A C    1 
ATOM   513  O O    . GLU A 1 42 ? -1.015  -14.232 6.997   1.00 21.66 ? 42  GLU A O    1 
ATOM   514  C CB   . GLU A 1 42 ? -2.145  -14.906 9.714   1.00 33.11 ? 42  GLU A CB   1 
ATOM   515  C CG   . GLU A 1 42 ? -2.812  -14.897 11.098  1.00 52.05 ? 42  GLU A CG   1 
ATOM   516  C CD   . GLU A 1 42 ? -4.173  -14.210 11.109  1.00 71.13 ? 42  GLU A CD   1 
ATOM   517  O OE1  . GLU A 1 42 ? -5.156  -14.801 10.605  1.00 70.59 ? 42  GLU A OE1  1 
ATOM   518  O OE2  . GLU A 1 42 ? -4.262  -13.076 11.632  1.00 80.59 ? 42  GLU A OE2  1 
ATOM   519  H H    . GLU A 1 42 ? -3.596  -13.721 8.013   1.00 33.06 ? 42  GLU A H    1 
ATOM   520  H HA   . GLU A 1 42 ? -1.707  -12.880 9.779   1.00 27.75 ? 42  GLU A HA   1 
ATOM   521  H HB2  . GLU A 1 42 ? -2.696  -15.445 9.125   1.00 39.54 ? 42  GLU A HB2  1 
ATOM   522  H HB3  . GLU A 1 42 ? -1.272  -15.320 9.811   1.00 39.54 ? 42  GLU A HB3  1 
ATOM   523  H HG2  . GLU A 1 42 ? -2.938  -15.813 11.392  1.00 62.28 ? 42  GLU A HG2  1 
ATOM   524  H HG3  . GLU A 1 42 ? -2.236  -14.428 11.721  1.00 62.28 ? 42  GLU A HG3  1 
ATOM   525  N N    . TRP A 1 43 ? 0.202   -12.804 8.242   1.00 17.02 ? 43  TRP A N    1 
ATOM   526  C CA   . TRP A 1 43 ? 1.228   -12.590 7.226   1.00 18.74 ? 43  TRP A CA   1 
ATOM   527  C C    . TRP A 1 43 ? 2.485   -13.413 7.479   1.00 23.18 ? 43  TRP A C    1 
ATOM   528  O O    . TRP A 1 43 ? 3.061   -13.366 8.573   1.00 17.86 ? 43  TRP A O    1 
ATOM   529  C CB   . TRP A 1 43 ? 1.575   -11.094 7.131   1.00 16.50 ? 43  TRP A CB   1 
ATOM   530  C CG   . TRP A 1 43 ? 0.447   -10.328 6.539   1.00 18.87 ? 43  TRP A CG   1 
ATOM   531  C CD1  . TRP A 1 43 ? -0.728  -9.987  7.163   1.00 23.03 ? 43  TRP A CD1  1 
ATOM   532  C CD2  . TRP A 1 43 ? 0.337   -9.842  5.195   1.00 16.39 ? 43  TRP A CD2  1 
ATOM   533  N NE1  . TRP A 1 43 ? -1.544  -9.309  6.286   1.00 18.62 ? 43  TRP A NE1  1 
ATOM   534  C CE2  . TRP A 1 43 ? -0.922  -9.218  5.076   1.00 17.42 ? 43  TRP A CE2  1 
ATOM   535  C CE3  . TRP A 1 43 ? 1.190   -9.879  4.081   1.00 18.93 ? 43  TRP A CE3  1 
ATOM   536  C CZ2  . TRP A 1 43 ? -1.352  -8.624  3.884   1.00 16.08 ? 43  TRP A CZ2  1 
ATOM   537  C CZ3  . TRP A 1 43 ? 0.753   -9.295  2.902   1.00 18.64 ? 43  TRP A CZ3  1 
ATOM   538  C CH2  . TRP A 1 43 ? -0.506  -8.670  2.816   1.00 18.35 ? 43  TRP A CH2  1 
ATOM   539  H H    . TRP A 1 43 ? 0.364   -12.408 8.989   1.00 20.24 ? 43  TRP A H    1 
ATOM   540  H HA   . TRP A 1 43 ? 0.867   -12.865 6.358   1.00 22.30 ? 43  TRP A HA   1 
ATOM   541  H HB2  . TRP A 1 43 ? 1.749   -10.746 8.019   1.00 19.61 ? 43  TRP A HB2  1 
ATOM   542  H HB3  . TRP A 1 43 ? 2.354   -10.979 6.564   1.00 19.61 ? 43  TRP A HB3  1 
ATOM   543  H HD1  . TRP A 1 43 ? -0.939  -10.183 8.048   1.00 27.45 ? 43  TRP A HD1  1 
ATOM   544  H HE1  . TRP A 1 43 ? -2.327  -9.003  6.468   1.00 22.16 ? 43  TRP A HE1  1 
ATOM   545  H HE3  . TRP A 1 43 ? 2.020   -10.296 4.129   1.00 22.53 ? 43  TRP A HE3  1 
ATOM   546  H HZ2  . TRP A 1 43 ? -2.180  -8.204  3.825   1.00 19.11 ? 43  TRP A HZ2  1 
ATOM   547  H HZ3  . TRP A 1 43 ? 1.307   -9.310  2.154   1.00 22.18 ? 43  TRP A HZ3  1 
ATOM   548  H HH2  . TRP A 1 43 ? -0.766  -8.281  2.013   1.00 21.83 ? 43  TRP A HH2  1 
ATOM   549  N N    . THR A 1 44 ? 2.893   -14.178 6.467   1.00 15.07 ? 44  THR A N    1 
ATOM   550  C CA   . THR A 1 44 ? 4.176   -14.895 6.510   1.00 17.89 ? 44  THR A CA   1 
ATOM   551  C C    . THR A 1 44 ? 5.007   -14.595 5.272   1.00 15.88 ? 44  THR A C    1 
ATOM   552  O O    . THR A 1 44 ? 4.482   -14.125 4.248   1.00 17.93 ? 44  THR A O    1 
ATOM   553  C CB   . THR A 1 44 ? 3.993   -16.425 6.612   1.00 21.54 ? 44  THR A CB   1 
ATOM   554  O OG1  . THR A 1 44 ? 3.167   -16.886 5.530   1.00 22.63 ? 44  THR A OG1  1 
ATOM   555  C CG2  . THR A 1 44 ? 3.367   -16.803 7.943   1.00 20.64 ? 44  THR A CG2  1 
ATOM   556  H H    . THR A 1 44 ? 2.449   -14.301 5.741   1.00 17.90 ? 44  THR A H    1 
ATOM   557  H HA   . THR A 1 44 ? 4.681   -14.597 7.295   1.00 21.28 ? 44  THR A HA   1 
ATOM   558  H HB   . THR A 1 44 ? 4.861   -16.853 6.555   1.00 25.67 ? 44  THR A HB   1 
ATOM   559  N N    . TYR A 1 45 ? 6.297   -14.888 5.360   1.00 16.11 ? 45  TYR A N    1 
ATOM   560  C CA   . TYR A 1 45 ? 7.238   -14.554 4.298   1.00 16.70 ? 45  TYR A CA   1 
ATOM   561  C C    . TYR A 1 45 ? 8.254   -15.668 4.099   1.00 18.77 ? 45  TYR A C    1 
ATOM   562  O O    . TYR A 1 45 ? 8.793   -16.221 5.070   1.00 16.74 ? 45  TYR A O    1 
ATOM   563  C CB   . TYR A 1 45 ? 7.946   -13.219 4.624   1.00 13.41 ? 45  TYR A CB   1 
ATOM   564  C CG   . TYR A 1 45 ? 8.996   -12.769 3.609   1.00 16.35 ? 45  TYR A CG   1 
ATOM   565  C CD1  . TYR A 1 45 ? 8.634   -12.376 2.325   1.00 13.62 ? 45  TYR A CD1  1 
ATOM   566  C CD2  . TYR A 1 45 ? 10.346  -12.719 3.947   1.00 16.48 ? 45  TYR A CD2  1 
ATOM   567  C CE1  . TYR A 1 45 ? 9.586   -11.959 1.404   1.00 20.87 ? 45  TYR A CE1  1 
ATOM   568  C CE2  . TYR A 1 45 ? 11.314  -12.286 3.029   1.00 17.76 ? 45  TYR A CE2  1 
ATOM   569  C CZ   . TYR A 1 45 ? 10.925  -11.920 1.756   1.00 20.50 ? 45  TYR A CZ   1 
ATOM   570  O OH   . TYR A 1 45 ? 11.862  -11.508 0.824   1.00 18.89 ? 45  TYR A OH   1 
ATOM   571  H H    . TYR A 1 45 ? 6.658   -15.285 6.032   1.00 19.15 ? 45  TYR A H    1 
ATOM   572  H HA   . TYR A 1 45 ? 6.745   -14.439 3.459   1.00 19.85 ? 45  TYR A HA   1 
ATOM   573  H HB2  . TYR A 1 45 ? 7.275   -12.520 4.677   1.00 15.91 ? 45  TYR A HB2  1 
ATOM   574  H HB3  . TYR A 1 45 ? 8.390   -13.308 5.482   1.00 15.91 ? 45  TYR A HB3  1 
ATOM   575  H HD1  . TYR A 1 45 ? 7.739   -12.401 2.075   1.00 16.16 ? 45  TYR A HD1  1 
ATOM   576  H HD2  . TYR A 1 45 ? 10.611  -12.968 4.803   1.00 19.60 ? 45  TYR A HD2  1 
ATOM   577  H HE1  . TYR A 1 45 ? 9.325   -11.708 0.548   1.00 24.86 ? 45  TYR A HE1  1 
ATOM   578  H HE2  . TYR A 1 45 ? 12.213  -12.269 3.267   1.00 21.13 ? 45  TYR A HE2  1 
ATOM   579  N N    . ASP A 1 46 ? 8.494   -15.993 2.830   1.00 18.02 ? 46  ASP A N    1 
ATOM   580  C CA   . ASP A 1 46 ? 9.551   -16.914 2.420   1.00 20.89 ? 46  ASP A CA   1 
ATOM   581  C C    . ASP A 1 46 ? 10.618  -16.149 1.630   1.00 20.52 ? 46  ASP A C    1 
ATOM   582  O O    . ASP A 1 46 ? 10.443  -15.872 0.438   1.00 19.55 ? 46  ASP A O    1 
ATOM   583  C CB   . ASP A 1 46 ? 8.940   -18.026 1.556   1.00 20.15 ? 46  ASP A CB   1 
ATOM   584  C CG   . ASP A 1 46 ? 9.927   -19.146 1.242   1.00 26.97 ? 46  ASP A CG   1 
ATOM   585  O OD1  . ASP A 1 46 ? 10.475  -19.751 2.178   1.00 34.59 ? 46  ASP A OD1  1 
ATOM   586  O OD2  . ASP A 1 46 ? 10.140  -19.430 0.051   1.00 28.66 ? 46  ASP A OD2  1 
ATOM   587  H H    . ASP A 1 46 ? 8.043   -15.681 2.169   1.00 21.43 ? 46  ASP A H    1 
ATOM   588  H HA   . ASP A 1 46 ? 9.968   -17.318 3.210   1.00 24.89 ? 46  ASP A HA   1 
ATOM   589  H HB2  . ASP A 1 46 ? 8.187   -18.415 2.027   1.00 23.99 ? 46  ASP A HB2  1 
ATOM   590  H HB3  . ASP A 1 46 ? 8.642   -17.644 0.714   1.00 23.99 ? 46  ASP A HB3  1 
ATOM   591  N N    . ASP A 1 47 ? 11.726  -15.796 2.278   1.00 16.92 ? 47  ASP A N    1 
ATOM   592  C CA   . ASP A 1 47 ? 12.735  -14.953 1.623   1.00 18.56 ? 47  ASP A CA   1 
ATOM   593  C C    . ASP A 1 47 ? 13.371  -15.666 0.431   1.00 28.38 ? 47  ASP A C    1 
ATOM   594  O O    . ASP A 1 47 ? 13.756  -15.023 -0.552  1.00 26.49 ? 47  ASP A O    1 
ATOM   595  C CB   . ASP A 1 47 ? 13.826  -14.510 2.599   1.00 21.50 ? 47  ASP A CB   1 
ATOM   596  C CG   . ASP A 1 47 ? 14.783  -13.471 1.988   1.00 30.44 ? 47  ASP A CG   1 
ATOM   597  O OD1  . ASP A 1 47 ? 14.332  -12.398 1.524   1.00 24.69 ? 47  ASP A OD1  1 
ATOM   598  O OD2  . ASP A 1 47 ? 15.999  -13.720 1.981   1.00 25.06 ? 47  ASP A OD2  1 
ATOM   599  H H    . ASP A 1 47 ? 11.919  -16.026 3.083   1.00 20.11 ? 47  ASP A H    1 
ATOM   600  H HA   . ASP A 1 47 ? 12.294  -14.146 1.285   1.00 22.08 ? 47  ASP A HA   1 
ATOM   601  H HB2  . ASP A 1 47 ? 13.409  -14.112 3.380   1.00 25.62 ? 47  ASP A HB2  1 
ATOM   602  H HB3  . ASP A 1 47 ? 14.350  -15.283 2.861   1.00 25.62 ? 47  ASP A HB3  1 
ATOM   603  N N    . ALA A 1 48 ? 13.484  -16.986 0.521   1.00 23.32 ? 48  ALA A N    1 
ATOM   604  C CA   . ALA A 1 48 ? 14.102  -17.762 -0.545  1.00 34.26 ? 48  ALA A CA   1 
ATOM   605  C C    . ALA A 1 48 ? 13.386  -17.541 -1.879  1.00 28.58 ? 48  ALA A C    1 
ATOM   606  O O    . ALA A 1 48 ? 14.024  -17.530 -2.927  1.00 23.62 ? 48  ALA A O    1 
ATOM   607  C CB   . ALA A 1 48 ? 14.113  -19.241 -0.186  1.00 28.10 ? 48  ALA A CB   1 
ATOM   608  H H    . ALA A 1 48 ? 13.210  -17.455 1.188   1.00 27.80 ? 48  ALA A H    1 
ATOM   609  H HA   . ALA A 1 48 ? 15.031  -17.471 -0.651  1.00 40.92 ? 48  ALA A HA   1 
ATOM   610  N N    . THR A 1 49 ? 12.066  -17.376 -1.838  1.00 23.11 ? 49  THR A N    1 
ATOM   611  C CA   . THR A 1 49 ? 11.273  -17.135 -3.049  1.00 25.66 ? 49  THR A CA   1 
ATOM   612  C C    . THR A 1 49 ? 10.684  -15.716 -3.110  1.00 23.07 ? 49  THR A C    1 
ATOM   613  O O    . THR A 1 49 ? 9.797   -15.448 -3.924  1.00 20.81 ? 49  THR A O    1 
ATOM   614  C CB   . THR A 1 49 ? 10.090  -18.117 -3.141  1.00 26.38 ? 49  THR A CB   1 
ATOM   615  O OG1  . THR A 1 49 ? 9.321   -18.053 -1.935  1.00 23.05 ? 49  THR A OG1  1 
ATOM   616  C CG2  . THR A 1 49 ? 10.574  -19.547 -3.334  1.00 27.11 ? 49  THR A CG2  1 
ATOM   617  H H    . THR A 1 49 ? 11.600  -17.400 -1.115  1.00 27.55 ? 49  THR A H    1 
ATOM   618  H HA   . THR A 1 49 ? 11.841  -17.264 -3.836  1.00 30.60 ? 49  THR A HA   1 
ATOM   619  H HB   . THR A 1 49 ? 9.529   -17.878 -3.896  1.00 31.46 ? 49  THR A HB   1 
ATOM   620  N N    . LYS A 1 50 ? 11.168  -14.826 -2.245  1.00 19.77 ? 50  LYS A N    1 
ATOM   621  C CA   . LYS A 1 50 ? 10.673  -13.448 -2.143  1.00 24.12 ? 50  LYS A CA   1 
ATOM   622  C C    . LYS A 1 50 ? 9.140   -13.353 -2.190  1.00 22.42 ? 50  LYS A C    1 
ATOM   623  O O    . LYS A 1 50 ? 8.564   -12.465 -2.838  1.00 17.70 ? 50  LYS A O    1 
ATOM   624  C CB   . LYS A 1 50 ? 11.315  -12.569 -3.220  1.00 25.72 ? 50  LYS A CB   1 
ATOM   625  C CG   . LYS A 1 50 ? 12.824  -12.394 -3.043  1.00 29.96 ? 50  LYS A CG   1 
ATOM   626  C CD   . LYS A 1 50 ? 13.315  -11.130 -3.724  1.00 40.02 ? 50  LYS A CD   1 
ATOM   627  C CE   . LYS A 1 50 ? 14.722  -10.753 -3.268  1.00 58.04 ? 50  LYS A CE   1 
ATOM   628  N NZ   . LYS A 1 50 ? 15.783  -11.555 -3.946  1.00 53.16 ? 50  LYS A NZ   1 
ATOM   629  H H    . LYS A 1 50 ? 11.801  -15.000 -1.690  1.00 23.54 ? 50  LYS A H    1 
ATOM   630  H HA   . LYS A 1 50 ? 10.955  -13.090 -1.275  1.00 28.76 ? 50  LYS A HA   1 
ATOM   631  H HB2  . LYS A 1 50 ? 11.162  -12.974 -4.087  1.00 30.67 ? 50  LYS A HB2  1 
ATOM   632  H HB3  . LYS A 1 50 ? 10.908  -11.689 -3.190  1.00 30.67 ? 50  LYS A HB3  1 
ATOM   633  H HG2  . LYS A 1 50 ? 13.031  -12.330 -2.097  1.00 35.77 ? 50  LYS A HG2  1 
ATOM   634  H HG3  . LYS A 1 50 ? 13.284  -13.151 -3.438  1.00 35.77 ? 50  LYS A HG3  1 
ATOM   635  H HD2  . LYS A 1 50 ? 13.334  -11.271 -4.683  1.00 47.84 ? 50  LYS A HD2  1 
ATOM   636  H HD3  . LYS A 1 50 ? 12.718  -10.397 -3.505  1.00 47.84 ? 50  LYS A HD3  1 
ATOM   637  H HE2  . LYS A 1 50 ? 14.879  -9.817  -3.470  1.00 69.47 ? 50  LYS A HE2  1 
ATOM   638  H HE3  . LYS A 1 50 ? 14.796  -10.904 -2.313  1.00 69.47 ? 50  LYS A HE3  1 
ATOM   639  N N    . THR A 1 51 ? 8.502   -14.258 -1.462  1.00 16.02 ? 51  THR A N    1 
ATOM   640  C CA   . THR A 1 51 ? 7.067   -14.433 -1.499  1.00 18.69 ? 51  THR A CA   1 
ATOM   641  C C    . THR A 1 51 ? 6.425   -14.270 -0.124  1.00 18.92 ? 51  THR A C    1 
ATOM   642  O O    . THR A 1 51 ? 6.793   -14.950 0.842   1.00 18.42 ? 51  THR A O    1 
ATOM   643  C CB   . THR A 1 51 ? 6.714   -15.826 -2.070  1.00 17.55 ? 51  THR A CB   1 
ATOM   644  O OG1  . THR A 1 51 ? 7.197   -15.912 -3.420  1.00 21.40 ? 51  THR A OG1  1 
ATOM   645  C CG2  . THR A 1 51 ? 5.212   -16.049 -2.065  1.00 15.15 ? 51  THR A CG2  1 
ATOM   646  H H    . THR A 1 51 ? 8.896   -14.799 -0.923  1.00 19.04 ? 51  THR A H    1 
ATOM   647  H HA   . THR A 1 51 ? 6.681   -13.756 -2.093  1.00 22.24 ? 51  THR A HA   1 
ATOM   648  H HB   . THR A 1 51 ? 7.132   -16.515 -1.530  1.00 20.87 ? 51  THR A HB   1 
ATOM   649  N N    . PHE A 1 52 ? 5.475   -13.342 -0.061  1.00 13.97 ? 52  PHE A N    1 
ATOM   650  C CA   . PHE A 1 52 ? 4.582   -13.172 1.075   1.00 15.68 ? 52  PHE A CA   1 
ATOM   651  C C    . PHE A 1 52 ? 3.325   -13.983 0.854   1.00 17.90 ? 52  PHE A C    1 
ATOM   652  O O    . PHE A 1 52 ? 2.848   -14.116 -0.279  1.00 17.94 ? 52  PHE A O    1 
ATOM   653  C CB   . PHE A 1 52 ? 4.165   -11.703 1.226   1.00 15.32 ? 52  PHE A CB   1 
ATOM   654  C CG   . PHE A 1 52 ? 5.276   -10.800 1.652   1.00 17.04 ? 52  PHE A CG   1 
ATOM   655  C CD1  . PHE A 1 52 ? 6.086   -10.180 0.704   1.00 18.16 ? 52  PHE A CD1  1 
ATOM   656  C CD2  . PHE A 1 52 ? 5.524   -10.573 2.996   1.00 18.13 ? 52  PHE A CD2  1 
ATOM   657  C CE1  . PHE A 1 52 ? 7.119   -9.351  1.086   1.00 16.84 ? 52  PHE A CE1  1 
ATOM   658  C CE2  . PHE A 1 52 ? 6.565   -9.737  3.385   1.00 18.00 ? 52  PHE A CE2  1 
ATOM   659  C CZ   . PHE A 1 52 ? 7.358   -9.131  2.427   1.00 17.52 ? 52  PHE A CZ   1 
ATOM   660  H H    . PHE A 1 52 ? 5.325   -12.778 -0.692  1.00 16.57 ? 52  PHE A H    1 
ATOM   661  H HA   . PHE A 1 52 ? 5.019   -13.470 1.900   1.00 18.63 ? 52  PHE A HA   1 
ATOM   662  H HB2  . PHE A 1 52 ? 3.834   -11.383 0.373   1.00 18.20 ? 52  PHE A HB2  1 
ATOM   663  H HB3  . PHE A 1 52 ? 3.464   -11.645 1.894   1.00 18.20 ? 52  PHE A HB3  1 
ATOM   664  H HD1  . PHE A 1 52 ? 5.929   -10.329 -0.200  1.00 21.61 ? 52  PHE A HD1  1 
ATOM   665  H HD2  . PHE A 1 52 ? 4.994   -10.981 3.641   1.00 21.58 ? 52  PHE A HD2  1 
ATOM   666  H HE1  . PHE A 1 52 ? 7.652   -8.941  0.443   1.00 20.02 ? 52  PHE A HE1  1 
ATOM   667  H HE2  . PHE A 1 52 ? 6.729   -9.586  4.288   1.00 21.41 ? 52  PHE A HE2  1 
ATOM   668  H HZ   . PHE A 1 52 ? 8.052   -8.570  2.687   1.00 20.84 ? 52  PHE A HZ   1 
ATOM   669  N N    . THR A 1 53 ? 2.788   -14.521 1.944   1.00 18.50 ? 53  THR A N    1 
ATOM   670  C CA   . THR A 1 53 ? 1.477   -15.147 1.939   1.00 20.26 ? 53  THR A CA   1 
ATOM   671  C C    . THR A 1 53 ? 0.616   -14.484 3.012   1.00 22.21 ? 53  THR A C    1 
ATOM   672  O O    . THR A 1 53 ? 1.079   -14.241 4.134   1.00 18.74 ? 53  THR A O    1 
ATOM   673  C CB   . THR A 1 53 ? 1.551   -16.672 2.203   1.00 17.11 ? 53  THR A CB   1 
ATOM   674  O OG1  . THR A 1 53 ? 2.307   -17.302 1.165   1.00 20.54 ? 53  THR A OG1  1 
ATOM   675  C CG2  . THR A 1 53 ? 0.140   -17.282 2.238   1.00 23.26 ? 53  THR A CG2  1 
ATOM   676  H H    . THR A 1 53 ? 3.173   -14.534 2.712   1.00 22.02 ? 53  THR A H    1 
ATOM   677  H HA   . THR A 1 53 ? 1.052   -15.005 1.068   1.00 24.13 ? 53  THR A HA   1 
ATOM   678  H HB   . THR A 1 53 ? 1.977   -16.832 3.059   1.00 20.35 ? 53  THR A HB   1 
ATOM   679  N N    . VAL A 1 54 ? -0.624  -14.164 2.669   1.00 14.99 ? 54  VAL A N    1 
ATOM   680  C CA   . VAL A 1 54 ? -1.565  -13.688 3.678   1.00 18.22 ? 54  VAL A CA   1 
ATOM   681  C C    . VAL A 1 54 ? -2.732  -14.653 3.769   1.00 21.55 ? 54  VAL A C    1 
ATOM   682  O O    . VAL A 1 54 ? -3.399  -14.955 2.774   1.00 23.20 ? 54  VAL A O    1 
ATOM   683  C CB   . VAL A 1 54 ? -2.065  -12.260 3.420   1.00 15.66 ? 54  VAL A CB   1 
ATOM   684  C CG1  . VAL A 1 54 ? -2.780  -12.178 2.075   1.00 20.05 ? 54  VAL A CG1  1 
ATOM   685  C CG2  . VAL A 1 54 ? -2.971  -11.780 4.585   1.00 16.26 ? 54  VAL A CG2  1 
ATOM   686  H H    . VAL A 1 54 ? -0.943  -14.212 1.872   1.00 17.80 ? 54  VAL A H    1 
ATOM   687  H HA   . VAL A 1 54 ? -1.113  -13.688 4.548   1.00 21.67 ? 54  VAL A HA   1 
ATOM   688  H HB   . VAL A 1 54 ? -1.291  -11.660 3.381   1.00 18.60 ? 54  VAL A HB   1 
ATOM   689  N N    . THR A 1 55 ? -2.953  -15.139 4.982   1.00 23.55 ? 55  THR A N    1 
ATOM   690  C CA   . THR A 1 55 ? -3.985  -16.126 5.255   1.00 25.33 ? 55  THR A CA   1 
ATOM   691  C C    . THR A 1 55 ? -5.018  -15.545 6.205   1.00 29.74 ? 55  THR A C    1 
ATOM   692  O O    . THR A 1 55 ? -4.698  -14.754 7.088   1.00 30.55 ? 55  THR A O    1 
ATOM   693  C CB   . THR A 1 55 ? -3.389  -17.399 5.914   1.00 29.02 ? 55  THR A CB   1 
ATOM   694  O OG1  . THR A 1 55 ? -2.393  -17.976 5.057   1.00 31.24 ? 55  THR A OG1  1 
ATOM   695  C CG2  . THR A 1 55 ? -4.479  -18.422 6.179   1.00 42.74 ? 55  THR A CG2  1 
ATOM   696  H H    . THR A 1 55 ? -2.508  -14.906 5.681   1.00 28.07 ? 55  THR A H    1 
ATOM   697  H HA   . THR A 1 55 ? -4.430  -16.381 4.420   1.00 30.21 ? 55  THR A HA   1 
ATOM   698  H HB   . THR A 1 55 ? -2.983  -17.160 6.763   1.00 34.64 ? 55  THR A HB   1 
ATOM   699  N N    . GLU A 1 56 ? -6.271  -15.924 6.005   1.00 24.91 ? 56  GLU A N    1 
ATOM   700  C CA   . GLU A 1 56 ? -7.291  -15.709 7.013   1.00 27.65 ? 56  GLU A CA   1 
ATOM   701  C C    . GLU A 1 56 ? -7.621  -17.071 7.607   1.00 51.18 ? 56  GLU A C    1 
ATOM   702  O O    . GLU A 1 56 ? -7.941  -18.010 6.874   1.00 45.73 ? 56  GLU A O    1 
ATOM   703  C CB   . GLU A 1 56 ? -8.543  -15.110 6.399   1.00 34.30 ? 56  GLU A CB   1 
ATOM   704  C CG   . GLU A 1 56 ? -8.464  -13.629 6.080   1.00 32.02 ? 56  GLU A CG   1 
ATOM   705  C CD   . GLU A 1 56 ? -9.729  -13.159 5.398   1.00 35.47 ? 56  GLU A CD   1 
ATOM   706  O OE1  . GLU A 1 56 ? -10.143 -13.826 4.424   1.00 26.14 ? 56  GLU A OE1  1 
ATOM   707  O OE2  . GLU A 1 56 ? -10.321 -12.154 5.843   1.00 45.97 ? 56  GLU A OE2  1 
ATOM   708  H H    . GLU A 1 56 ? -6.555  -16.308 5.290   1.00 29.71 ? 56  GLU A H    1 
ATOM   709  H HA   . GLU A 1 56 ? -6.956  -15.116 7.719   1.00 32.99 ? 56  GLU A HA   1 
ATOM   710  H HB2  . GLU A 1 56 ? -8.732  -15.577 5.571   1.00 40.97 ? 56  GLU A HB2  1 
ATOM   711  H HB3  . GLU A 1 56 ? -9.279  -15.236 7.019   1.00 40.97 ? 56  GLU A HB3  1 
ATOM   712  H HG2  . GLU A 1 56 ? -8.355  -13.127 6.902   1.00 38.24 ? 56  GLU A HG2  1 
ATOM   713  H HG3  . GLU A 1 56 ? -7.716  -13.467 5.484   1.00 38.24 ? 56  GLU A HG3  1 
HETATM 714  N N    . NH2 A 1 57 ? -7.526  -17.179 8.929   1.00 48.12 ? 57  NH2 A N    1 
ATOM   715  N N    . ASP B 1 1  ? 6.811   7.594   11.839  1.00 12.77 ? 1   ASP B N    1 
ATOM   716  C CA   . ASP B 1 1  ? 5.889   8.724   11.829  1.00 17.72 ? 1   ASP B CA   1 
ATOM   717  C C    . ASP B 1 1  ? 4.569   8.271   11.231  1.00 14.21 ? 1   ASP B C    1 
ATOM   718  O O    . ASP B 1 1  ? 4.534   7.332   10.438  1.00 13.08 ? 1   ASP B O    1 
ATOM   719  C CB   . ASP B 1 1  ? 6.433   9.895   10.991  1.00 17.55 ? 1   ASP B CB   1 
ATOM   720  C CG   . ASP B 1 1  ? 7.777   10.418  11.488  1.00 17.46 ? 1   ASP B CG   1 
ATOM   721  O OD1  . ASP B 1 1  ? 8.785   9.691   11.376  1.00 19.56 ? 1   ASP B OD1  1 
ATOM   722  O OD2  . ASP B 1 1  ? 7.823   11.571  11.961  1.00 23.67 ? 1   ASP B OD2  1 
ATOM   723  H HA   . ASP B 1 1  ? 5.732   9.035   12.746  1.00 21.07 ? 1   ASP B HA   1 
ATOM   724  H HB2  . ASP B 1 1  ? 6.549   9.598   10.075  1.00 20.88 ? 1   ASP B HB2  1 
ATOM   725  H HB3  . ASP B 1 1  ? 5.797   10.626  11.023  1.00 20.88 ? 1   ASP B HB3  1 
ATOM   726  N N    . THR B 1 2  ? 3.486   8.936   11.617  1.00 14.53 ? 2   THR B N    1 
ATOM   727  C CA   . THR B 1 2  ? 2.195   8.683   11.003  1.00 20.56 ? 2   THR B CA   1 
ATOM   728  C C    . THR B 1 2  ? 1.993   9.683   9.880   1.00 16.94 ? 2   THR B C    1 
ATOM   729  O O    . THR B 1 2  ? 2.242   10.882  10.047  1.00 15.58 ? 2   THR B O    1 
ATOM   730  C CB   . THR B 1 2  ? 1.046   8.776   12.023  1.00 21.12 ? 2   THR B CB   1 
ATOM   731  O OG1  . THR B 1 2  ? 1.250   7.792   13.042  1.00 21.20 ? 2   THR B OG1  1 
ATOM   732  C CG2  . THR B 1 2  ? -0.308  8.527   11.346  1.00 14.01 ? 2   THR B CG2  1 
ATOM   733  H H    . THR B 1 2  ? 3.475   9.537   12.232  1.00 17.25 ? 2   THR B H    1 
ATOM   734  H HA   . THR B 1 2  ? 2.191   7.782   10.618  1.00 24.49 ? 2   THR B HA   1 
ATOM   735  H HB   . THR B 1 2  ? 1.036   9.660   12.422  1.00 25.16 ? 2   THR B HB   1 
ATOM   736  N N    . TYR B 1 3  ? 1.575   9.161   8.733   1.00 13.48 ? 3   TYR B N    1 
ATOM   737  C CA   . TYR B 1 3  ? 1.376   9.962   7.529   1.00 11.04 ? 3   TYR B CA   1 
ATOM   738  C C    . TYR B 1 3  ? -0.083  9.964   7.157   1.00 13.30 ? 3   TYR B C    1 
ATOM   739  O O    . TYR B 1 3  ? -0.802  8.992   7.407   1.00 12.01 ? 3   TYR B O    1 
ATOM   740  C CB   . TYR B 1 3  ? 2.213   9.396   6.370   1.00 13.52 ? 3   TYR B CB   1 
ATOM   741  C CG   . TYR B 1 3  ? 3.679   9.555   6.598   1.00 14.36 ? 3   TYR B CG   1 
ATOM   742  C CD1  . TYR B 1 3  ? 4.326   10.724  6.222   1.00 16.95 ? 3   TYR B CD1  1 
ATOM   743  C CD2  . TYR B 1 3  ? 4.425   8.556   7.231   1.00 16.21 ? 3   TYR B CD2  1 
ATOM   744  C CE1  . TYR B 1 3  ? 5.681   10.898  6.447   1.00 16.71 ? 3   TYR B CE1  1 
ATOM   745  C CE2  . TYR B 1 3  ? 5.805   8.725   7.458   1.00 15.33 ? 3   TYR B CE2  1 
ATOM   746  C CZ   . TYR B 1 3  ? 6.414   9.908   7.071   1.00 18.74 ? 3   TYR B CZ   1 
ATOM   747  O OH   . TYR B 1 3  ? 7.764   10.110  7.274   1.00 21.63 ? 3   TYR B OH   1 
ATOM   748  H H    . TYR B 1 3  ? 1.396   8.328   8.624   1.00 15.99 ? 3   TYR B H    1 
ATOM   749  H HA   . TYR B 1 3  ? 1.657   10.885  7.697   1.00 13.06 ? 3   TYR B HA   1 
ATOM   750  H HB2  . TYR B 1 3  ? 2.023   8.450   6.274   1.00 16.04 ? 3   TYR B HB2  1 
ATOM   751  H HB3  . TYR B 1 3  ? 1.982   9.867   5.553   1.00 16.04 ? 3   TYR B HB3  1 
ATOM   752  H HD1  . TYR B 1 3  ? 3.841   11.401  5.809   1.00 20.16 ? 3   TYR B HD1  1 
ATOM   753  H HD2  . TYR B 1 3  ? 4.008   7.768   7.496   1.00 19.27 ? 3   TYR B HD2  1 
ATOM   754  H HE1  . TYR B 1 3  ? 6.097   11.687  6.184   1.00 19.86 ? 3   TYR B HE1  1 
ATOM   755  H HE2  . TYR B 1 3  ? 6.298   8.057   7.877   1.00 18.21 ? 3   TYR B HE2  1 
ATOM   756  N N    . LYS B 1 4  ? -0.507  11.073  6.562   1.00 12.04 ? 4   LYS B N    1 
ATOM   757  C CA   . LYS B 1 4  ? -1.882  11.277  6.149   1.00 14.09 ? 4   LYS B CA   1 
ATOM   758  C C    . LYS B 1 4  ? -1.941  11.422  4.634   1.00 15.56 ? 4   LYS B C    1 
ATOM   759  O O    . LYS B 1 4  ? -1.057  12.036  4.022   1.00 12.83 ? 4   LYS B O    1 
ATOM   760  C CB   . LYS B 1 4  ? -2.404  12.549  6.827   1.00 15.22 ? 4   LYS B CB   1 
ATOM   761  C CG   . LYS B 1 4  ? -3.714  13.133  6.330   1.00 33.35 ? 4   LYS B CG   1 
ATOM   762  C CD   . LYS B 1 4  ? -4.054  14.353  7.208   1.00 28.20 ? 4   LYS B CD   1 
ATOM   763  C CE   . LYS B 1 4  ? -5.272  15.126  6.743   1.00 34.48 ? 4   LYS B CE   1 
ATOM   764  N NZ   . LYS B 1 4  ? -5.602  16.223  7.700   1.00 49.16 ? 4   LYS B NZ   1 
ATOM   765  H H    . LYS B 1 4  ? 0.004   11.740  6.383   1.00 14.26 ? 4   LYS B H    1 
ATOM   766  H HA   . LYS B 1 4  ? -2.434  10.515  6.422   1.00 16.72 ? 4   LYS B HA   1 
ATOM   767  H HB2  . LYS B 1 4  ? -2.521  12.357  7.770   1.00 18.07 ? 4   LYS B HB2  1 
ATOM   768  H HB3  . LYS B 1 4  ? -1.731  13.240  6.725   1.00 18.07 ? 4   LYS B HB3  1 
ATOM   769  H HG2  . LYS B 1 4  ? -3.619  13.424  5.410   1.00 39.84 ? 4   LYS B HG2  1 
ATOM   770  H HG3  . LYS B 1 4  ? -4.423  12.476  6.414   1.00 39.84 ? 4   LYS B HG3  1 
ATOM   771  H HD2  . LYS B 1 4  ? -4.225  14.047  8.113   1.00 33.65 ? 4   LYS B HD2  1 
ATOM   772  H HD3  . LYS B 1 4  ? -3.298  14.960  7.203   1.00 33.65 ? 4   LYS B HD3  1 
ATOM   773  H HE2  . LYS B 1 4  ? -5.090  15.521  5.876   1.00 41.19 ? 4   LYS B HE2  1 
ATOM   774  H HE3  . LYS B 1 4  ? -6.033  14.527  6.689   1.00 41.19 ? 4   LYS B HE3  1 
ATOM   775  N N    . LEU B 1 5  ? -3.000  10.878  4.042   1.00 11.45 ? 5   LEU B N    1 
ATOM   776  C CA   . LEU B 1 5  ? -3.251  11.034  2.619   1.00 13.28 ? 5   LEU B CA   1 
ATOM   777  C C    . LEU B 1 5  ? -4.646  11.634  2.392   1.00 16.12 ? 5   LEU B C    1 
ATOM   778  O O    . LEU B 1 5  ? -5.628  11.127  2.918   1.00 12.14 ? 5   LEU B O    1 
ATOM   779  C CB   . LEU B 1 5  ? -3.154  9.693   1.885   1.00 14.81 ? 5   LEU B CB   1 
ATOM   780  C CG   . LEU B 1 5  ? -3.580  9.758   0.411   1.00 18.99 ? 5   LEU B CG   1 
ATOM   781  C CD1  . LEU B 1 5  ? -2.498  10.460  -0.430  1.00 15.41 ? 5   LEU B CD1  1 
ATOM   782  C CD2  . LEU B 1 5  ? -3.899  8.382   -0.141  1.00 22.97 ? 5   LEU B CD2  1 
ATOM   783  H H    . LEU B 1 5  ? -3.593  10.408  4.450   1.00 13.56 ? 5   LEU B H    1 
ATOM   784  H HA   . LEU B 1 5  ? -2.585  11.644  2.237   1.00 15.75 ? 5   LEU B HA   1 
ATOM   785  H HB2  . LEU B 1 5  ? -2.235  9.387   1.915   1.00 17.59 ? 5   LEU B HB2  1 
ATOM   786  H HB3  . LEU B 1 5  ? -3.729  9.050   2.331   1.00 17.59 ? 5   LEU B HB3  1 
ATOM   787  H HG   . LEU B 1 5  ? -4.388  10.291  0.348   1.00 22.61 ? 5   LEU B HG   1 
ATOM   788  N N    . ILE B 1 6  ? -4.711  12.709  1.613   1.00 9.57  ? 6   ILE B N    1 
ATOM   789  C CA   . ILE B 1 6  ? -5.987  13.276  1.175   1.00 13.08 ? 6   ILE B CA   1 
ATOM   790  C C    . ILE B 1 6  ? -6.114  13.044  -0.317  1.00 19.55 ? 6   ILE B C    1 
ATOM   791  O O    . ILE B 1 6  ? -5.256  13.476  -1.089  1.00 16.18 ? 6   ILE B O    1 
ATOM   792  C CB   . ILE B 1 6  ? -6.074  14.789  1.435   1.00 13.71 ? 6   ILE B CB   1 
ATOM   793  C CG1  . ILE B 1 6  ? -5.961  15.069  2.935   1.00 22.97 ? 6   ILE B CG1  1 
ATOM   794  C CG2  . ILE B 1 6  ? -7.398  15.372  0.871   1.00 17.04 ? 6   ILE B CG2  1 
ATOM   795  C CD1  . ILE B 1 6  ? -5.510  16.463  3.245   1.00 29.78 ? 6   ILE B CD1  1 
ATOM   796  H H    . ILE B 1 6  ? -4.024  13.134  1.319   1.00 11.29 ? 6   ILE B H    1 
ATOM   797  H HA   . ILE B 1 6  ? -6.729  12.829  1.633   1.00 15.51 ? 6   ILE B HA   1 
ATOM   798  H HB   . ILE B 1 6  ? -5.331  15.221  0.984   1.00 16.26 ? 6   ILE B HB   1 
ATOM   799  H HG12 . ILE B 1 6  ? -6.831  14.938  3.345   1.00 27.38 ? 6   ILE B HG12 1 
ATOM   800  H HG13 . ILE B 1 6  ? -5.318  14.454  3.322   1.00 27.38 ? 6   ILE B HG13 1 
ATOM   801  N N    . LEU B 1 7  ? -7.185  12.372  -0.716  1.00 13.35 ? 7   LEU B N    1 
ATOM   802  C CA   . LEU B 1 7  ? -7.466  12.115  -2.120  1.00 14.57 ? 7   LEU B CA   1 
ATOM   803  C C    . LEU B 1 7  ? -8.605  13.022  -2.572  1.00 22.84 ? 7   LEU B C    1 
ATOM   804  O O    . LEU B 1 7  ? -9.727  12.913  -2.072  1.00 18.83 ? 7   LEU B O    1 
ATOM   805  C CB   . LEU B 1 7  ? -7.797  10.626  -2.318  1.00 17.45 ? 7   LEU B CB   1 
ATOM   806  C CG   . LEU B 1 7  ? -8.364  10.138  -3.649  1.00 29.92 ? 7   LEU B CG   1 
ATOM   807  C CD1  . LEU B 1 7  ? -7.532  10.613  -4.838  1.00 29.55 ? 7   LEU B CD1  1 
ATOM   808  C CD2  . LEU B 1 7  ? -8.437  8.627   -3.629  1.00 33.01 ? 7   LEU B CD2  1 
ATOM   809  H H    . LEU B 1 7  ? -7.776  12.048  -0.182  1.00 15.84 ? 7   LEU B H    1 
ATOM   810  H HA   . LEU B 1 7  ? -6.672  12.328  -2.654  1.00 17.29 ? 7   LEU B HA   1 
ATOM   811  H HB2  . LEU B 1 7  ? -6.979  10.125  -2.168  1.00 20.76 ? 7   LEU B HB2  1 
ATOM   812  H HB3  . LEU B 1 7  ? -8.442  10.379  -1.637  1.00 20.76 ? 7   LEU B HB3  1 
ATOM   813  H HG   . LEU B 1 7  ? -9.264  10.482  -3.755  1.00 35.71 ? 7   LEU B HG   1 
ATOM   814  N N    . ASN B 1 8  ? -8.295  13.942  -3.489  1.00 17.38 ? 8   ASN B N    1 
ATOM   815  C CA   . ASN B 1 8  ? -9.266  14.907  -4.003  1.00 22.75 ? 8   ASN B CA   1 
ATOM   816  C C    . ASN B 1 8  ? -9.577  14.707  -5.483  1.00 30.43 ? 8   ASN B C    1 
ATOM   817  O O    . ASN B 1 8  ? -8.671  14.547  -6.303  1.00 27.14 ? 8   ASN B O    1 
ATOM   818  C CB   . ASN B 1 8  ? -8.742  16.333  -3.841  1.00 25.66 ? 8   ASN B CB   1 
ATOM   819  C CG   . ASN B 1 8  ? -8.786  16.815  -2.421  1.00 29.49 ? 8   ASN B CG   1 
ATOM   820  O OD1  . ASN B 1 8  ? -9.685  16.465  -1.656  1.00 25.29 ? 8   ASN B OD1  1 
ATOM   821  N ND2  . ASN B 1 8  ? -7.813  17.645  -2.057  1.00 26.01 ? 8   ASN B ND2  1 
ATOM   822  H H    . ASN B 1 8  ? -7.512  14.026  -3.834  1.00 20.67 ? 8   ASN B H    1 
ATOM   823  H HA   . ASN B 1 8  ? -10.102 14.826  -3.498  1.00 27.12 ? 8   ASN B HA   1 
ATOM   824  H HB2  . ASN B 1 8  ? -7.820  16.366  -4.140  1.00 30.60 ? 8   ASN B HB2  1 
ATOM   825  H HB3  . ASN B 1 8  ? -9.286  16.930  -4.377  1.00 30.60 ? 8   ASN B HB3  1 
ATOM   826  N N    . GLY B 1 9  ? -10.865 14.715  -5.815  1.00 26.65 ? 9   GLY B N    1 
ATOM   827  C CA   . GLY B 1 9  ? -11.314 14.974  -7.177  1.00 26.60 ? 9   GLY B CA   1 
ATOM   828  C C    . GLY B 1 9  ? -11.809 16.407  -7.197  1.00 34.60 ? 9   GLY B C    1 
ATOM   829  O O    . GLY B 1 9  ? -11.170 17.290  -6.611  1.00 30.06 ? 9   GLY B O    1 
ATOM   830  H H    . GLY B 1 9  ? -11.507 14.572  -5.260  1.00 31.80 ? 9   GLY B H    1 
ATOM   831  H HA2  . GLY B 1 9  ? -10.581 14.871  -7.805  1.00 31.73 ? 9   GLY B HA2  1 
ATOM   832  H HA3  . GLY B 1 9  ? -12.038 14.375  -7.418  1.00 31.73 ? 9   GLY B HA3  1 
ATOM   833  N N    . LYS B 1 10 ? -12.955 16.648  -7.830  1.00 34.58 ? 10  LYS B N    1 
ATOM   834  C CA   . LYS B 1 10 ? -13.624 17.937  -7.679  1.00 40.75 ? 10  LYS B CA   1 
ATOM   835  C C    . LYS B 1 10 ? -13.980 18.124  -6.200  1.00 46.50 ? 10  LYS B C    1 
ATOM   836  O O    . LYS B 1 10 ? -14.044 19.247  -5.696  1.00 34.03 ? 10  LYS B O    1 
ATOM   837  C CB   . LYS B 1 10 ? -14.901 18.006  -8.526  1.00 50.38 ? 10  LYS B CB   1 
ATOM   838  C CG   . LYS B 1 10 ? -14.707 17.801  -10.019 1.00 59.12 ? 10  LYS B CG   1 
ATOM   839  C CD   . LYS B 1 10 ? -15.952 18.242  -10.782 1.00 66.08 ? 10  LYS B CD   1 
ATOM   840  C CE   . LYS B 1 10 ? -16.209 17.389  -12.013 1.00 75.86 ? 10  LYS B CE   1 
ATOM   841  N NZ   . LYS B 1 10 ? -17.368 17.889  -12.807 1.00 75.70 ? 10  LYS B NZ   1 
ATOM   842  H H    . LYS B 1 10 ? -13.361 16.091  -8.343  1.00 41.31 ? 10  LYS B H    1 
ATOM   843  H HA   . LYS B 1 10 ? -13.022 18.659  -7.954  1.00 48.71 ? 10  LYS B HA   1 
ATOM   844  H HB2  . LYS B 1 10 ? -15.512 17.321  -8.215  1.00 60.27 ? 10  LYS B HB2  1 
ATOM   845  H HB3  . LYS B 1 10 ? -15.304 18.880  -8.402  1.00 60.27 ? 10  LYS B HB3  1 
ATOM   846  H HG2  . LYS B 1 10 ? -13.955 18.332  -10.325 1.00 70.76 ? 10  LYS B HG2  1 
ATOM   847  H HG3  . LYS B 1 10 ? -14.554 16.860  -10.200 1.00 70.76 ? 10  LYS B HG3  1 
ATOM   848  H HD2  . LYS B 1 10 ? -16.723 18.170  -10.199 1.00 79.10 ? 10  LYS B HD2  1 
ATOM   849  H HD3  . LYS B 1 10 ? -15.838 19.162  -11.071 1.00 79.10 ? 10  LYS B HD3  1 
ATOM   850  H HE2  . LYS B 1 10 ? -15.423 17.405  -12.582 1.00 90.85 ? 10  LYS B HE2  1 
ATOM   851  H HE3  . LYS B 1 10 ? -16.402 16.480  -11.736 1.00 90.85 ? 10  LYS B HE3  1 
ATOM   852  N N    . THR B 1 11 ? -14.211 17.005  -5.515  1.00 27.87 ? 11  THR B N    1 
ATOM   853  C CA   . THR B 1 11 ? -14.572 17.004  -4.100  1.00 33.80 ? 11  THR B CA   1 
ATOM   854  C C    . THR B 1 11 ? -13.657 16.019  -3.361  1.00 25.95 ? 11  THR B C    1 
ATOM   855  O O    . THR B 1 11 ? -12.915 15.271  -3.993  1.00 24.09 ? 11  THR B O    1 
ATOM   856  C CB   . THR B 1 11 ? -16.047 16.566  -3.903  1.00 24.22 ? 11  THR B CB   1 
ATOM   857  O OG1  . THR B 1 11 ? -16.234 15.263  -4.469  1.00 26.13 ? 11  THR B OG1  1 
ATOM   858  C CG2  . THR B 1 11 ? -17.014 17.549  -4.575  1.00 29.46 ? 11  THR B CG2  1 
ATOM   859  H H    . THR B 1 11 ? -14.163 16.217  -5.856  1.00 33.25 ? 11  THR B H    1 
ATOM   860  H HA   . THR B 1 11 ? -14.451 17.899  -3.721  1.00 40.37 ? 11  THR B HA   1 
ATOM   861  H HB   . THR B 1 11 ? -16.250 16.537  -2.954  1.00 28.88 ? 11  THR B HB   1 
ATOM   862  N N    . LEU B 1 12 ? -13.702 16.026  -2.030  1.00 24.71 ? 12  LEU B N    1 
ATOM   863  C CA   . LEU B 1 12 ? -12.949 15.054  -1.227  1.00 16.93 ? 12  LEU B CA   1 
ATOM   864  C C    . LEU B 1 12 ? -13.441 13.644  -1.527  1.00 20.07 ? 12  LEU B C    1 
ATOM   865  O O    . LEU B 1 12 ? -14.632 13.368  -1.402  1.00 25.22 ? 12  LEU B O    1 
ATOM   866  C CB   . LEU B 1 12 ? -13.138 15.361  0.256   1.00 22.88 ? 12  LEU B CB   1 
ATOM   867  C CG   . LEU B 1 12 ? -12.555 14.316  1.199   1.00 24.18 ? 12  LEU B CG   1 
ATOM   868  C CD1  . LEU B 1 12 ? -11.035 14.365  1.124   1.00 17.26 ? 12  LEU B CD1  1 
ATOM   869  C CD2  . LEU B 1 12 ? -13.066 14.551  2.625   1.00 18.40 ? 12  LEU B CD2  1 
ATOM   870  H H    . LEU B 1 12 ? -14.162 16.583  -1.563  1.00 29.47 ? 12  LEU B H    1 
ATOM   871  H HA   . LEU B 1 12 ? -11.995 15.111  -1.444  1.00 20.13 ? 12  LEU B HA   1 
ATOM   872  H HB2  . LEU B 1 12 ? -12.709 16.208  0.453   1.00 27.27 ? 12  LEU B HB2  1 
ATOM   873  H HB3  . LEU B 1 12 ? -14.088 15.426  0.440   1.00 27.27 ? 12  LEU B HB3  1 
ATOM   874  H HG   . LEU B 1 12 ? -12.844 13.435  0.916   1.00 28.84 ? 12  LEU B HG   1 
ATOM   875  N N    . LYS B 1 13 ? -12.546 12.750  -1.937  1.00 18.17 ? 13  LYS B N    1 
ATOM   876  C CA   . LYS B 1 13 ? -12.951 11.391  -2.308  1.00 15.80 ? 13  LYS B CA   1 
ATOM   877  C C    . LYS B 1 13 ? -12.352 10.281  -1.428  1.00 14.84 ? 13  LYS B C    1 
ATOM   878  O O    . LYS B 1 13 ? -12.782 9.128   -1.489  1.00 23.95 ? 13  LYS B O    1 
ATOM   879  C CB   . LYS B 1 13 ? -12.642 11.123  -3.784  1.00 20.41 ? 13  LYS B CB   1 
ATOM   880  C CG   . LYS B 1 13 ? -13.569 11.860  -4.767  1.00 25.23 ? 13  LYS B CG   1 
ATOM   881  C CD   . LYS B 1 13 ? -15.018 11.334  -4.715  1.00 27.95 ? 13  LYS B CD   1 
ATOM   882  C CE   . LYS B 1 13 ? -15.932 12.062  -5.719  1.00 30.28 ? 13  LYS B CE   1 
ATOM   883  N NZ   . LYS B 1 13 ? -17.359 11.644  -5.615  1.00 30.67 ? 13  LYS B NZ   1 
ATOM   884  H H    . LYS B 1 13 ? -11.702 12.901  -2.010  1.00 21.61 ? 13  LYS B H    1 
ATOM   885  H HA   . LYS B 1 13 ? -13.925 11.334  -2.208  1.00 18.77 ? 13  LYS B HA   1 
ATOM   886  H HB2  . LYS B 1 13 ? -11.733 11.406  -3.968  1.00 24.30 ? 13  LYS B HB2  1 
ATOM   887  H HB3  . LYS B 1 13 ? -12.730 10.172  -3.952  1.00 24.30 ? 13  LYS B HB3  1 
ATOM   888  H HG2  . LYS B 1 13 ? -13.584 12.804  -4.542  1.00 30.09 ? 13  LYS B HG2  1 
ATOM   889  H HG3  . LYS B 1 13 ? -13.237 11.738  -5.670  1.00 30.09 ? 13  LYS B HG3  1 
ATOM   890  H HD2  . LYS B 1 13 ? -15.021 10.389  -4.934  1.00 33.36 ? 13  LYS B HD2  1 
ATOM   891  H HD3  . LYS B 1 13 ? -15.376 11.473  -3.825  1.00 33.36 ? 13  LYS B HD3  1 
ATOM   892  H HE2  . LYS B 1 13 ? -15.887 13.017  -5.552  1.00 36.14 ? 13  LYS B HE2  1 
ATOM   893  H HE3  . LYS B 1 13 ? -15.628 11.869  -6.619  1.00 36.14 ? 13  LYS B HE3  1 
ATOM   894  N N    . GLY B 1 14 ? -11.373 10.619  -0.604  1.00 18.88 ? 14  GLY B N    1 
ATOM   895  C CA   . GLY B 1 14 ? -10.787 9.625   0.281   1.00 21.11 ? 14  GLY B CA   1 
ATOM   896  C C    . GLY B 1 14 ? -9.767  10.219  1.228   1.00 16.75 ? 14  GLY B C    1 
ATOM   897  O O    . GLY B 1 14 ? -9.156  11.243  0.932   1.00 14.44 ? 14  GLY B O    1 
ATOM   898  H H    . GLY B 1 14 ? -11.032 11.406  -0.538  1.00 22.47 ? 14  GLY B H    1 
ATOM   899  H HA2  . GLY B 1 14 ? -11.487 9.209   0.808   1.00 25.14 ? 14  GLY B HA2  1 
ATOM   900  H HA3  . GLY B 1 14 ? -10.350 8.939   -0.248  1.00 25.14 ? 14  GLY B HA3  1 
ATOM   901  N N    . GLU B 1 15 ? -9.608  9.585   2.386   1.00 14.85 ? 15  GLU B N    1 
ATOM   902  C CA   . GLU B 1 15 ? -8.579  9.981   3.336   1.00 16.07 ? 15  GLU B CA   1 
ATOM   903  C C    . GLU B 1 15 ? -8.141  8.753   4.126   1.00 17.24 ? 15  GLU B C    1 
ATOM   904  O O    . GLU B 1 15 ? -8.969  7.951   4.566   1.00 11.17 ? 15  GLU B O    1 
ATOM   905  C CB   . GLU B 1 15 ? -9.091  11.080  4.279   1.00 17.20 ? 15  GLU B CB   1 
ATOM   906  C CG   . GLU B 1 15 ? -8.003  11.759  5.084   1.00 22.84 ? 15  GLU B CG   1 
ATOM   907  C CD   . GLU B 1 15 ? -8.519  12.948  5.881   1.00 34.57 ? 15  GLU B CD   1 
ATOM   908  O OE1  . GLU B 1 15 ? -7.893  13.298  6.904   1.00 30.49 ? 15  GLU B OE1  1 
ATOM   909  O OE2  . GLU B 1 15 ? -9.547  13.538  5.483   1.00 26.90 ? 15  GLU B OE2  1 
ATOM   910  H H    . GLU B 1 15 ? -10.087 8.919   2.644   1.00 17.63 ? 15  GLU B H    1 
ATOM   911  H HA   . GLU B 1 15 ? -7.803  10.329  2.850   1.00 19.09 ? 15  GLU B HA   1 
ATOM   912  H HB2  . GLU B 1 15 ? -9.537  11.761  3.751   1.00 20.46 ? 15  GLU B HB2  1 
ATOM   913  H HB3  . GLU B 1 15 ? -9.720  10.686  4.904   1.00 20.46 ? 15  GLU B HB3  1 
ATOM   914  H HG2  . GLU B 1 15 ? -7.627  11.120  5.708   1.00 27.22 ? 15  GLU B HG2  1 
ATOM   915  H HG3  . GLU B 1 15 ? -7.315  12.079  4.479   1.00 27.22 ? 15  GLU B HG3  1 
ATOM   916  N N    . THR B 1 16 ? -6.837  8.592   4.279   1.00 11.99 ? 16  THR B N    1 
ATOM   917  C CA   . THR B 1 16 ? -6.309  7.430   4.965   1.00 15.08 ? 16  THR B CA   1 
ATOM   918  C C    . THR B 1 16 ? -4.978  7.803   5.624   1.00 13.93 ? 16  THR B C    1 
ATOM   919  O O    . THR B 1 16 ? -4.439  8.891   5.395   1.00 10.74 ? 16  THR B O    1 
ATOM   920  C CB   . THR B 1 16 ? -6.203  6.206   4.008   1.00 19.13 ? 16  THR B CB   1 
ATOM   921  O OG1  . THR B 1 16 ? -5.968  5.016   4.762   1.00 19.26 ? 16  THR B OG1  1 
ATOM   922  C CG2  . THR B 1 16 ? -5.103  6.382   2.971   1.00 16.45 ? 16  THR B CG2  1 
ATOM   923  H H    . THR B 1 16 ? -6.238  9.141   3.996   1.00 14.20 ? 16  THR B H    1 
ATOM   924  H HA   . THR B 1 16 ? -6.932  7.186   5.682   1.00 17.92 ? 16  THR B HA   1 
ATOM   925  H HB   . THR B 1 16 ? -7.043  6.112   3.532   1.00 22.77 ? 16  THR B HB   1 
ATOM   926  N N    . THR B 1 17 ? -4.483  6.922   6.485   1.00 11.80 ? 17  THR B N    1 
ATOM   927  C CA   . THR B 1 17 ? -3.227  7.150   7.176   1.00 14.21 ? 17  THR B CA   1 
ATOM   928  C C    . THR B 1 17 ? -2.384  5.883   7.096   1.00 16.12 ? 17  THR B C    1 
ATOM   929  O O    . THR B 1 17 ? -2.902  4.790   6.889   1.00 15.67 ? 17  THR B O    1 
ATOM   930  C CB   . THR B 1 17 ? -3.425  7.503   8.689   1.00 17.89 ? 17  THR B CB   1 
ATOM   931  O OG1  . THR B 1 17 ? -4.047  6.403   9.363   1.00 19.72 ? 17  THR B OG1  1 
ATOM   932  C CG2  . THR B 1 17 ? -4.273  8.766   8.878   1.00 21.18 ? 17  THR B CG2  1 
ATOM   933  H H    . THR B 1 17 ? -4.862  6.178   6.688   1.00 13.97 ? 17  THR B H    1 
ATOM   934  H HA   . THR B 1 17 ? -2.739  7.882   6.743   1.00 16.87 ? 17  THR B HA   1 
ATOM   935  H HB   . THR B 1 17 ? -2.557  7.666   9.089   1.00 21.28 ? 17  THR B HB   1 
ATOM   936  N N    . THR B 1 18 ? -1.078  6.033   7.262   1.00 16.53 ? 18  THR B N    1 
ATOM   937  C CA   . THR B 1 18 ? -0.200  4.880   7.394   1.00 16.96 ? 18  THR B CA   1 
ATOM   938  C C    . THR B 1 18 ? 1.005   5.278   8.226   1.00 14.24 ? 18  THR B C    1 
ATOM   939  O O    . THR B 1 18 ? 1.319   6.449   8.364   1.00 18.29 ? 18  THR B O    1 
ATOM   940  C CB   . THR B 1 18 ? 0.244   4.278   6.013   1.00 22.77 ? 18  THR B CB   1 
ATOM   941  O OG1  . THR B 1 18 ? 0.702   2.930   6.205   1.00 18.75 ? 18  THR B OG1  1 
ATOM   942  C CG2  . THR B 1 18 ? 1.351   5.104   5.351   1.00 16.51 ? 18  THR B CG2  1 
ATOM   943  H H    . THR B 1 18 ? -0.674  6.792   7.302   1.00 19.65 ? 18  THR B H    1 
ATOM   944  H HA   . THR B 1 18 ? -0.678  4.177   7.882   1.00 20.17 ? 18  THR B HA   1 
ATOM   945  H HB   . THR B 1 18 ? -0.519  4.269   5.415   1.00 27.14 ? 18  THR B HB   1 
ATOM   946  N N    . GLU B 1 19 ? 1.652   4.287   8.808   1.00 16.64 ? 19  GLU B N    1 
ATOM   947  C CA   . GLU B 1 19 ? 2.881   4.513   9.555   1.00 18.43 ? 19  GLU B CA   1 
ATOM   948  C C    . GLU B 1 19 ? 4.065   4.047   8.707   1.00 20.78 ? 19  GLU B C    1 
ATOM   949  O O    . GLU B 1 19 ? 3.963   3.083   7.962   1.00 18.29 ? 19  GLU B O    1 
ATOM   950  C CB   . GLU B 1 19 ? 2.809   3.775   10.895  1.00 16.99 ? 19  GLU B CB   1 
ATOM   951  C CG   . GLU B 1 19 ? 1.754   4.401   11.833  1.00 36.13 ? 19  GLU B CG   1 
ATOM   952  C CD   . GLU B 1 19 ? 1.317   3.492   12.974  1.00 63.68 ? 19  GLU B CD   1 
ATOM   953  O OE1  . GLU B 1 19 ? 0.521   3.953   13.823  1.00 72.15 ? 19  GLU B OE1  1 
ATOM   954  O OE2  . GLU B 1 19 ? 1.759   2.325   13.028  1.00 70.15 ? 19  GLU B OE2  1 
ATOM   955  H H    . GLU B 1 19 ? 1.400   3.466   8.788   1.00 19.78 ? 19  GLU B H    1 
ATOM   956  H HA   . GLU B 1 19 ? 2.984   5.471   9.734   1.00 21.93 ? 19  GLU B HA   1 
ATOM   957  H HB2  . GLU B 1 19 ? 2.565   2.850   10.737  1.00 20.20 ? 19  GLU B HB2  1 
ATOM   958  H HB3  . GLU B 1 19 ? 3.673   3.824   11.333  1.00 20.20 ? 19  GLU B HB3  1 
ATOM   959  H HG2  . GLU B 1 19 ? 2.124   5.207   12.223  1.00 43.17 ? 19  GLU B HG2  1 
ATOM   960  H HG3  . GLU B 1 19 ? 0.965   4.621   11.313  1.00 43.17 ? 19  GLU B HG3  1 
ATOM   961  N N    . ALA B 1 20 ? 5.177   4.762   8.801   1.00 13.38 ? 20  ALA B N    1 
ATOM   962  C CA   . ALA B 1 20 ? 6.403   4.361   8.122   1.00 19.44 ? 20  ALA B CA   1 
ATOM   963  C C    . ALA B 1 20 ? 7.613   4.812   8.927   1.00 20.64 ? 20  ALA B C    1 
ATOM   964  O O    . ALA B 1 20 ? 7.518   5.711   9.765   1.00 20.74 ? 20  ALA B O    1 
ATOM   965  C CB   . ALA B 1 20 ? 6.471   4.977   6.711   1.00 16.78 ? 20  ALA B CB   1 
ATOM   966  H H    . ALA B 1 20 ? 5.249   5.489   9.255   1.00 15.87 ? 20  ALA B H    1 
ATOM   967  H HA   . ALA B 1 20 ? 6.429   3.385   8.039   1.00 23.14 ? 20  ALA B HA   1 
HETATM 968  O O    . 1VR B 1 21 ? 10.948  7.085   8.048   1.00 24.76 ? 21  1VR B O    1 
HETATM 969  C C    . 1VR B 1 21 ? 11.025  5.998   7.491   1.00 26.79 ? 21  1VR B C    1 
HETATM 970  C CA   . 1VR B 1 21 ? 11.057  4.687   8.282   1.00 24.43 ? 21  1VR B CA   1 
HETATM 971  C CB   . 1VR B 1 21 ? 9.977   4.504   9.351   1.00 26.11 ? 21  1VR B CB   1 
HETATM 972  N N    . 1VR B 1 21 ? 8.748   4.175   8.659   1.00 18.81 ? 21  1VR B N    1 
HETATM 973  C CG   . 1VR B 1 21 ? 10.352  3.420   10.372  1.00 25.15 ? 21  1VR B CG   1 
HETATM 974  C CD2  . 1VR B 1 21 ? 10.720  2.098   9.708   1.00 26.53 ? 21  1VR B CD2  1 
HETATM 975  C CD1  . 1VR B 1 21 ? 9.258   3.192   11.422  1.00 20.39 ? 21  1VR B CD1  1 
HETATM 976  H HA1  . 1VR B 1 21 ? 10.981  3.859   7.575   1.00 29.13 ? 21  1VR B HA1  1 
HETATM 977  H HA2  . 1VR B 1 21 ? 12.033  4.602   8.765   1.00 29.13 ? 21  1VR B HA2  1 
HETATM 978  H HB   . 1VR B 1 21 ? 9.854   5.457   9.886   1.00 31.15 ? 21  1VR B HB   1 
HETATM 979  H H    . 1VR B 1 21 ? 8.791   3.442   7.966   1.00 22.38 ? 21  1VR B H    1 
HETATM 980  H HG   . 1VR B 1 21 ? 11.245  3.774   10.906  1.00 29.99 ? 21  1VR B HG   1 
ATOM   981  N N    . ASP B 1 22 ? 11.088  5.845   6.157   1.00 22.26 ? 22  ASP B N    1 
ATOM   982  C CA   . ASP B 1 22 ? 11.080  6.914   5.149   1.00 27.76 ? 22  ASP B CA   1 
ATOM   983  C C    . ASP B 1 22 ? 9.665   7.307   4.689   1.00 22.52 ? 22  ASP B C    1 
ATOM   984  O O    . ASP B 1 22 ? 8.803   6.442   4.506   1.00 17.99 ? 22  ASP B O    1 
ATOM   985  C CB   . ASP B 1 22 ? 11.894  6.393   3.939   1.00 21.03 ? 22  ASP B CB   1 
ATOM   986  C CG   . ASP B 1 22 ? 12.320  7.498   2.939   1.00 42.74 ? 22  ASP B CG   1 
ATOM   987  O OD1  . ASP B 1 22 ? 11.697  8.583   2.866   1.00 27.26 ? 22  ASP B OD1  1 
ATOM   988  O OD2  . ASP B 1 22 ? 13.294  7.262   2.189   1.00 32.78 ? 22  ASP B OD2  1 
ATOM   989  H H    . ASP B 1 22 ? 11.143  5.069   5.792   1.00 26.52 ? 22  ASP B H    1 
ATOM   990  H HA   . ASP B 1 22 ? 11.526  7.710   5.508   1.00 33.12 ? 22  ASP B HA   1 
ATOM   991  H HB2  . ASP B 1 22 ? 12.700  5.965   4.267   1.00 25.05 ? 22  ASP B HB2  1 
ATOM   992  H HB3  . ASP B 1 22 ? 11.354  5.749   3.455   1.00 25.05 ? 22  ASP B HB3  1 
ATOM   993  N N    . ALA B 1 23 ? 9.428   8.603   4.500   1.00 17.60 ? 23  ALA B N    1 
ATOM   994  C CA   . ALA B 1 23 ? 8.169   9.076   3.911   1.00 16.09 ? 23  ALA B CA   1 
ATOM   995  C C    . ALA B 1 23 ? 7.950   8.508   2.503   1.00 14.80 ? 23  ALA B C    1 
ATOM   996  O O    . ALA B 1 23 ? 6.812   8.373   2.048   1.00 13.75 ? 23  ALA B O    1 
ATOM   997  C CB   . ALA B 1 23 ? 8.127   10.606  3.886   1.00 17.62 ? 23  ALA B CB   1 
ATOM   998  H H    . ALA B 1 23 ? 9.979   9.232   4.703   1.00 20.93 ? 23  ALA B H    1 
ATOM   999  H HA   . ALA B 1 23 ? 7.427   8.769   4.472   1.00 19.12 ? 23  ALA B HA   1 
ATOM   1000 N N    . ALA B 1 24 ? 9.045   8.164   1.829   1.00 14.35 ? 24  ALA B N    1 
ATOM   1001 C CA   . ALA B 1 24 ? 8.996   7.501   0.528   1.00 16.51 ? 24  ALA B CA   1 
ATOM   1002 C C    . ALA B 1 24 ? 8.267   6.153   0.600   1.00 15.70 ? 24  ALA B C    1 
ATOM   1003 O O    . ALA B 1 24 ? 7.574   5.791   -0.327  1.00 14.41 ? 24  ALA B O    1 
ATOM   1004 C CB   . ALA B 1 24 ? 10.394  7.302   -0.005  1.00 21.01 ? 24  ALA B CB   1 
ATOM   1005 H H    . ALA B 1 24 ? 9.845   8.308   2.111   1.00 17.03 ? 24  ALA B H    1 
ATOM   1006 H HA   . ALA B 1 24 ? 8.511   8.073   -0.102  1.00 19.63 ? 24  ALA B HA   1 
ATOM   1007 N N    . THR B 1 25 ? 8.400   5.430   1.711   1.00 15.58 ? 25  THR B N    1 
ATOM   1008 C CA   . THR B 1 25 ? 7.641   4.193   1.907   1.00 17.32 ? 25  THR B CA   1 
ATOM   1009 C C    . THR B 1 25 ? 6.142   4.480   2.070   1.00 13.89 ? 25  THR B C    1 
ATOM   1010 O O    . THR B 1 25 ? 5.300   3.792   1.473   1.00 14.98 ? 25  THR B O    1 
ATOM   1011 C CB   . THR B 1 25 ? 8.162   3.404   3.134   1.00 18.81 ? 25  THR B CB   1 
ATOM   1012 O OG1  . THR B 1 25 ? 9.540   3.077   2.929   1.00 22.06 ? 25  THR B OG1  1 
ATOM   1013 C CG2  . THR B 1 25 ? 7.366   2.126   3.331   1.00 22.16 ? 25  THR B CG2  1 
ATOM   1014 H H    . THR B 1 25 ? 8.921   5.632   2.365   1.00 18.51 ? 25  THR B H    1 
ATOM   1015 H HA   . THR B 1 25 ? 7.753   3.625   1.116   1.00 20.60 ? 25  THR B HA   1 
ATOM   1016 H HB   . THR B 1 25 ? 8.072   3.949   3.932   1.00 22.38 ? 25  THR B HB   1 
ATOM   1017 N N    . ALA B 1 26 ? 5.808   5.495   2.865   1.00 15.19 ? 26  ALA B N    1 
ATOM   1018 C CA   . ALA B 1 26 ? 4.404   5.920   2.997   1.00 13.75 ? 26  ALA B CA   1 
ATOM   1019 C C    . ALA B 1 26 ? 3.854   6.325   1.632   1.00 12.21 ? 26  ALA B C    1 
ATOM   1020 O O    . ALA B 1 26 ? 2.708   6.022   1.323   1.00 14.00 ? 26  ALA B O    1 
ATOM   1021 C CB   . ALA B 1 26 ? 4.266   7.066   3.979   1.00 13.72 ? 26  ALA B CB   1 
ATOM   1022 H H    . ALA B 1 26 ? 6.363   5.952   3.336   1.00 18.04 ? 26  ALA B H    1 
ATOM   1023 H HA   . ALA B 1 26 ? 3.870   5.168   3.329   1.00 16.31 ? 26  ALA B HA   1 
ATOM   1024 N N    . GLU B 1 27 ? 4.658   7.004   0.813   1.00 10.43 ? 27  GLU B N    1 
ATOM   1025 C CA   . GLU B 1 27 ? 4.198   7.377   -0.529  1.00 17.10 ? 27  GLU B CA   1 
ATOM   1026 C C    . GLU B 1 27 ? 3.856   6.149   -1.385  1.00 14.76 ? 27  GLU B C    1 
ATOM   1027 O O    . GLU B 1 27 ? 2.877   6.161   -2.139  1.00 14.91 ? 27  GLU B O    1 
ATOM   1028 C CB   . GLU B 1 27 ? 5.219   8.241   -1.282  1.00 16.14 ? 27  GLU B CB   1 
ATOM   1029 C CG   . GLU B 1 27 ? 4.632   8.794   -2.574  1.00 19.25 ? 27  GLU B CG   1 
ATOM   1030 C CD   . GLU B 1 27 ? 5.455   9.898   -3.200  1.00 33.39 ? 27  GLU B CD   1 
ATOM   1031 O OE1  . GLU B 1 27 ? 6.672   9.952   -2.935  1.00 33.70 ? 27  GLU B OE1  1 
ATOM   1032 O OE2  . GLU B 1 27 ? 4.873   10.714  -3.954  1.00 35.99 ? 27  GLU B OE2  1 
ATOM   1033 H H    . GLU B 1 27 ? 5.457   7.256   1.003   1.00 12.33 ? 27  GLU B H    1 
ATOM   1034 H HA   . GLU B 1 27 ? 3.378   7.906   -0.436  1.00 20.33 ? 27  GLU B HA   1 
ATOM   1035 H HB2  . GLU B 1 27 ? 5.481   8.988   -0.722  1.00 19.18 ? 27  GLU B HB2  1 
ATOM   1036 H HB3  . GLU B 1 27 ? 5.992   7.700   -1.506  1.00 19.18 ? 27  GLU B HB3  1 
ATOM   1037 H HG2  . GLU B 1 27 ? 4.565   8.073   -3.219  1.00 22.91 ? 27  GLU B HG2  1 
ATOM   1038 H HG3  . GLU B 1 27 ? 3.751   9.152   -2.388  1.00 22.91 ? 27  GLU B HG3  1 
ATOM   1039 N N    . LYS B 1 28 ? 4.656   5.095   -1.287  1.00 15.52 ? 28  LYS B N    1 
ATOM   1040 C CA   . LYS B 1 28 ? 4.367   3.875   -2.039  1.00 14.49 ? 28  LYS B CA   1 
ATOM   1041 C C    . LYS B 1 28 ? 3.040   3.260   -1.594  1.00 13.37 ? 28  LYS B C    1 
ATOM   1042 O O    . LYS B 1 28 ? 2.235   2.825   -2.418  1.00 13.31 ? 28  LYS B O    1 
ATOM   1043 C CB   . LYS B 1 28 ? 5.501   2.870   -1.883  1.00 15.63 ? 28  LYS B CB   1 
ATOM   1044 C CG   . LYS B 1 28 ? 6.795   3.305   -2.562  1.00 24.62 ? 28  LYS B CG   1 
ATOM   1045 C CD   . LYS B 1 28 ? 7.744   2.124   -2.742  1.00 31.64 ? 28  LYS B CD   1 
ATOM   1046 C CE   . LYS B 1 28 ? 8.602   2.290   -3.994  1.00 58.13 ? 28  LYS B CE   1 
ATOM   1047 N NZ   . LYS B 1 28 ? 9.593   3.389   -3.842  1.00 51.89 ? 28  LYS B NZ   1 
ATOM   1048 H H    . LYS B 1 28 ? 5.364   5.056   -0.800  1.00 18.44 ? 28  LYS B H    1 
ATOM   1049 H HA   . LYS B 1 28 ? 4.291   4.099   -2.990  1.00 17.20 ? 28  LYS B HA   1 
ATOM   1050 H HB2  . LYS B 1 28 ? 5.687   2.750   -0.938  1.00 18.57 ? 28  LYS B HB2  1 
ATOM   1051 H HB3  . LYS B 1 28 ? 5.229   2.025   -2.274  1.00 18.57 ? 28  LYS B HB3  1 
ATOM   1052 H HG2  . LYS B 1 28 ? 6.592   3.670   -3.438  1.00 29.35 ? 28  LYS B HG2  1 
ATOM   1053 H HG3  . LYS B 1 28 ? 7.237   3.972   -2.014  1.00 29.35 ? 28  LYS B HG3  1 
ATOM   1054 H HD2  . LYS B 1 28 ? 8.333   2.065   -1.974  1.00 37.78 ? 28  LYS B HD2  1 
ATOM   1055 H HD3  . LYS B 1 28 ? 7.227   1.308   -2.834  1.00 37.78 ? 28  LYS B HD3  1 
ATOM   1056 H HE2  . LYS B 1 28 ? 9.086   1.467   -4.160  1.00 69.57 ? 28  LYS B HE2  1 
ATOM   1057 H HE3  . LYS B 1 28 ? 8.029   2.501   -4.748  1.00 69.57 ? 28  LYS B HE3  1 
ATOM   1058 N N    . VAL B 1 29 ? 2.831   3.214   -0.280  1.00 13.42 ? 29  VAL B N    1 
ATOM   1059 C CA   . VAL B 1 29 ? 1.590   2.709   0.301   1.00 17.05 ? 29  VAL B CA   1 
ATOM   1060 C C    . VAL B 1 29 ? 0.400   3.525   -0.200  1.00 14.42 ? 29  VAL B C    1 
ATOM   1061 O O    . VAL B 1 29 ? -0.628  2.961   -0.589  1.00 15.58 ? 29  VAL B O    1 
ATOM   1062 C CB   . VAL B 1 29 ? 1.636   2.742   1.864   1.00 16.77 ? 29  VAL B CB   1 
ATOM   1063 C CG1  . VAL B 1 29 ? 0.254   2.486   2.461   1.00 13.25 ? 29  VAL B CG1  1 
ATOM   1064 C CG2  . VAL B 1 29 ? 2.633   1.721   2.380   1.00 14.15 ? 29  VAL B CG2  1 
ATOM   1065 H H    . VAL B 1 29 ? 3.405   3.476   0.306   1.00 15.92 ? 29  VAL B H    1 
ATOM   1066 H HA   . VAL B 1 29 ? 1.461   1.779   0.021   1.00 20.28 ? 29  VAL B HA   1 
ATOM   1067 H HB   . VAL B 1 29 ? 1.932   3.630   2.156   1.00 19.93 ? 29  VAL B HB   1 
ATOM   1068 N N    . PHE B 1 30 ? 0.555   4.846   -0.214  1.00 13.09 ? 30  PHE B N    1 
ATOM   1069 C CA   . PHE B 1 30 ? -0.508  5.748   -0.637  1.00 14.86 ? 30  PHE B CA   1 
ATOM   1070 C C    . PHE B 1 30 ? -0.755  5.682   -2.154  1.00 14.86 ? 30  PHE B C    1 
ATOM   1071 O O    . PHE B 1 30 ? -1.895  5.823   -2.597  1.00 13.59 ? 30  PHE B O    1 
ATOM   1072 C CB   . PHE B 1 30 ? -0.190  7.181   -0.177  1.00 16.79 ? 30  PHE B CB   1 
ATOM   1073 C CG   . PHE B 1 30 ? -0.345  7.406   1.342   1.00 14.69 ? 30  PHE B CG   1 
ATOM   1074 C CD1  . PHE B 1 30 ? -1.178  6.604   2.107   1.00 12.07 ? 30  PHE B CD1  1 
ATOM   1075 C CD2  . PHE B 1 30 ? 0.332   8.440   1.975   1.00 13.98 ? 30  PHE B CD2  1 
ATOM   1076 C CE1  . PHE B 1 30 ? -1.322  6.811   3.490   1.00 13.35 ? 30  PHE B CE1  1 
ATOM   1077 C CE2  . PHE B 1 30 ? 0.195   8.672   3.357   1.00 13.65 ? 30  PHE B CE2  1 
ATOM   1078 C CZ   . PHE B 1 30 ? -0.646  7.867   4.109   1.00 12.47 ? 30  PHE B CZ   1 
ATOM   1079 H H    . PHE B 1 30 ? 1.278   5.248   0.022   1.00 15.52 ? 30  PHE B H    1 
ATOM   1080 H HA   . PHE B 1 30 ? -1.338  5.476   -0.194  1.00 17.64 ? 30  PHE B HA   1 
ATOM   1081 H HB2  . PHE B 1 30 ? 0.728   7.387   -0.413  1.00 19.96 ? 30  PHE B HB2  1 
ATOM   1082 H HB3  . PHE B 1 30 ? -0.790  7.794   -0.629  1.00 19.96 ? 30  PHE B HB3  1 
ATOM   1083 H HD1  . PHE B 1 30 ? -1.639  5.907   1.699   1.00 14.30 ? 30  PHE B HD1  1 
ATOM   1084 H HD2  . PHE B 1 30 ? 0.888   8.993   1.476   1.00 16.59 ? 30  PHE B HD2  1 
ATOM   1085 H HE1  . PHE B 1 30 ? -1.887  6.263   3.987   1.00 15.84 ? 30  PHE B HE1  1 
ATOM   1086 H HE2  . PHE B 1 30 ? 0.657   9.371   3.761   1.00 16.20 ? 30  PHE B HE2  1 
ATOM   1087 H HZ   . PHE B 1 30 ? -0.732  8.007   5.025   1.00 14.78 ? 30  PHE B HZ   1 
ATOM   1088 N N    . LYS B 1 31 ? 0.293   5.464   -2.951  1.00 18.39 ? 31  LYS B N    1 
ATOM   1089 C CA   . LYS B 1 31 ? 0.107   5.258   -4.391  1.00 18.00 ? 31  LYS B CA   1 
ATOM   1090 C C    . LYS B 1 31 ? -0.691  3.980   -4.610  1.00 14.50 ? 31  LYS B C    1 
ATOM   1091 O O    . LYS B 1 31 ? -1.568  3.932   -5.463  1.00 14.75 ? 31  LYS B O    1 
ATOM   1092 C CB   . LYS B 1 31 ? 1.445   5.158   -5.123  1.00 15.49 ? 31  LYS B CB   1 
ATOM   1093 C CG   . LYS B 1 31 ? 2.309   6.408   -5.053  1.00 29.40 ? 31  LYS B CG   1 
ATOM   1094 C CD   . LYS B 1 31 ? 2.244   7.237   -6.327  1.00 32.48 ? 31  LYS B CD   1 
ATOM   1095 C CE   . LYS B 1 31 ? 3.341   8.289   -6.354  1.00 31.50 ? 31  LYS B CE   1 
ATOM   1096 N NZ   . LYS B 1 31 ? 3.279   9.127   -7.585  1.00 41.82 ? 31  LYS B NZ   1 
ATOM   1097 H H    . LYS B 1 31 ? 1.111   5.431   -2.688  1.00 21.88 ? 31  LYS B H    1 
ATOM   1098 H HA   . LYS B 1 31 ? -0.399  6.009   -4.767  1.00 21.42 ? 31  LYS B HA   1 
ATOM   1099 H HB2  . LYS B 1 31 ? 1.954   4.427   -4.737  1.00 18.40 ? 31  LYS B HB2  1 
ATOM   1100 H HB3  . LYS B 1 31 ? 1.271   4.974   -6.060  1.00 18.40 ? 31  LYS B HB3  1 
ATOM   1101 H HG2  . LYS B 1 31 ? 2.004   6.963   -4.318  1.00 35.10 ? 31  LYS B HG2  1 
ATOM   1102 H HG3  . LYS B 1 31 ? 3.232   6.147   -4.912  1.00 35.10 ? 31  LYS B HG3  1 
ATOM   1103 H HD2  . LYS B 1 31 ? 2.360   6.655   -7.095  1.00 38.79 ? 31  LYS B HD2  1 
ATOM   1104 H HD3  . LYS B 1 31 ? 1.387   7.688   -6.373  1.00 38.79 ? 31  LYS B HD3  1 
ATOM   1105 H HE2  . LYS B 1 31 ? 3.242   8.873   -5.585  1.00 37.62 ? 31  LYS B HE2  1 
ATOM   1106 H HE3  . LYS B 1 31 ? 4.206   7.849   -6.330  1.00 37.62 ? 31  LYS B HE3  1 
ATOM   1107 N N    . GLN B 1 32 ? -0.393  2.939   -3.830  1.00 13.34 ? 32  GLN B N    1 
ATOM   1108 C CA   . GLN B 1 32 ? -1.182  1.715   -3.899  1.00 14.59 ? 32  GLN B CA   1 
ATOM   1109 C C    . GLN B 1 32 ? -2.663  1.983   -3.573  1.00 17.43 ? 32  GLN B C    1 
ATOM   1110 O O    . GLN B 1 32 ? -3.560  1.488   -4.257  1.00 12.16 ? 32  GLN B O    1 
ATOM   1111 C CB   . GLN B 1 32 ? -0.651  0.655   -2.942  1.00 12.96 ? 32  GLN B CB   1 
ATOM   1112 C CG   . GLN B 1 32 ? -1.275  -0.719  -3.195  1.00 16.18 ? 32  GLN B CG   1 
ATOM   1113 C CD   . GLN B 1 32 ? -0.978  -1.216  -4.603  1.00 16.84 ? 32  GLN B CD   1 
ATOM   1114 O OE1  . GLN B 1 32 ? 0.185   -1.345  -4.990  1.00 16.23 ? 32  GLN B OE1  1 
ATOM   1115 N NE2  . GLN B 1 32 ? -2.032  -1.464  -5.388  1.00 16.03 ? 32  GLN B NE2  1 
ATOM   1116 H H    . GLN B 1 32 ? 0.252   2.918   -3.262  1.00 15.82 ? 32  GLN B H    1 
ATOM   1117 H HA   . GLN B 1 32 ? -1.133  1.355   -4.809  1.00 17.32 ? 32  GLN B HA   1 
ATOM   1118 H HB2  . GLN B 1 32 ? 0.309   0.576   -3.055  1.00 15.37 ? 32  GLN B HB2  1 
ATOM   1119 H HB3  . GLN B 1 32 ? -0.859  0.917   -2.031  1.00 15.37 ? 32  GLN B HB3  1 
ATOM   1120 H HG2  . GLN B 1 32 ? -0.909  -1.358  -2.564  1.00 19.22 ? 32  GLN B HG2  1 
ATOM   1121 H HG3  . GLN B 1 32 ? -2.237  -0.658  -3.092  1.00 19.22 ? 32  GLN B HG3  1 
ATOM   1122 N N    . TYR B 1 33 ? -2.914  2.768   -2.532  1.00 15.98 ? 33  TYR B N    1 
ATOM   1123 C CA   . TYR B 1 33 ? -4.288  3.131   -2.161  1.00 15.53 ? 33  TYR B CA   1 
ATOM   1124 C C    . TYR B 1 33 ? -4.963  3.918   -3.279  1.00 13.16 ? 33  TYR B C    1 
ATOM   1125 O O    . TYR B 1 33 ? -6.074  3.593   -3.696  1.00 15.89 ? 33  TYR B O    1 
ATOM   1126 C CB   . TYR B 1 33 ? -4.285  3.931   -0.859  1.00 18.68 ? 33  TYR B CB   1 
ATOM   1127 C CG   . TYR B 1 33 ? -5.599  4.619   -0.526  1.00 16.11 ? 33  TYR B CG   1 
ATOM   1128 C CD1  . TYR B 1 33 ? -5.858  5.914   -0.968  1.00 16.28 ? 33  TYR B CD1  1 
ATOM   1129 C CD2  . TYR B 1 33 ? -6.563  3.987   0.242   1.00 18.52 ? 33  TYR B CD2  1 
ATOM   1130 C CE1  . TYR B 1 33 ? -7.034  6.557   -0.656  1.00 20.77 ? 33  TYR B CE1  1 
ATOM   1131 C CE2  . TYR B 1 33 ? -7.756  4.628   0.558   1.00 23.32 ? 33  TYR B CE2  1 
ATOM   1132 C CZ   . TYR B 1 33 ? -7.979  5.911   0.107   1.00 20.87 ? 33  TYR B CZ   1 
ATOM   1133 O OH   . TYR B 1 33 ? -9.151  6.554   0.410   1.00 27.13 ? 33  TYR B OH   1 
ATOM   1134 H H    . TYR B 1 33 ? -2.310  3.105   -2.021  1.00 18.99 ? 33  TYR B H    1 
ATOM   1135 H HA   . TYR B 1 33 ? -4.805  2.312   -2.013  1.00 18.44 ? 33  TYR B HA   1 
ATOM   1136 H HB2  . TYR B 1 33 ? -4.077  3.328   -0.128  1.00 22.24 ? 33  TYR B HB2  1 
ATOM   1137 H HB3  . TYR B 1 33 ? -3.602  4.617   -0.920  1.00 22.24 ? 33  TYR B HB3  1 
ATOM   1138 H HD1  . TYR B 1 33 ? -5.219  6.357   -1.479  1.00 22.03 ? 33  TYR B HD1  1 
ATOM   1139 H HD2  . TYR B 1 33 ? -6.410  3.124   0.551   1.00 19.36 ? 33  TYR B HD2  1 
ATOM   1140 H HE1  . TYR B 1 33 ? -7.190  7.420   -0.962  1.00 27.79 ? 33  TYR B HE1  1 
ATOM   1141 H HE2  . TYR B 1 33 ? -8.397  4.194   1.074   1.00 24.74 ? 33  TYR B HE2  1 
ATOM   1142 N N    . ALA B 1 34 ? -4.284  4.942   -3.782  1.00 14.50 ? 34  ALA B N    1 
ATOM   1143 C CA   . ALA B 1 34 ? -4.842  5.763   -4.856  1.00 16.62 ? 34  ALA B CA   1 
ATOM   1144 C C    . ALA B 1 34 ? -5.118  4.900   -6.093  1.00 19.51 ? 34  ALA B C    1 
ATOM   1145 O O    . ALA B 1 34 ? -6.196  5.002   -6.680  1.00 16.25 ? 34  ALA B O    1 
ATOM   1146 C CB   . ALA B 1 34 ? -3.904  6.924   -5.203  1.00 15.17 ? 34  ALA B CB   1 
ATOM   1147 H H    . ALA B 1 34 ? -3.501  5.185   -3.521  1.00 17.21 ? 34  ALA B H    1 
ATOM   1148 H HA   . ALA B 1 34 ? -5.694  6.142   -4.556  1.00 19.75 ? 34  ALA B HA   1 
ATOM   1149 N N    . ASN B 1 35 ? -4.157  4.070   -6.479  1.00 16.44 ? 35  ASN B N    1 
ATOM   1150 C CA   . ASN B 1 35 ? -4.305  3.160   -7.609  1.00 19.71 ? 35  ASN B CA   1 
ATOM   1151 C C    . ASN B 1 35 ? -5.495  2.222   -7.422  1.00 22.52 ? 35  ASN B C    1 
ATOM   1152 O O    . ASN B 1 35 ? -6.279  2.025   -8.333  1.00 19.38 ? 35  ASN B O    1 
ATOM   1153 C CB   . ASN B 1 35 ? -3.045  2.315   -7.806  1.00 19.47 ? 35  ASN B CB   1 
ATOM   1154 C CG   . ASN B 1 35 ? -1.864  3.108   -8.327  1.00 26.16 ? 35  ASN B CG   1 
ATOM   1155 O OD1  . ASN B 1 35 ? -0.761  2.597   -8.377  1.00 28.94 ? 35  ASN B OD1  1 
ATOM   1156 N ND2  . ASN B 1 35 ? -2.088  4.350   -8.706  1.00 19.84 ? 35  ASN B ND2  1 
ATOM   1157 H H    . ASN B 1 35 ? -3.391  4.015   -6.093  1.00 19.54 ? 35  ASN B H    1 
ATOM   1158 H HA   . ASN B 1 35 ? -4.453  3.683   -8.425  1.00 23.47 ? 35  ASN B HA   1 
ATOM   1159 H HB2  . ASN B 1 35 ? -2.791  1.927   -6.955  1.00 23.18 ? 35  ASN B HB2  1 
ATOM   1160 H HB3  . ASN B 1 35 ? -3.236  1.611   -8.446  1.00 23.18 ? 35  ASN B HB3  1 
ATOM   1161 N N    . ASP B 1 36 ? -5.612  1.649   -6.232  1.00 15.69 ? 36  ASP B N    1 
ATOM   1162 C CA   . ASP B 1 36 ? -6.696  0.727   -5.927  1.00 19.75 ? 36  ASP B CA   1 
ATOM   1163 C C    . ASP B 1 36 ? -8.051  1.406   -6.030  1.00 20.91 ? 36  ASP B C    1 
ATOM   1164 O O    . ASP B 1 36 ? -9.062  0.735   -6.188  1.00 20.28 ? 36  ASP B O    1 
ATOM   1165 C CB   . ASP B 1 36 ? -6.541  0.114   -4.534  1.00 19.30 ? 36  ASP B CB   1 
ATOM   1166 C CG   . ASP B 1 36 ? -5.420  -0.912  -4.476  1.00 15.60 ? 36  ASP B CG   1 
ATOM   1167 O OD1  . ASP B 1 36 ? -5.031  -1.395  -5.555  1.00 23.09 ? 36  ASP B OD1  1 
ATOM   1168 O OD2  . ASP B 1 36 ? -4.937  -1.216  -3.368  1.00 19.50 ? 36  ASP B OD2  1 
ATOM   1169 H H    . ASP B 1 36 ? -5.070  1.779   -5.576  1.00 18.65 ? 36  ASP B H    1 
ATOM   1170 H HA   . ASP B 1 36 ? -6.678  -0.005  -6.579  1.00 23.51 ? 36  ASP B HA   1 
ATOM   1171 H HB2  . ASP B 1 36 ? -6.337  0.818   -3.899  1.00 22.98 ? 36  ASP B HB2  1 
ATOM   1172 H HB3  . ASP B 1 36 ? -7.368  -0.328  -4.288  1.00 22.98 ? 36  ASP B HB3  1 
ATOM   1173 N N    . ASN B 1 37 ? -8.057  2.727   -5.906  1.00 17.59 ? 37  ASN B N    1 
ATOM   1174 C CA   . ASN B 1 37 ? -9.284  3.508   -5.993  1.00 27.92 ? 37  ASN B CA   1 
ATOM   1175 C C    . ASN B 1 37 ? -9.396  4.254   -7.329  1.00 32.00 ? 37  ASN B C    1 
ATOM   1176 O O    . ASN B 1 37 ? -10.156 5.217   -7.453  1.00 27.36 ? 37  ASN B O    1 
ATOM   1177 C CB   . ASN B 1 37 ? -9.386  4.470   -4.805  1.00 26.83 ? 37  ASN B CB   1 
ATOM   1178 C CG   . ASN B 1 37 ? -9.775  3.758   -3.520  1.00 24.54 ? 37  ASN B CG   1 
ATOM   1179 O OD1  . ASN B 1 37 ? -10.930 3.391   -3.336  1.00 30.48 ? 37  ASN B OD1  1 
ATOM   1180 N ND2  . ASN B 1 37 ? -8.813  3.558   -2.631  1.00 19.63 ? 37  ASN B ND2  1 
ATOM   1181 H H    . ASN B 1 37 ? -7.353  3.201   -5.769  1.00 20.92 ? 37  ASN B H    1 
ATOM   1182 H HA   . ASN B 1 37 ? -10.045 2.894   -5.937  1.00 33.32 ? 37  ASN B HA   1 
ATOM   1183 H HB2  . ASN B 1 37 ? -8.524  4.895   -4.665  1.00 32.01 ? 37  ASN B HB2  1 
ATOM   1184 H HB3  . ASN B 1 37 ? -10.061 5.141   -4.994  1.00 32.01 ? 37  ASN B HB3  1 
ATOM   1185 N N    . GLY B 1 38 ? -8.634  3.794   -8.322  1.00 19.47 ? 38  GLY B N    1 
ATOM   1186 C CA   . GLY B 1 38 ? -8.775  4.264   -9.687  1.00 24.97 ? 38  GLY B CA   1 
ATOM   1187 C C    . GLY B 1 38 ? -8.077  5.570   -10.021 1.00 31.47 ? 38  GLY B C    1 
ATOM   1188 O O    . GLY B 1 38 ? -8.417  6.208   -11.021 1.00 28.60 ? 38  GLY B O    1 
ATOM   1189 H H    . GLY B 1 38 ? -8.020  3.200   -8.223  1.00 23.17 ? 38  GLY B H    1 
ATOM   1190 H HA2  . GLY B 1 38 ? -8.429  3.585   -10.286 1.00 29.77 ? 38  GLY B HA2  1 
ATOM   1191 H HA3  . GLY B 1 38 ? -9.718  4.378   -9.881  1.00 29.77 ? 38  GLY B HA3  1 
ATOM   1192 N N    . VAL B 1 39 ? -7.108  5.970   -9.201  1.00 17.33 ? 39  VAL B N    1 
ATOM   1193 C CA   . VAL B 1 39 ? -6.384  7.210   -9.436  1.00 22.03 ? 39  VAL B CA   1 
ATOM   1194 C C    . VAL B 1 39 ? -4.890  6.956   -9.610  1.00 22.30 ? 39  VAL B C    1 
ATOM   1195 O O    . VAL B 1 39 ? -4.248  6.321   -8.768  1.00 20.22 ? 39  VAL B O    1 
ATOM   1196 C CB   . VAL B 1 39 ? -6.578  8.199   -8.280  1.00 24.04 ? 39  VAL B CB   1 
ATOM   1197 C CG1  . VAL B 1 39 ? -5.666  9.414   -8.469  1.00 16.49 ? 39  VAL B CG1  1 
ATOM   1198 C CG2  . VAL B 1 39 ? -8.039  8.613   -8.173  1.00 32.20 ? 39  VAL B CG2  1 
ATOM   1199 H H    . VAL B 1 39 ? -6.852  5.538   -8.502  1.00 20.61 ? 39  VAL B H    1 
ATOM   1200 H HA   . VAL B 1 39 ? -6.720  7.629   -10.255 1.00 26.25 ? 39  VAL B HA   1 
ATOM   1201 H HB   . VAL B 1 39 ? -6.327  7.761   -7.440  1.00 28.66 ? 39  VAL B HB   1 
HETATM 1202 O OE1  . B3D B 1 40 ? -0.572  6.038   -11.219 1.00 46.72 ? 40  B3D B OE1  1 
HETATM 1203 C CD   . B3D B 1 40 ? -1.417  5.582   -12.020 1.00 44.96 ? 40  B3D B CD   1 
HETATM 1204 O OE2  . B3D B 1 40 ? -1.151  4.651   -12.811 1.00 61.92 ? 40  B3D B OE2  1 
HETATM 1205 C CG   . B3D B 1 40 ? -2.803  6.182   -12.043 1.00 39.13 ? 40  B3D B CG   1 
HETATM 1206 C CA   . B3D B 1 40 ? -2.933  7.281   -10.988 1.00 29.17 ? 40  B3D B CA   1 
HETATM 1207 N N    . B3D B 1 40 ? -4.344  7.454   -10.708 1.00 22.34 ? 40  B3D B N    1 
HETATM 1208 C CB   . B3D B 1 40 ? -2.319  8.585   -11.497 1.00 29.88 ? 40  B3D B CB   1 
HETATM 1209 C C    . B3D B 1 40 ? -2.399  9.677   -10.450 1.00 28.16 ? 40  B3D B C    1 
HETATM 1210 O O    . B3D B 1 40 ? -1.974  9.486   -9.321  1.00 21.64 ? 40  B3D B O    1 
HETATM 1211 H HG3  . B3D B 1 40 ? -3.542  5.402   -11.850 1.00 46.77 ? 40  B3D B HG3  1 
HETATM 1212 H HG2  . B3D B 1 40 ? -3.003  6.601   -13.032 1.00 46.77 ? 40  B3D B HG2  1 
HETATM 1213 H HA   . B3D B 1 40 ? -2.403  6.968   -10.077 1.00 34.82 ? 40  B3D B HA   1 
HETATM 1214 H H    . B3D B 1 40 ? -4.809  7.894   -11.282 1.00 26.63 ? 40  B3D B H    1 
HETATM 1215 H HB1  . B3D B 1 40 ? -2.846  8.907   -12.397 1.00 35.66 ? 40  B3D B HB1  1 
HETATM 1216 H HB2  . B3D B 1 40 ? -1.275  8.415   -11.764 1.00 35.66 ? 40  B3D B HB2  1 
ATOM   1217 N N    . GLY B 1 41 ? -2.950  10.829  -10.838 1.00 25.44 ? 41  GLY B N    1 
ATOM   1218 C CA   . GLY B 1 41 ? -3.091  11.968  -9.939  1.00 16.61 ? 41  GLY B CA   1 
ATOM   1219 C C    . GLY B 1 41 ? -1.883  12.891  -9.900  1.00 22.39 ? 41  GLY B C    1 
ATOM   1220 O O    . GLY B 1 41 ? -0.787  12.525  -10.326 1.00 24.01 ? 41  GLY B O    1 
ATOM   1221 H H    . GLY B 1 41 ? -3.252  10.975  -11.630 1.00 30.34 ? 41  GLY B H    1 
ATOM   1222 H HA2  . GLY B 1 41 ? -3.861  12.492  -10.211 1.00 19.75 ? 41  GLY B HA2  1 
ATOM   1223 H HA3  . GLY B 1 41 ? -3.250  11.643  -9.039  1.00 19.75 ? 41  GLY B HA3  1 
ATOM   1224 N N    . GLU B 1 42 ? -2.079  14.096  -9.378  1.00 17.27 ? 42  GLU B N    1 
ATOM   1225 C CA   . GLU B 1 42 ? -0.978  15.026  -9.171  1.00 20.92 ? 42  GLU B CA   1 
ATOM   1226 C C    . GLU B 1 42 ? -0.705  15.046  -7.681  1.00 18.93 ? 42  GLU B C    1 
ATOM   1227 O O    . GLU B 1 42 ? -1.622  15.258  -6.883  1.00 19.15 ? 42  GLU B O    1 
ATOM   1228 C CB   . GLU B 1 42 ? -1.322  16.438  -9.665  1.00 26.65 ? 42  GLU B CB   1 
ATOM   1229 C CG   . GLU B 1 42 ? -1.370  16.597  -11.193 1.00 39.98 ? 42  GLU B CG   1 
ATOM   1230 C CD   . GLU B 1 42 ? -0.075  16.175  -11.906 1.00 49.77 ? 42  GLU B CD   1 
ATOM   1231 O OE1  . GLU B 1 42 ? 1.000   16.134  -11.265 1.00 46.36 ? 42  GLU B OE1  1 
ATOM   1232 O OE2  . GLU B 1 42 ? -0.134  15.884  -13.122 1.00 57.09 ? 42  GLU B OE2  1 
ATOM   1233 H H    . GLU B 1 42 ? -2.845  14.401  -9.133  1.00 20.53 ? 42  GLU B H    1 
ATOM   1234 H HA   . GLU B 1 42 ? -0.178  14.709  -9.640  1.00 24.92 ? 42  GLU B HA   1 
ATOM   1235 H HB2  . GLU B 1 42 ? -2.194  16.682  -9.319  1.00 31.80 ? 42  GLU B HB2  1 
ATOM   1236 H HB3  . GLU B 1 42 ? -0.654  17.054  -9.328  1.00 31.80 ? 42  GLU B HB3  1 
ATOM   1237 H HG2  . GLU B 1 42 ? -2.091  16.049  -11.541 1.00 47.79 ? 42  GLU B HG2  1 
ATOM   1238 H HG3  . GLU B 1 42 ? -1.535  17.529  -11.404 1.00 47.79 ? 42  GLU B HG3  1 
ATOM   1239 N N    . TRP B 1 43 ? 0.552   14.848  -7.314  1.00 16.56 ? 43  TRP B N    1 
ATOM   1240 C CA   . TRP B 1 43 ? 0.932   14.566  -5.926  1.00 20.00 ? 43  TRP B CA   1 
ATOM   1241 C C    . TRP B 1 43 ? 1.715   15.690  -5.257  1.00 23.43 ? 43  TRP B C    1 
ATOM   1242 O O    . TRP B 1 43 ? 2.603   16.274  -5.865  1.00 21.93 ? 43  TRP B O    1 
ATOM   1243 C CB   . TRP B 1 43 ? 1.760   13.266  -5.877  1.00 15.00 ? 43  TRP B CB   1 
ATOM   1244 C CG   . TRP B 1 43 ? 0.925   12.050  -6.151  1.00 18.19 ? 43  TRP B CG   1 
ATOM   1245 C CD1  . TRP B 1 43 ? 0.415   11.648  -7.358  1.00 21.64 ? 43  TRP B CD1  1 
ATOM   1246 C CD2  . TRP B 1 43 ? 0.492   11.079  -5.180  1.00 16.29 ? 43  TRP B CD2  1 
ATOM   1247 N NE1  . TRP B 1 43 ? -0.306  10.486  -7.205  1.00 19.53 ? 43  TRP B NE1  1 
ATOM   1248 C CE2  . TRP B 1 43 ? -0.273  10.121  -5.879  1.00 17.60 ? 43  TRP B CE2  1 
ATOM   1249 C CE3  . TRP B 1 43 ? 0.670   10.930  -3.808  1.00 19.20 ? 43  TRP B CE3  1 
ATOM   1250 C CZ2  . TRP B 1 43 ? -0.868  9.034   -5.239  1.00 14.61 ? 43  TRP B CZ2  1 
ATOM   1251 C CZ3  . TRP B 1 43 ? 0.088   9.847   -3.165  1.00 17.89 ? 43  TRP B CZ3  1 
ATOM   1252 C CH2  . TRP B 1 43 ? -0.671  8.918   -3.884  1.00 15.75 ? 43  TRP B CH2  1 
ATOM   1253 H H    . TRP B 1 43 ? 1.220   14.872  -7.856  1.00 19.68 ? 43  TRP B H    1 
ATOM   1254 H HA   . TRP B 1 43 ? 0.117   14.420  -5.402  1.00 23.82 ? 43  TRP B HA   1 
ATOM   1255 H HB2  . TRP B 1 43 ? 2.460   13.309  -6.547  1.00 17.82 ? 43  TRP B HB2  1 
ATOM   1256 H HB3  . TRP B 1 43 ? 2.150   13.171  -4.994  1.00 17.82 ? 43  TRP B HB3  1 
ATOM   1257 H HD1  . TRP B 1 43 ? 0.544   12.093  -8.165  1.00 25.78 ? 43  TRP B HD1  1 
ATOM   1258 H HE1  . TRP B 1 43 ? -0.713  10.062  -7.833  1.00 23.25 ? 43  TRP B HE1  1 
ATOM   1259 H HE3  . TRP B 1 43 ? 1.166   11.553  -3.327  1.00 22.85 ? 43  TRP B HE3  1 
ATOM   1260 H HZ2  . TRP B 1 43 ? -1.366  8.406   -5.712  1.00 17.34 ? 43  TRP B HZ2  1 
ATOM   1261 H HZ3  . TRP B 1 43 ? 0.201   9.740   -2.249  1.00 21.29 ? 43  TRP B HZ3  1 
ATOM   1262 H HH2  . TRP B 1 43 ? -1.045  8.195   -3.433  1.00 18.71 ? 43  TRP B HH2  1 
ATOM   1263 N N    . THR B 1 44 ? 1.382   15.983  -4.001  1.00 13.99 ? 44  THR B N    1 
ATOM   1264 C CA   . THR B 1 44 ? 2.193   16.858  -3.170  1.00 12.92 ? 44  THR B CA   1 
ATOM   1265 C C    . THR B 1 44 ? 2.506   16.163  -1.833  1.00 14.34 ? 44  THR B C    1 
ATOM   1266 O O    . THR B 1 44 ? 1.773   15.281  -1.377  1.00 13.91 ? 44  THR B O    1 
ATOM   1267 C CB   . THR B 1 44 ? 1.511   18.224  -2.898  1.00 20.07 ? 44  THR B CB   1 
ATOM   1268 O OG1  . THR B 1 44 ? 0.417   18.053  -1.988  1.00 30.26 ? 44  THR B OG1  1 
ATOM   1269 C CG2  . THR B 1 44 ? 1.020   18.875  -4.190  1.00 19.19 ? 44  THR B CG2  1 
ATOM   1270 H H    . THR B 1 44 ? 0.681   15.681  -3.606  1.00 16.60 ? 44  THR B H    1 
ATOM   1271 H HA   . THR B 1 44 ? 3.042   17.031  -3.626  1.00 15.32 ? 44  THR B HA   1 
ATOM   1272 H HB   . THR B 1 44 ? 2.160   18.821  -2.495  1.00 23.90 ? 44  THR B HB   1 
ATOM   1273 N N    . TYR B 1 45 ? 3.632   16.540  -1.240  1.00 13.14 ? 45  TYR B N    1 
ATOM   1274 C CA   . TYR B 1 45 ? 4.000   16.078  0.081   1.00 14.91 ? 45  TYR B CA   1 
ATOM   1275 C C    . TYR B 1 45 ? 4.477   17.267  0.900   1.00 21.69 ? 45  TYR B C    1 
ATOM   1276 O O    . TYR B 1 45 ? 5.352   18.024  0.469   1.00 18.82 ? 45  TYR B O    1 
ATOM   1277 C CB   . TYR B 1 45 ? 5.075   14.985  0.022   1.00 10.83 ? 45  TYR B CB   1 
ATOM   1278 C CG   . TYR B 1 45 ? 5.602   14.631  1.401   1.00 16.10 ? 45  TYR B CG   1 
ATOM   1279 C CD1  . TYR B 1 45 ? 4.739   14.166  2.383   1.00 15.41 ? 45  TYR B CD1  1 
ATOM   1280 C CD2  . TYR B 1 45 ? 6.945   14.782  1.726   1.00 21.14 ? 45  TYR B CD2  1 
ATOM   1281 C CE1  . TYR B 1 45 ? 5.187   13.865  3.653   1.00 14.82 ? 45  TYR B CE1  1 
ATOM   1282 C CE2  . TYR B 1 45 ? 7.418   14.468  3.005   1.00 19.32 ? 45  TYR B CE2  1 
ATOM   1283 C CZ   . TYR B 1 45 ? 6.526   14.018  3.963   1.00 14.73 ? 45  TYR B CZ   1 
ATOM   1284 O OH   . TYR B 1 45 ? 6.952   13.697  5.233   1.00 17.48 ? 45  TYR B OH   1 
ATOM   1285 H H    . TYR B 1 45 ? 4.207   17.074  -1.594  1.00 15.58 ? 45  TYR B H    1 
ATOM   1286 H HA   . TYR B 1 45 ? 3.209   15.702  0.522   1.00 17.71 ? 45  TYR B HA   1 
ATOM   1287 H HB2  . TYR B 1 45 ? 4.694   14.184  -0.371  1.00 12.81 ? 45  TYR B HB2  1 
ATOM   1288 H HB3  . TYR B 1 45 ? 5.820   15.299  -0.514  1.00 12.81 ? 45  TYR B HB3  1 
ATOM   1289 H HD1  . TYR B 1 45 ? 3.836   14.070  2.186   1.00 18.31 ? 45  TYR B HD1  1 
ATOM   1290 H HD2  . TYR B 1 45 ? 7.539   15.094  1.082   1.00 25.18 ? 45  TYR B HD2  1 
ATOM   1291 H HE1  . TYR B 1 45 ? 4.592   13.553  4.295   1.00 17.59 ? 45  TYR B HE1  1 
ATOM   1292 H HE2  . TYR B 1 45 ? 8.318   14.573  3.212   1.00 23.00 ? 45  TYR B HE2  1 
ATOM   1293 N N    . ASP B 1 46 ? 3.856   17.437  2.063   1.00 16.37 ? 46  ASP B N    1 
ATOM   1294 C CA   . ASP B 1 46 ? 4.210   18.468  3.025   1.00 17.67 ? 46  ASP B CA   1 
ATOM   1295 C C    . ASP B 1 46 ? 4.810   17.770  4.247   1.00 21.91 ? 46  ASP B C    1 
ATOM   1296 O O    . ASP B 1 46 ? 4.092   17.132  5.035   1.00 17.01 ? 46  ASP B O    1 
ATOM   1297 C CB   . ASP B 1 46 ? 2.957   19.265  3.410   1.00 14.71 ? 46  ASP B CB   1 
ATOM   1298 C CG   . ASP B 1 46 ? 3.259   20.461  4.316   1.00 24.17 ? 46  ASP B CG   1 
ATOM   1299 O OD1  . ASP B 1 46 ? 4.326   20.493  4.953   1.00 29.86 ? 46  ASP B OD1  1 
ATOM   1300 O OD2  . ASP B 1 46 ? 2.411   21.365  4.404   1.00 36.63 ? 46  ASP B OD2  1 
ATOM   1301 H H    . ASP B 1 46 ? 3.200   16.946  2.323   1.00 19.46 ? 46  ASP B H    1 
ATOM   1302 H HA   . ASP B 1 46 ? 4.875   19.077  2.642   1.00 21.02 ? 46  ASP B HA   1 
ATOM   1303 H HB2  . ASP B 1 46 ? 2.537   19.601  2.602   1.00 17.46 ? 46  ASP B HB2  1 
ATOM   1304 H HB3  . ASP B 1 46 ? 2.345   18.679  3.881   1.00 17.46 ? 46  ASP B HB3  1 
ATOM   1305 N N    . ASP B 1 47 ? 6.129   17.865  4.385   1.00 19.43 ? 47  ASP B N    1 
ATOM   1306 C CA   . ASP B 1 47 ? 6.829   17.173  5.465   1.00 21.15 ? 47  ASP B CA   1 
ATOM   1307 C C    . ASP B 1 47 ? 6.480   17.758  6.841   1.00 20.89 ? 47  ASP B C    1 
ATOM   1308 O O    . ASP B 1 47 ? 6.516   17.045  7.837   1.00 22.29 ? 47  ASP B O    1 
ATOM   1309 C CB   . ASP B 1 47 ? 8.341   17.210  5.233   1.00 18.04 ? 47  ASP B CB   1 
ATOM   1310 C CG   . ASP B 1 47 ? 9.121   16.392  6.262   1.00 22.69 ? 47  ASP B CG   1 
ATOM   1311 O OD1  . ASP B 1 47 ? 9.126   15.140  6.176   1.00 21.87 ? 47  ASP B OD1  1 
ATOM   1312 O OD2  . ASP B 1 47 ? 9.752   17.002  7.143   1.00 29.68 ? 47  ASP B OD2  1 
ATOM   1313 H H    . ASP B 1 47 ? 6.642   18.323  3.869   1.00 23.13 ? 47  ASP B H    1 
ATOM   1314 H HA   . ASP B 1 47 ? 6.553   16.232  5.464   1.00 25.20 ? 47  ASP B HA   1 
ATOM   1315 H HB2  . ASP B 1 47 ? 8.534   16.849  4.354   1.00 21.46 ? 47  ASP B HB2  1 
ATOM   1316 H HB3  . ASP B 1 47 ? 8.646   18.130  5.288   1.00 21.46 ? 47  ASP B HB3  1 
ATOM   1317 N N    . ALA B 1 48 ? 6.134   19.041  6.900   1.00 18.18 ? 48  ALA B N    1 
ATOM   1318 C CA   . ALA B 1 48 ? 5.798   19.663  8.186   1.00 27.14 ? 48  ALA B CA   1 
ATOM   1319 C C    . ALA B 1 48 ? 4.518   19.063  8.782   1.00 29.32 ? 48  ALA B C    1 
ATOM   1320 O O    . ALA B 1 48 ? 4.413   18.909  9.990   1.00 27.82 ? 48  ALA B O    1 
ATOM   1321 C CB   . ALA B 1 48 ? 5.654   21.183  8.051   1.00 24.19 ? 48  ALA B CB   1 
ATOM   1322 H H    . ALA B 1 48 ? 6.086   19.570  6.222   1.00 21.63 ? 48  ALA B H    1 
ATOM   1323 H HA   . ALA B 1 48 ? 6.529   19.490  8.817   1.00 32.38 ? 48  ALA B HA   1 
ATOM   1324 N N    . THR B 1 49 ? 3.547   18.735  7.936   1.00 22.13 ? 49  THR B N    1 
ATOM   1325 C CA   . THR B 1 49 ? 2.278   18.177  8.404   1.00 22.81 ? 49  THR B CA   1 
ATOM   1326 C C    . THR B 1 49 ? 2.166   16.674  8.116   1.00 25.09 ? 49  THR B C    1 
ATOM   1327 O O    . THR B 1 49 ? 1.108   16.075  8.349   1.00 17.75 ? 49  THR B O    1 
ATOM   1328 C CB   . THR B 1 49 ? 1.085   18.888  7.738   1.00 20.96 ? 49  THR B CB   1 
ATOM   1329 O OG1  . THR B 1 49 ? 1.155   18.693  6.325   1.00 21.91 ? 49  THR B OG1  1 
ATOM   1330 C CG2  . THR B 1 49 ? 1.101   20.386  8.042   1.00 30.70 ? 49  THR B CG2  1 
ATOM   1331 H H    . THR B 1 49 ? 3.596   18.827  7.082   1.00 26.36 ? 49  THR B H    1 
ATOM   1332 H HA   . THR B 1 49 ? 2.208   18.307  9.373   1.00 27.19 ? 49  THR B HA   1 
ATOM   1333 H HB   . THR B 1 49 ? 0.256   18.514  8.075   1.00 24.97 ? 49  THR B HB   1 
ATOM   1334 N N    . LYS B 1 50 ? 3.258   16.084  7.619   1.00 15.18 ? 50  LYS B N    1 
ATOM   1335 C CA   . LYS B 1 50 ? 3.320   14.672  7.234   1.00 17.60 ? 50  LYS B CA   1 
ATOM   1336 C C    . LYS B 1 50 ? 2.120   14.273  6.367   1.00 18.50 ? 50  LYS B C    1 
ATOM   1337 O O    . LYS B 1 50 ? 1.580   13.180  6.510   1.00 13.08 ? 50  LYS B O    1 
ATOM   1338 C CB   . LYS B 1 50 ? 3.403   13.767  8.470   1.00 21.66 ? 50  LYS B CB   1 
ATOM   1339 C CG   . LYS B 1 50 ? 4.590   14.058  9.412   1.00 21.50 ? 50  LYS B CG   1 
ATOM   1340 C CD   . LYS B 1 50 ? 5.935   13.699  8.790   1.00 18.97 ? 50  LYS B CD   1 
ATOM   1341 C CE   . LYS B 1 50 ? 7.103   14.139  9.689   1.00 23.86 ? 50  LYS B CE   1 
ATOM   1342 N NZ   . LYS B 1 50 ? 7.072   15.606  10.038  1.00 23.84 ? 50  LYS B NZ   1 
ATOM   1343 H H    . LYS B 1 50 ? 4.001   16.498  7.493   1.00 18.02 ? 50  LYS B H    1 
ATOM   1344 H HA   . LYS B 1 50 ? 4.131   14.526  6.703   1.00 20.93 ? 50  LYS B HA   1 
ATOM   1345 H HB2  . LYS B 1 50 ? 2.588   13.872  8.985   1.00 25.81 ? 50  LYS B HB2  1 
ATOM   1346 H HB3  . LYS B 1 50 ? 3.483   12.846  8.174   1.00 25.81 ? 50  LYS B HB3  1 
ATOM   1347 H HG2  . LYS B 1 50 ? 4.600   15.004  9.625   1.00 25.61 ? 50  LYS B HG2  1 
ATOM   1348 H HG3  . LYS B 1 50 ? 4.486   13.535  10.223  1.00 25.61 ? 50  LYS B HG3  1 
ATOM   1349 H HD2  . LYS B 1 50 ? 5.987   12.738  8.672   1.00 22.57 ? 50  LYS B HD2  1 
ATOM   1350 H HD3  . LYS B 1 50 ? 6.023   14.148  7.935   1.00 22.57 ? 50  LYS B HD3  1 
ATOM   1351 H HE2  . LYS B 1 50 ? 7.069   13.636  10.517  1.00 28.44 ? 50  LYS B HE2  1 
ATOM   1352 H HE3  . LYS B 1 50 ? 7.939   13.961  9.229   1.00 28.44 ? 50  LYS B HE3  1 
ATOM   1353 N N    . THR B 1 51 ? 1.739   15.155  5.447   1.00 14.67 ? 51  THR B N    1 
ATOM   1354 C CA   . THR B 1 51 ? 0.536   14.984  4.644   1.00 15.30 ? 51  THR B CA   1 
ATOM   1355 C C    . THR B 1 51 ? 0.852   14.948  3.157   1.00 19.22 ? 51  THR B C    1 
ATOM   1356 O O    . THR B 1 51 ? 1.533   15.837  2.632   1.00 12.68 ? 51  THR B O    1 
ATOM   1357 C CB   . THR B 1 51 ? -0.466  16.129  4.904   1.00 17.07 ? 51  THR B CB   1 
ATOM   1358 O OG1  . THR B 1 51 ? -0.895  16.089  6.271   1.00 18.98 ? 51  THR B OG1  1 
ATOM   1359 C CG2  . THR B 1 51 ? -1.689  16.017  3.981   1.00 18.31 ? 51  THR B CG2  1 
ATOM   1360 H H    . THR B 1 51 ? 2.172   15.876  5.268   1.00 17.42 ? 51  THR B H    1 
ATOM   1361 H HA   . THR B 1 51 ? 0.104   14.138  4.886   1.00 18.17 ? 51  THR B HA   1 
ATOM   1362 H HB   . THR B 1 51 ? -0.031  16.978  4.731   1.00 20.30 ? 51  THR B HB   1 
ATOM   1363 N N    . PHE B 1 52 ? 0.374   13.890  2.507   1.00 13.28 ? 52  PHE B N    1 
ATOM   1364 C CA   . PHE B 1 52 ? 0.370   13.778  1.056   1.00 12.83 ? 52  PHE B CA   1 
ATOM   1365 C C    . PHE B 1 52 ? -1.005  14.202  0.562   1.00 14.84 ? 52  PHE B C    1 
ATOM   1366 O O    . PHE B 1 52 ? -2.012  13.902  1.200   1.00 14.95 ? 52  PHE B O    1 
ATOM   1367 C CB   . PHE B 1 52 ? 0.605   12.337  0.614   1.00 12.58 ? 52  PHE B CB   1 
ATOM   1368 C CG   . PHE B 1 52 ? 2.000   11.822  0.880   1.00 12.08 ? 52  PHE B CG   1 
ATOM   1369 C CD1  . PHE B 1 52 ? 2.329   11.293  2.113   1.00 12.47 ? 52  PHE B CD1  1 
ATOM   1370 C CD2  . PHE B 1 52 ? 2.961   11.828  -0.124  1.00 11.82 ? 52  PHE B CD2  1 
ATOM   1371 C CE1  . PHE B 1 52 ? 3.607   10.790  2.361   1.00 13.76 ? 52  PHE B CE1  1 
ATOM   1372 C CE2  . PHE B 1 52 ? 4.237   11.329  0.111   1.00 12.21 ? 52  PHE B CE2  1 
ATOM   1373 C CZ   . PHE B 1 52 ? 4.559   10.810  1.355   1.00 12.16 ? 52  PHE B CZ   1 
ATOM   1374 H H    . PHE B 1 52 ? 0.037   13.204  2.900   1.00 15.75 ? 52  PHE B H    1 
ATOM   1375 H HA   . PHE B 1 52 ? 1.054   14.359  0.662   1.00 15.21 ? 52  PHE B HA   1 
ATOM   1376 H HB2  . PHE B 1 52 ? -0.017  11.762  1.088   1.00 14.92 ? 52  PHE B HB2  1 
ATOM   1377 H HB3  . PHE B 1 52 ? 0.445   12.274  -0.341  1.00 14.92 ? 52  PHE B HB3  1 
ATOM   1378 H HD1  . PHE B 1 52 ? 1.691   11.276  2.790   1.00 14.78 ? 52  PHE B HD1  1 
ATOM   1379 H HD2  . PHE B 1 52 ? 2.749   12.172  -0.962  1.00 13.99 ? 52  PHE B HD2  1 
ATOM   1380 H HE1  . PHE B 1 52 ? 3.819   10.445  3.198   1.00 16.33 ? 52  PHE B HE1  1 
ATOM   1381 H HE2  . PHE B 1 52 ? 4.875   11.345  -0.566  1.00 14.46 ? 52  PHE B HE2  1 
ATOM   1382 H HZ   . PHE B 1 52 ? 5.414   10.481  1.516   1.00 14.40 ? 52  PHE B HZ   1 
ATOM   1383 N N    . THR B 1 53 ? -1.053  14.894  -0.570  1.00 14.36 ? 53  THR B N    1 
ATOM   1384 C CA   . THR B 1 53 ? -2.327  15.211  -1.218  1.00 13.28 ? 53  THR B CA   1 
ATOM   1385 C C    . THR B 1 53 ? -2.267  14.712  -2.643  1.00 20.40 ? 53  THR B C    1 
ATOM   1386 O O    . THR B 1 53 ? -1.285  14.975  -3.342  1.00 23.44 ? 53  THR B O    1 
ATOM   1387 C CB   . THR B 1 53 ? -2.607  16.729  -1.195  1.00 19.63 ? 53  THR B CB   1 
ATOM   1388 O OG1  . THR B 1 53 ? -2.621  17.188  0.162   1.00 24.13 ? 53  THR B OG1  1 
ATOM   1389 C CG2  . THR B 1 53 ? -3.951  17.061  -1.853  1.00 28.82 ? 53  THR B CG2  1 
ATOM   1390 H H    . THR B 1 53 ? -0.364  15.195  -0.986  1.00 17.05 ? 53  THR B H    1 
ATOM   1391 H HA   . THR B 1 53 ? -3.057  14.750  -0.755  1.00 15.75 ? 53  THR B HA   1 
ATOM   1392 H HB   . THR B 1 53 ? -1.907  17.191  -1.683  1.00 23.37 ? 53  THR B HB   1 
ATOM   1393 N N    . VAL B 1 54 ? -3.284  13.965  -3.075  1.00 15.32 ? 54  VAL B N    1 
ATOM   1394 C CA   . VAL B 1 54 ? -3.382  13.587  -4.477  1.00 19.17 ? 54  VAL B CA   1 
ATOM   1395 C C    . VAL B 1 54 ? -4.661  14.131  -5.115  1.00 28.02 ? 54  VAL B C    1 
ATOM   1396 O O    . VAL B 1 54 ? -5.764  13.980  -4.570  1.00 23.86 ? 54  VAL B O    1 
ATOM   1397 C CB   . VAL B 1 54 ? -3.275  12.054  -4.699  1.00 19.65 ? 54  VAL B CB   1 
ATOM   1398 C CG1  . VAL B 1 54 ? -4.364  11.281  -3.943  1.00 22.43 ? 54  VAL B CG1  1 
ATOM   1399 C CG2  . VAL B 1 54 ? -3.341  11.744  -6.172  1.00 17.71 ? 54  VAL B CG2  1 
ATOM   1400 H H    . VAL B 1 54 ? -3.922  13.669  -2.579  1.00 18.20 ? 54  VAL B H    1 
ATOM   1401 H HA   . VAL B 1 54 ? -2.629  13.996  -4.953  1.00 22.82 ? 54  VAL B HA   1 
ATOM   1402 H HB   . VAL B 1 54 ? -2.405  11.746  -4.367  1.00 23.39 ? 54  VAL B HB   1 
ATOM   1403 N N    . THR B 1 55 ? -4.498  14.775  -6.270  1.00 15.63 ? 55  THR B N    1 
ATOM   1404 C CA   . THR B 1 55 ? -5.613  15.363  -7.001  1.00 27.05 ? 55  THR B CA   1 
ATOM   1405 C C    . THR B 1 55 ? -5.721  14.730  -8.378  1.00 29.62 ? 55  THR B C    1 
ATOM   1406 O O    . THR B 1 55 ? -4.748  14.702  -9.128  1.00 20.24 ? 55  THR B O    1 
ATOM   1407 C CB   . THR B 1 55 ? -5.424  16.876  -7.157  1.00 26.42 ? 55  THR B CB   1 
ATOM   1408 O OG1  . THR B 1 55 ? -5.271  17.460  -5.862  1.00 25.60 ? 55  THR B OG1  1 
ATOM   1409 C CG2  . THR B 1 55 ? -6.617  17.502  -7.857  1.00 31.26 ? 55  THR B CG2  1 
ATOM   1410 H H    . THR B 1 55 ? -3.737  14.886  -6.654  1.00 18.57 ? 55  THR B H    1 
ATOM   1411 H HA   . THR B 1 55 ? -6.448  15.199  -6.514  1.00 32.28 ? 55  THR B HA   1 
ATOM   1412 H HB   . THR B 1 55 ? -4.629  17.050  -7.686  1.00 31.52 ? 55  THR B HB   1 
ATOM   1413 N N    . GLU B 1 56 ? -6.879  14.168  -8.699  1.00 31.38 ? 56  GLU B N    1 
ATOM   1414 C CA   . GLU B 1 56 ? -7.075  13.625  -10.038 1.00 40.57 ? 56  GLU B CA   1 
ATOM   1415 C C    . GLU B 1 56 ? -7.469  14.764  -10.975 1.00 31.25 ? 56  GLU B C    1 
ATOM   1416 O O    . GLU B 1 56 ? -8.367  15.555  -10.668 1.00 38.61 ? 56  GLU B O    1 
ATOM   1417 C CB   . GLU B 1 56 ? -8.109  12.496  -10.052 1.00 42.20 ? 56  GLU B CB   1 
ATOM   1418 C CG   . GLU B 1 56 ? -9.466  12.844  -9.466  1.00 55.06 ? 56  GLU B CG   1 
ATOM   1419 C CD   . GLU B 1 56 ? -9.777  12.047  -8.206  1.00 60.13 ? 56  GLU B CD   1 
ATOM   1420 O OE1  . GLU B 1 56 ? -8.981  12.125  -7.243  1.00 59.98 ? 56  GLU B OE1  1 
ATOM   1421 O OE2  . GLU B 1 56 ? -10.809 11.337  -8.180  1.00 49.64 ? 56  GLU B OE2  1 
ATOM   1422 H H    . GLU B 1 56 ? -7.555  14.088  -8.173  1.00 37.47 ? 56  GLU B H    1 
ATOM   1423 H HA   . GLU B 1 56 ? -6.225  13.255  -10.356 1.00 48.50 ? 56  GLU B HA   1 
ATOM   1424 H HB2  . GLU B 1 56 ? -8.251  12.221  -10.972 1.00 50.45 ? 56  GLU B HB2  1 
ATOM   1425 H HB3  . GLU B 1 56 ? -7.755  11.750  -9.543  1.00 50.45 ? 56  GLU B HB3  1 
ATOM   1426 H HG2  . GLU B 1 56 ? -9.481  13.787  -9.238  1.00 65.89 ? 56  GLU B HG2  1 
ATOM   1427 H HG3  . GLU B 1 56 ? -10.154 12.649  -10.123 1.00 65.89 ? 56  GLU B HG3  1 
HETATM 1428 N N    . NH2 B 1 57 ? -6.765  14.865  -12.098 1.00 66.33 ? 57  NH2 B N    1 
HETATM 1429 C C1   . GOL C 2 .  ? 16.272  -17.427 4.048   1.00 31.94 ? 101 GOL A C1   1 
HETATM 1430 O O1   . GOL C 2 .  ? 17.124  -18.411 3.492   1.00 30.98 ? 101 GOL A O1   1 
HETATM 1431 C C2   . GOL C 2 .  ? 16.983  -16.066 4.074   1.00 32.15 ? 101 GOL A C2   1 
HETATM 1432 O O2   . GOL C 2 .  ? 17.462  -15.756 2.791   1.00 33.88 ? 101 GOL A O2   1 
HETATM 1433 C C3   . GOL C 2 .  ? 18.154  -16.092 5.068   1.00 35.98 ? 101 GOL A C3   1 
HETATM 1434 O O3   . GOL C 2 .  ? 18.797  -14.830 5.136   1.00 26.44 ? 101 GOL A O3   1 
HETATM 1435 H H11  . GOL C 2 .  ? 15.361  -17.354 3.454   1.00 38.15 ? 101 GOL A H11  1 
HETATM 1436 H H12  . GOL C 2 .  ? 15.993  -17.714 5.061   1.00 38.15 ? 101 GOL A H12  1 
HETATM 1437 H H2   . GOL C 2 .  ? 16.270  -15.307 4.394   1.00 38.39 ? 101 GOL A H2   1 
HETATM 1438 H H31  . GOL C 2 .  ? 18.875  -16.849 4.761   1.00 42.99 ? 101 GOL A H31  1 
HETATM 1439 H H32  . GOL C 2 .  ? 17.784  -16.364 6.057   1.00 42.99 ? 101 GOL A H32  1 
HETATM 1440 C C1   . GOL D 2 .  ? 2.071   0.748   -6.354  1.00 29.27 ? 101 GOL B C1   1 
HETATM 1441 O O1   . GOL D 2 .  ? 1.353   -0.205  -7.125  1.00 20.87 ? 101 GOL B O1   1 
HETATM 1442 C C2   . GOL D 2 .  ? 3.580   0.581   -6.480  1.00 41.64 ? 101 GOL B C2   1 
HETATM 1443 O O2   . GOL D 2 .  ? 3.978   -0.775  -6.331  1.00 37.03 ? 101 GOL B O2   1 
HETATM 1444 C C3   . GOL D 2 .  ? 4.249   1.404   -5.402  1.00 30.04 ? 101 GOL B C3   1 
HETATM 1445 O O3   . GOL D 2 .  ? 3.293   2.339   -4.937  1.00 52.41 ? 101 GOL B O3   1 
HETATM 1446 H H11  . GOL D 2 .  ? 1.794   1.751   -6.678  1.00 34.94 ? 101 GOL B H11  1 
HETATM 1447 H H12  . GOL D 2 .  ? 1.786   0.650   -5.307  1.00 34.94 ? 101 GOL B H12  1 
HETATM 1448 H H2   . GOL D 2 .  ? 3.895   0.956   -7.453  1.00 49.78 ? 101 GOL B H2   1 
HETATM 1449 H H31  . GOL D 2 .  ? 4.576   0.761   -4.585  1.00 35.86 ? 101 GOL B H31  1 
HETATM 1450 H H32  . GOL D 2 .  ? 5.118   1.921   -5.808  1.00 35.86 ? 101 GOL B H32  1 
HETATM 1451 O O    . HOH E 3 .  ? -11.040 -13.509 1.986   1.00 18.89 ? 201 HOH A O    1 
HETATM 1452 O O    . HOH E 3 .  ? 4.967   -16.938 1.495   1.00 18.87 ? 202 HOH A O    1 
HETATM 1453 O O    . HOH E 3 .  ? 6.087   -2.037  -8.179  1.00 19.65 ? 203 HOH A O    1 
HETATM 1454 O O    . HOH E 3 .  ? -3.856  -6.103  4.883   1.00 20.26 ? 204 HOH A O    1 
HETATM 1455 O O    . HOH E 3 .  ? 0.151   -16.601 6.146   1.00 25.82 ? 205 HOH A O    1 
HETATM 1456 O O    . HOH E 3 .  ? 1.228   -8.550  -10.461 1.00 20.48 ? 206 HOH A O    1 
HETATM 1457 O O    . HOH E 3 .  ? -10.503 -4.256  4.548   1.00 36.43 ? 207 HOH A O    1 
HETATM 1458 O O    . HOH E 3 .  ? 0.523   -11.393 10.688  1.00 29.01 ? 208 HOH A O    1 
HETATM 1459 O O    . HOH E 3 .  ? 0.797   -0.837  4.854   1.00 21.56 ? 209 HOH A O    1 
HETATM 1460 O O    . HOH E 3 .  ? 4.689   -18.319 3.859   1.00 31.58 ? 210 HOH A O    1 
HETATM 1461 O O    . HOH E 3 .  ? -9.283  -10.080 7.221   1.00 34.61 ? 211 HOH A O    1 
HETATM 1462 O O    . HOH E 3 .  ? -3.382  3.763   4.077   1.00 20.69 ? 212 HOH A O    1 
HETATM 1463 O O    . HOH E 3 .  ? 11.524  -0.582  -12.208 1.00 32.84 ? 213 HOH A O    1 
HETATM 1464 O O    . HOH E 3 .  ? 7.099   -3.991  6.738   1.00 29.41 ? 214 HOH A O    1 
HETATM 1465 O O    . HOH E 3 .  ? 6.610   -18.408 -4.927  1.00 31.77 ? 215 HOH A O    1 
HETATM 1466 O O    . HOH E 3 .  ? 6.783   -18.804 8.101   1.00 42.63 ? 216 HOH A O    1 
HETATM 1467 O O    . HOH E 3 .  ? 4.429   -4.441  7.694   1.00 30.42 ? 217 HOH A O    1 
HETATM 1468 O O    . HOH E 3 .  ? 9.778   -22.682 -0.323  1.00 40.66 ? 218 HOH A O    1 
HETATM 1469 O O    . HOH E 3 .  ? -3.016  -5.877  7.489   1.00 32.24 ? 219 HOH A O    1 
HETATM 1470 O O    . HOH E 3 .  ? -7.696  -19.081 4.529   1.00 40.80 ? 220 HOH A O    1 
HETATM 1471 O O    . HOH E 3 .  ? -12.909 -4.354  -0.230  1.00 37.07 ? 221 HOH A O    1 
HETATM 1472 O O    . HOH E 3 .  ? 6.304   -1.682  -4.491  1.00 27.33 ? 222 HOH A O    1 
HETATM 1473 O O    . HOH E 3 .  ? 16.039  -13.758 -1.834  1.00 40.50 ? 223 HOH A O    1 
HETATM 1474 O O    . HOH E 3 .  ? -7.188  -16.595 -8.262  1.00 39.88 ? 224 HOH A O    1 
HETATM 1475 O O    . HOH E 3 .  ? 14.971  -5.963  -2.666  1.00 42.36 ? 225 HOH A O    1 
HETATM 1476 O O    . HOH E 3 .  ? 6.839   -19.509 -2.241  1.00 37.71 ? 226 HOH A O    1 
HETATM 1477 O O    . HOH E 3 .  ? 15.705  -9.469  1.732   1.00 38.23 ? 227 HOH A O    1 
HETATM 1478 O O    . HOH E 3 .  ? 11.161  -3.567  -13.916 1.00 38.82 ? 228 HOH A O    1 
HETATM 1479 O O    . HOH E 3 .  ? 0.948   -1.947  7.261   1.00 31.29 ? 229 HOH A O    1 
HETATM 1480 O O    . HOH E 3 .  ? -3.616  -18.956 -3.146  1.00 39.39 ? 230 HOH A O    1 
HETATM 1481 O O    . HOH E 3 .  ? -1.855  0.164   4.965   1.00 33.85 ? 231 HOH A O    1 
HETATM 1482 O O    . HOH E 3 .  ? -6.725  2.089   3.814   1.00 30.46 ? 232 HOH A O    1 
HETATM 1483 O O    . HOH E 3 .  ? 8.780   -20.589 4.224   1.00 36.70 ? 233 HOH A O    1 
HETATM 1484 O O    . HOH E 3 .  ? -0.289  -18.067 8.392   1.00 38.62 ? 234 HOH A O    1 
HETATM 1485 O O    . HOH E 3 .  ? 5.668   -19.498 0.033   1.00 33.97 ? 235 HOH A O    1 
HETATM 1486 O O    . HOH E 3 .  ? 7.667   -19.031 5.312   1.00 38.20 ? 236 HOH A O    1 
HETATM 1487 O O    . HOH E 3 .  ? -13.758 -8.242  3.154   1.00 38.02 ? 237 HOH A O    1 
HETATM 1488 O O    . HOH E 3 .  ? 2.092   -14.023 -9.843  1.00 40.18 ? 238 HOH A O    1 
HETATM 1489 O O    . HOH E 3 .  ? 2.679   -8.818  10.033  1.00 40.98 ? 239 HOH A O    1 
HETATM 1490 O O    . HOH E 3 .  ? -2.446  -18.722 -5.630  1.00 46.43 ? 240 HOH A O    1 
HETATM 1491 O O    . HOH E 3 .  ? -7.223  -9.233  -5.231  1.00 38.04 ? 241 HOH A O    1 
HETATM 1492 O O    . HOH E 3 .  ? 13.343  -5.158  4.586   1.00 37.06 ? 242 HOH A O    1 
HETATM 1493 O O    . HOH E 3 .  ? -10.997 -0.191  -2.156  1.00 42.55 ? 243 HOH A O    1 
HETATM 1494 O O    . HOH E 3 .  ? -12.243 -10.581 4.141   1.00 34.13 ? 244 HOH A O    1 
HETATM 1495 O O    . HOH E 3 .  ? 2.312   -19.959 0.224   1.00 35.52 ? 245 HOH A O    1 
HETATM 1496 O O    . HOH E 3 .  ? 14.050  -15.758 -5.970  1.00 48.82 ? 246 HOH A O    1 
HETATM 1497 O O    . HOH E 3 .  ? 8.659   -1.869  8.518   1.00 44.52 ? 247 HOH A O    1 
HETATM 1498 O O    . HOH E 3 .  ? 8.013   -6.550  9.104   1.00 47.37 ? 248 HOH A O    1 
HETATM 1499 O O    . HOH E 3 .  ? 8.911   -8.881  10.297  1.00 39.64 ? 249 HOH A O    1 
HETATM 1500 O O    . HOH E 3 .  ? 9.501   -0.151  6.521   1.00 43.08 ? 250 HOH A O    1 
HETATM 1501 O O    . HOH E 3 .  ? -8.053  -10.679 10.088  1.00 46.78 ? 251 HOH A O    1 
HETATM 1502 O O    . HOH E 3 .  ? 11.666  0.228   -2.793  1.00 48.88 ? 252 HOH A O    1 
HETATM 1503 O O    . HOH E 3 .  ? -2.567  -7.937  9.902   1.00 39.00 ? 253 HOH A O    1 
HETATM 1504 O O    . HOH E 3 .  ? 5.327   -9.726  9.117   1.00 41.43 ? 254 HOH A O    1 
HETATM 1505 O O    . HOH E 3 .  ? -12.235 -3.173  1.575   1.00 42.47 ? 255 HOH A O    1 
HETATM 1506 O O    . HOH E 3 .  ? -12.841 -4.691  -3.039  1.00 44.72 ? 256 HOH A O    1 
HETATM 1507 O O    . HOH E 3 .  ? 13.374  -10.641 -8.679  1.00 39.70 ? 257 HOH A O    1 
HETATM 1508 O O    . HOH E 3 .  ? 8.075   -22.911 3.120   1.00 46.47 ? 258 HOH A O    1 
HETATM 1509 O O    . HOH E 3 .  ? -8.595  -21.207 2.993   1.00 42.46 ? 259 HOH A O    1 
HETATM 1510 O O    . HOH F 3 .  ? 2.390   14.444  -9.400  1.00 20.85 ? 201 HOH B O    1 
HETATM 1511 O O    . HOH F 3 .  ? -12.683 6.579   -0.309  1.00 20.95 ? 202 HOH B O    1 
HETATM 1512 O O    . HOH F 3 .  ? 10.018  13.110  12.120  1.00 20.56 ? 203 HOH B O    1 
HETATM 1513 O O    . HOH F 3 .  ? 8.381   1.658   6.791   1.00 20.23 ? 204 HOH B O    1 
HETATM 1514 O O    . HOH F 3 .  ? 5.569   6.012   13.752  1.00 21.23 ? 205 HOH B O    1 
HETATM 1515 O O    . HOH F 3 .  ? 0.337   17.801  0.966   1.00 21.28 ? 206 HOH B O    1 
HETATM 1516 O O    . HOH F 3 .  ? 8.861   8.553   8.794   1.00 22.68 ? 207 HOH B O    1 
HETATM 1517 O O    . HOH F 3 .  ? 4.198   15.497  -7.749  1.00 26.74 ? 208 HOH B O    1 
HETATM 1518 O O    . HOH F 3 .  ? 9.875   15.516  10.636  1.00 28.97 ? 209 HOH B O    1 
HETATM 1519 O O    . HOH F 3 .  ? -2.010  4.598   10.734  1.00 30.91 ? 210 HOH B O    1 
HETATM 1520 O O    . HOH F 3 .  ? -2.343  17.266  -5.182  1.00 27.30 ? 211 HOH B O    1 
HETATM 1521 O O    . HOH F 3 .  ? -10.886 5.560   1.648   1.00 28.78 ? 212 HOH B O    1 
HETATM 1522 O O    . HOH F 3 .  ? 8.268   6.544   -3.106  1.00 25.21 ? 213 HOH B O    1 
HETATM 1523 O O    . HOH F 3 .  ? -4.247  -0.973  -8.121  1.00 27.96 ? 214 HOH B O    1 
HETATM 1524 O O    . HOH F 3 .  ? -5.856  14.984  10.562  1.00 32.57 ? 215 HOH B O    1 
HETATM 1525 O O    . HOH F 3 .  ? 4.646   11.166  -7.636  1.00 35.51 ? 216 HOH B O    1 
HETATM 1526 O O    . HOH F 3 .  ? -10.973 18.146  -0.026  1.00 26.88 ? 217 HOH B O    1 
HETATM 1527 O O    . HOH F 3 .  ? 7.324   20.996  4.685   1.00 33.34 ? 218 HOH B O    1 
HETATM 1528 O O    . HOH F 3 .  ? 10.985  3.166   5.095   1.00 27.43 ? 219 HOH B O    1 
HETATM 1529 O O    . HOH F 3 .  ? -17.463 14.635  -7.233  1.00 37.28 ? 220 HOH B O    1 
HETATM 1530 O O    . HOH F 3 .  ? 5.826   13.014  13.126  1.00 29.29 ? 221 HOH B O    1 
HETATM 1531 O O    . HOH F 3 .  ? 3.738   11.110  13.565  1.00 28.98 ? 222 HOH B O    1 
HETATM 1532 O O    . HOH F 3 .  ? 0.761   1.318   9.046   1.00 29.85 ? 223 HOH B O    1 
HETATM 1533 O O    . HOH F 3 .  ? -6.168  -1.226  -10.248 1.00 44.57 ? 224 HOH B O    1 
HETATM 1534 O O    . HOH F 3 .  ? -9.533  1.767   -0.425  1.00 30.70 ? 225 HOH B O    1 
HETATM 1535 O O    . HOH F 3 .  ? 2.175   12.777  12.038  1.00 30.20 ? 226 HOH B O    1 
HETATM 1536 O O    . HOH F 3 .  ? 1.057   10.590  -11.254 1.00 36.07 ? 227 HOH B O    1 
HETATM 1537 O O    . HOH F 3 .  ? 5.678   3.184   13.351  1.00 40.38 ? 228 HOH B O    1 
HETATM 1538 O O    . HOH F 3 .  ? 6.439   6.086   -5.621  1.00 42.02 ? 229 HOH B O    1 
HETATM 1539 O O    . HOH F 3 .  ? 3.433   7.186   14.745  1.00 33.45 ? 230 HOH B O    1 
HETATM 1540 O O    . HOH F 3 .  ? -0.532  19.819  4.678   1.00 38.69 ? 231 HOH B O    1 
HETATM 1541 O O    . HOH F 3 .  ? -4.761  17.448  -11.013 1.00 39.19 ? 232 HOH B O    1 
HETATM 1542 O O    . HOH F 3 .  ? 2.425   15.535  12.566  1.00 48.53 ? 233 HOH B O    1 
HETATM 1543 O O    . HOH F 3 .  ? -1.885  1.484   6.760   1.00 35.71 ? 234 HOH B O    1 
HETATM 1544 O O    . HOH F 3 .  ? -0.516  14.304  9.680   1.00 38.25 ? 235 HOH B O    1 
HETATM 1545 O O    . HOH F 3 .  ? 2.550   23.276  6.204   1.00 34.91 ? 236 HOH B O    1 
HETATM 1546 O O    . HOH F 3 .  ? -2.830  17.875  7.174   1.00 34.69 ? 237 HOH B O    1 
HETATM 1547 O O    . HOH F 3 .  ? 10.564  3.214   0.168   1.00 36.93 ? 238 HOH B O    1 
HETATM 1548 O O    . HOH F 3 .  ? 1.575   4.173   -8.722  1.00 38.52 ? 239 HOH B O    1 
HETATM 1549 O O    . HOH F 3 .  ? -7.297  19.273  0.285   1.00 35.68 ? 240 HOH B O    1 
HETATM 1550 O O    . HOH F 3 .  ? -4.441  19.102  1.301   1.00 46.68 ? 241 HOH B O    1 
HETATM 1551 O O    . HOH F 3 .  ? -0.586  20.210  1.680   1.00 37.61 ? 242 HOH B O    1 
HETATM 1552 O O    . HOH F 3 .  ? 14.070  8.398   -0.468  1.00 38.61 ? 243 HOH B O    1 
HETATM 1553 O O    . HOH F 3 .  ? 4.412   16.753  12.192  1.00 46.58 ? 244 HOH B O    1 
HETATM 1554 O O    . HOH F 3 .  ? -5.444  2.996   8.219   1.00 40.70 ? 245 HOH B O    1 
HETATM 1555 O O    . HOH F 3 .  ? 0.438   7.518   -9.183  1.00 43.35 ? 246 HOH B O    1 
HETATM 1556 O O    . HOH F 3 .  ? -14.743 14.153  -8.495  1.00 41.83 ? 247 HOH B O    1 
HETATM 1557 O O    . HOH F 3 .  ? -8.397  -0.277  -9.905  1.00 50.59 ? 248 HOH B O    1 
HETATM 1558 O O    . HOH F 3 .  ? -10.344 -1.164  -4.228  1.00 42.88 ? 249 HOH B O    1 
HETATM 1559 O O    . HOH F 3 .  ? 12.393  3.926   0.715   1.00 46.22 ? 250 HOH B O    1 
HETATM 1560 O O    . HOH F 3 .  ? 0.156   24.028  5.660   1.00 49.42 ? 251 HOH B O    1 
HETATM 1561 O O    . HOH F 3 .  ? -13.127 3.184   -5.507  1.00 47.74 ? 252 HOH B O    1 
HETATM 1562 O O    . HOH F 3 .  ? -10.321 4.592   3.623   1.00 41.44 ? 253 HOH B O    1 
HETATM 1563 O O    . HOH F 3 .  ? -6.073  8.727   -12.869 1.00 36.72 ? 254 HOH B O    1 
HETATM 1564 O O    . HOH F 3 .  ? 12.178  17.237  8.732   1.00 42.07 ? 255 HOH B O    1 
HETATM 1565 O O    . HOH F 3 .  ? -1.820  19.684  -6.796  1.00 46.96 ? 256 HOH B O    1 
# 
